data_1V2Z
# 
_entry.id   1V2Z 
# 
_audit_conform.dict_name       mmcif_pdbx.dic 
_audit_conform.dict_version    5.383 
_audit_conform.dict_location   http://mmcif.pdb.org/dictionaries/ascii/mmcif_pdbx.dic 
# 
loop_
_database_2.database_id 
_database_2.database_code 
_database_2.pdbx_database_accession 
_database_2.pdbx_DOI 
PDB   1V2Z         pdb_00001v2z 10.2210/pdb1v2z/pdb 
RCSB  RCSB006141   ?            ?                   
WWPDB D_1000006141 ?            ?                   
# 
loop_
_pdbx_audit_revision_history.ordinal 
_pdbx_audit_revision_history.data_content_type 
_pdbx_audit_revision_history.major_revision 
_pdbx_audit_revision_history.minor_revision 
_pdbx_audit_revision_history.revision_date 
1 'Structure model' 1 0 2004-06-01 
2 'Structure model' 1 1 2008-04-27 
3 'Structure model' 1 2 2011-07-13 
4 'Structure model' 1 3 2023-12-27 
# 
_pdbx_audit_revision_details.ordinal             1 
_pdbx_audit_revision_details.revision_ordinal    1 
_pdbx_audit_revision_details.data_content_type   'Structure model' 
_pdbx_audit_revision_details.provider            repository 
_pdbx_audit_revision_details.type                'Initial release' 
_pdbx_audit_revision_details.description         ? 
_pdbx_audit_revision_details.details             ? 
# 
loop_
_pdbx_audit_revision_group.ordinal 
_pdbx_audit_revision_group.revision_ordinal 
_pdbx_audit_revision_group.data_content_type 
_pdbx_audit_revision_group.group 
1 2 'Structure model' 'Version format compliance' 
2 3 'Structure model' 'Source and taxonomy'       
3 3 'Structure model' 'Version format compliance' 
4 4 'Structure model' 'Data collection'           
5 4 'Structure model' 'Database references'       
# 
loop_
_pdbx_audit_revision_category.ordinal 
_pdbx_audit_revision_category.revision_ordinal 
_pdbx_audit_revision_category.data_content_type 
_pdbx_audit_revision_category.category 
1 4 'Structure model' chem_comp_atom     
2 4 'Structure model' chem_comp_bond     
3 4 'Structure model' database_2         
4 4 'Structure model' struct_ref_seq_dif 
# 
loop_
_pdbx_audit_revision_item.ordinal 
_pdbx_audit_revision_item.revision_ordinal 
_pdbx_audit_revision_item.data_content_type 
_pdbx_audit_revision_item.item 
1 4 'Structure model' '_database_2.pdbx_DOI'                
2 4 'Structure model' '_database_2.pdbx_database_accession' 
3 4 'Structure model' '_struct_ref_seq_dif.details'         
# 
_pdbx_database_status.status_code                     REL 
_pdbx_database_status.entry_id                        1V2Z 
_pdbx_database_status.recvd_initial_deposition_date   2003-10-20 
_pdbx_database_status.deposit_site                    PDBJ 
_pdbx_database_status.process_site                    PDBJ 
_pdbx_database_status.status_code_sf                  REL 
_pdbx_database_status.SG_entry                        Y 
_pdbx_database_status.pdb_format_compatible           Y 
_pdbx_database_status.status_code_mr                  ? 
_pdbx_database_status.status_code_cs                  ? 
_pdbx_database_status.status_code_nmr_data            ? 
_pdbx_database_status.methods_development_category    ? 
# 
_pdbx_database_related.db_name        TargetDB 
_pdbx_database_related.db_id          my_001000038.1 
_pdbx_database_related.details        . 
_pdbx_database_related.content_type   unspecified 
# 
loop_
_audit_author.name 
_audit_author.pdbx_ordinal 
'Uzumaki, T.'                                            1 
'Fujita, M.'                                             2 
'Nakatsu, T.'                                            3 
'Hayashi, F.'                                            4 
'Shibata, H.'                                            5 
'Itoh, N.'                                               6 
'Kato, H.'                                               7 
'Ishiura, M.'                                            8 
'RIKEN Structural Genomics/Proteomics Initiative (RSGI)' 9 
# 
_citation.id                        primary 
_citation.title                     
'Crystal structure of the C-terminal clock-oscillator domain of the cyanobacterial KaiA protein' 
_citation.journal_abbrev            NAT.STRUCT.MOL.BIOL. 
_citation.journal_volume            11 
_citation.page_first                623 
_citation.page_last                 631 
_citation.year                      2004 
_citation.journal_id_ASTM           ? 
_citation.country                   US 
_citation.journal_id_ISSN           1545-9993 
_citation.journal_id_CSD            ? 
_citation.book_publisher            ? 
_citation.pdbx_database_id_PubMed   15170179 
_citation.pdbx_database_id_DOI      10.1038/nsmb781 
# 
loop_
_citation_author.citation_id 
_citation_author.name 
_citation_author.ordinal 
_citation_author.identifier_ORCID 
primary 'Uzumaki, T.' 1 ? 
primary 'Fujita, M.'  2 ? 
primary 'Nakatsu, T.' 3 ? 
primary 'Hayashi, F.' 4 ? 
primary 'Shibata, H.' 5 ? 
primary 'Itoh, N.'    6 ? 
primary 'Kato, H.'    7 ? 
primary 'Ishiura, M.' 8 ? 
# 
loop_
_entity.id 
_entity.type 
_entity.src_method 
_entity.pdbx_description 
_entity.formula_weight 
_entity.pdbx_number_of_molecules 
_entity.pdbx_ec 
_entity.pdbx_mutation 
_entity.pdbx_fragment 
_entity.details 
1 polymer man 'circadian clock protein KaiA homolog' 13186.209 1  ? ? 'C-TERMINAL DOMAIN' ? 
2 water   nat water                                  18.015    73 ? ? ?                   ? 
# 
_entity_poly.entity_id                      1 
_entity_poly.type                           'polypeptide(L)' 
_entity_poly.nstd_linkage                   no 
_entity_poly.nstd_monomer                   no 
_entity_poly.pdbx_seq_one_letter_code       
;STAFFFRRMSPADKRKLLDELRSIYRTIVLEYFNTDAKVNERIDEFVSKAFFADISVSQVLEIHVELMDTFSKQLKLEGR
SEDILLDYRLTLIDVIAHLCEMYRRSIPREV
;
_entity_poly.pdbx_seq_one_letter_code_can   
;STAFFFRRMSPADKRKLLDELRSIYRTIVLEYFNTDAKVNERIDEFVSKAFFADISVSQVLEIHVELMDTFSKQLKLEGR
SEDILLDYRLTLIDVIAHLCEMYRRSIPREV
;
_entity_poly.pdbx_strand_id                 A 
_entity_poly.pdbx_target_identifier         my_001000038.1 
# 
_pdbx_entity_nonpoly.entity_id   2 
_pdbx_entity_nonpoly.name        water 
_pdbx_entity_nonpoly.comp_id     HOH 
# 
loop_
_entity_poly_seq.entity_id 
_entity_poly_seq.num 
_entity_poly_seq.mon_id 
_entity_poly_seq.hetero 
1 1   SER n 
1 2   THR n 
1 3   ALA n 
1 4   PHE n 
1 5   PHE n 
1 6   PHE n 
1 7   ARG n 
1 8   ARG n 
1 9   MET n 
1 10  SER n 
1 11  PRO n 
1 12  ALA n 
1 13  ASP n 
1 14  LYS n 
1 15  ARG n 
1 16  LYS n 
1 17  LEU n 
1 18  LEU n 
1 19  ASP n 
1 20  GLU n 
1 21  LEU n 
1 22  ARG n 
1 23  SER n 
1 24  ILE n 
1 25  TYR n 
1 26  ARG n 
1 27  THR n 
1 28  ILE n 
1 29  VAL n 
1 30  LEU n 
1 31  GLU n 
1 32  TYR n 
1 33  PHE n 
1 34  ASN n 
1 35  THR n 
1 36  ASP n 
1 37  ALA n 
1 38  LYS n 
1 39  VAL n 
1 40  ASN n 
1 41  GLU n 
1 42  ARG n 
1 43  ILE n 
1 44  ASP n 
1 45  GLU n 
1 46  PHE n 
1 47  VAL n 
1 48  SER n 
1 49  LYS n 
1 50  ALA n 
1 51  PHE n 
1 52  PHE n 
1 53  ALA n 
1 54  ASP n 
1 55  ILE n 
1 56  SER n 
1 57  VAL n 
1 58  SER n 
1 59  GLN n 
1 60  VAL n 
1 61  LEU n 
1 62  GLU n 
1 63  ILE n 
1 64  HIS n 
1 65  VAL n 
1 66  GLU n 
1 67  LEU n 
1 68  MET n 
1 69  ASP n 
1 70  THR n 
1 71  PHE n 
1 72  SER n 
1 73  LYS n 
1 74  GLN n 
1 75  LEU n 
1 76  LYS n 
1 77  LEU n 
1 78  GLU n 
1 79  GLY n 
1 80  ARG n 
1 81  SER n 
1 82  GLU n 
1 83  ASP n 
1 84  ILE n 
1 85  LEU n 
1 86  LEU n 
1 87  ASP n 
1 88  TYR n 
1 89  ARG n 
1 90  LEU n 
1 91  THR n 
1 92  LEU n 
1 93  ILE n 
1 94  ASP n 
1 95  VAL n 
1 96  ILE n 
1 97  ALA n 
1 98  HIS n 
1 99  LEU n 
1 100 CYS n 
1 101 GLU n 
1 102 MET n 
1 103 TYR n 
1 104 ARG n 
1 105 ARG n 
1 106 SER n 
1 107 ILE n 
1 108 PRO n 
1 109 ARG n 
1 110 GLU n 
1 111 VAL n 
# 
_entity_src_gen.entity_id                          1 
_entity_src_gen.pdbx_src_id                        1 
_entity_src_gen.pdbx_alt_source_flag               sample 
_entity_src_gen.pdbx_seq_type                      ? 
_entity_src_gen.pdbx_beg_seq_num                   ? 
_entity_src_gen.pdbx_end_seq_num                   ? 
_entity_src_gen.gene_src_common_name               ? 
_entity_src_gen.gene_src_genus                     Thermosynechococcus 
_entity_src_gen.pdbx_gene_src_gene                 ? 
_entity_src_gen.gene_src_species                   'Thermosynechococcus elongatus' 
_entity_src_gen.gene_src_strain                    BP-1 
_entity_src_gen.gene_src_tissue                    ? 
_entity_src_gen.gene_src_tissue_fraction           ? 
_entity_src_gen.gene_src_details                   ? 
_entity_src_gen.pdbx_gene_src_fragment             ? 
_entity_src_gen.pdbx_gene_src_scientific_name      'Thermosynechococcus elongatus' 
_entity_src_gen.pdbx_gene_src_ncbi_taxonomy_id     197221 
_entity_src_gen.pdbx_gene_src_variant              ? 
_entity_src_gen.pdbx_gene_src_cell_line            ? 
_entity_src_gen.pdbx_gene_src_atcc                 ? 
_entity_src_gen.pdbx_gene_src_organ                ? 
_entity_src_gen.pdbx_gene_src_organelle            ? 
_entity_src_gen.pdbx_gene_src_cell                 ? 
_entity_src_gen.pdbx_gene_src_cellular_location    ? 
_entity_src_gen.host_org_common_name               ? 
_entity_src_gen.pdbx_host_org_scientific_name      'Escherichia coli BL21' 
_entity_src_gen.pdbx_host_org_ncbi_taxonomy_id     511693 
_entity_src_gen.host_org_genus                     Escherichia 
_entity_src_gen.pdbx_host_org_gene                 ? 
_entity_src_gen.pdbx_host_org_organ                ? 
_entity_src_gen.host_org_species                   'Escherichia coli' 
_entity_src_gen.pdbx_host_org_tissue               ? 
_entity_src_gen.pdbx_host_org_tissue_fraction      ? 
_entity_src_gen.pdbx_host_org_strain               BL21 
_entity_src_gen.pdbx_host_org_variant              ? 
_entity_src_gen.pdbx_host_org_cell_line            ? 
_entity_src_gen.pdbx_host_org_atcc                 ? 
_entity_src_gen.pdbx_host_org_culture_collection   ? 
_entity_src_gen.pdbx_host_org_cell                 ? 
_entity_src_gen.pdbx_host_org_organelle            ? 
_entity_src_gen.pdbx_host_org_cellular_location    ? 
_entity_src_gen.pdbx_host_org_vector_type          plasmid 
_entity_src_gen.pdbx_host_org_vector               ? 
_entity_src_gen.host_org_details                   ? 
_entity_src_gen.expression_system_id               ? 
_entity_src_gen.plasmid_name                       pGEX-6P-1 
_entity_src_gen.plasmid_details                    ? 
_entity_src_gen.pdbx_description                   ? 
# 
loop_
_chem_comp.id 
_chem_comp.type 
_chem_comp.mon_nstd_flag 
_chem_comp.name 
_chem_comp.pdbx_synonyms 
_chem_comp.formula 
_chem_comp.formula_weight 
ALA 'L-peptide linking' y ALANINE         ? 'C3 H7 N O2'     89.093  
ARG 'L-peptide linking' y ARGININE        ? 'C6 H15 N4 O2 1' 175.209 
ASN 'L-peptide linking' y ASPARAGINE      ? 'C4 H8 N2 O3'    132.118 
ASP 'L-peptide linking' y 'ASPARTIC ACID' ? 'C4 H7 N O4'     133.103 
CYS 'L-peptide linking' y CYSTEINE        ? 'C3 H7 N O2 S'   121.158 
GLN 'L-peptide linking' y GLUTAMINE       ? 'C5 H10 N2 O3'   146.144 
GLU 'L-peptide linking' y 'GLUTAMIC ACID' ? 'C5 H9 N O4'     147.129 
GLY 'peptide linking'   y GLYCINE         ? 'C2 H5 N O2'     75.067  
HIS 'L-peptide linking' y HISTIDINE       ? 'C6 H10 N3 O2 1' 156.162 
HOH non-polymer         . WATER           ? 'H2 O'           18.015  
ILE 'L-peptide linking' y ISOLEUCINE      ? 'C6 H13 N O2'    131.173 
LEU 'L-peptide linking' y LEUCINE         ? 'C6 H13 N O2'    131.173 
LYS 'L-peptide linking' y LYSINE          ? 'C6 H15 N2 O2 1' 147.195 
MET 'L-peptide linking' y METHIONINE      ? 'C5 H11 N O2 S'  149.211 
PHE 'L-peptide linking' y PHENYLALANINE   ? 'C9 H11 N O2'    165.189 
PRO 'L-peptide linking' y PROLINE         ? 'C5 H9 N O2'     115.130 
SER 'L-peptide linking' y SERINE          ? 'C3 H7 N O3'     105.093 
THR 'L-peptide linking' y THREONINE       ? 'C4 H9 N O3'     119.119 
TYR 'L-peptide linking' y TYROSINE        ? 'C9 H11 N O3'    181.189 
VAL 'L-peptide linking' y VALINE          ? 'C5 H11 N O2'    117.146 
# 
loop_
_pdbx_poly_seq_scheme.asym_id 
_pdbx_poly_seq_scheme.entity_id 
_pdbx_poly_seq_scheme.seq_id 
_pdbx_poly_seq_scheme.mon_id 
_pdbx_poly_seq_scheme.ndb_seq_num 
_pdbx_poly_seq_scheme.pdb_seq_num 
_pdbx_poly_seq_scheme.auth_seq_num 
_pdbx_poly_seq_scheme.pdb_mon_id 
_pdbx_poly_seq_scheme.auth_mon_id 
_pdbx_poly_seq_scheme.pdb_strand_id 
_pdbx_poly_seq_scheme.pdb_ins_code 
_pdbx_poly_seq_scheme.hetero 
A 1 1   SER 1   173 173 SER SER A . n 
A 1 2   THR 2   174 174 THR THR A . n 
A 1 3   ALA 3   175 175 ALA ALA A . n 
A 1 4   PHE 4   176 176 PHE PHE A . n 
A 1 5   PHE 5   177 177 PHE PHE A . n 
A 1 6   PHE 6   178 178 PHE PHE A . n 
A 1 7   ARG 7   179 179 ARG ARG A . n 
A 1 8   ARG 8   180 180 ARG ARG A . n 
A 1 9   MET 9   181 181 MET MET A . n 
A 1 10  SER 10  182 182 SER SER A . n 
A 1 11  PRO 11  183 183 PRO PRO A . n 
A 1 12  ALA 12  184 184 ALA ALA A . n 
A 1 13  ASP 13  185 185 ASP ASP A . n 
A 1 14  LYS 14  186 186 LYS LYS A . n 
A 1 15  ARG 15  187 187 ARG ARG A . n 
A 1 16  LYS 16  188 188 LYS LYS A . n 
A 1 17  LEU 17  189 189 LEU LEU A . n 
A 1 18  LEU 18  190 190 LEU LEU A . n 
A 1 19  ASP 19  191 191 ASP ASP A . n 
A 1 20  GLU 20  192 192 GLU GLU A . n 
A 1 21  LEU 21  193 193 LEU LEU A . n 
A 1 22  ARG 22  194 194 ARG ARG A . n 
A 1 23  SER 23  195 195 SER SER A . n 
A 1 24  ILE 24  196 196 ILE ILE A . n 
A 1 25  TYR 25  197 197 TYR TYR A . n 
A 1 26  ARG 26  198 198 ARG ARG A . n 
A 1 27  THR 27  199 199 THR THR A . n 
A 1 28  ILE 28  200 200 ILE ILE A . n 
A 1 29  VAL 29  201 201 VAL VAL A . n 
A 1 30  LEU 30  202 202 LEU LEU A . n 
A 1 31  GLU 31  203 203 GLU GLU A . n 
A 1 32  TYR 32  204 204 TYR TYR A . n 
A 1 33  PHE 33  205 205 PHE PHE A . n 
A 1 34  ASN 34  206 206 ASN ASN A . n 
A 1 35  THR 35  207 207 THR THR A . n 
A 1 36  ASP 36  208 208 ASP ASP A . n 
A 1 37  ALA 37  209 209 ALA ALA A . n 
A 1 38  LYS 38  210 210 LYS LYS A . n 
A 1 39  VAL 39  211 211 VAL VAL A . n 
A 1 40  ASN 40  212 212 ASN ASN A . n 
A 1 41  GLU 41  213 213 GLU GLU A . n 
A 1 42  ARG 42  214 214 ARG ARG A . n 
A 1 43  ILE 43  215 215 ILE ILE A . n 
A 1 44  ASP 44  216 216 ASP ASP A . n 
A 1 45  GLU 45  217 217 GLU GLU A . n 
A 1 46  PHE 46  218 218 PHE PHE A . n 
A 1 47  VAL 47  219 219 VAL VAL A . n 
A 1 48  SER 48  220 220 SER SER A . n 
A 1 49  LYS 49  221 221 LYS LYS A . n 
A 1 50  ALA 50  222 222 ALA ALA A . n 
A 1 51  PHE 51  223 223 PHE PHE A . n 
A 1 52  PHE 52  224 224 PHE PHE A . n 
A 1 53  ALA 53  225 225 ALA ALA A . n 
A 1 54  ASP 54  226 226 ASP ASP A . n 
A 1 55  ILE 55  227 227 ILE ILE A . n 
A 1 56  SER 56  228 228 SER SER A . n 
A 1 57  VAL 57  229 229 VAL VAL A . n 
A 1 58  SER 58  230 230 SER SER A . n 
A 1 59  GLN 59  231 231 GLN GLN A . n 
A 1 60  VAL 60  232 232 VAL VAL A . n 
A 1 61  LEU 61  233 233 LEU LEU A . n 
A 1 62  GLU 62  234 234 GLU GLU A . n 
A 1 63  ILE 63  235 235 ILE ILE A . n 
A 1 64  HIS 64  236 236 HIS HIS A . n 
A 1 65  VAL 65  237 237 VAL VAL A . n 
A 1 66  GLU 66  238 238 GLU GLU A . n 
A 1 67  LEU 67  239 239 LEU LEU A . n 
A 1 68  MET 68  240 240 MET MET A . n 
A 1 69  ASP 69  241 241 ASP ASP A . n 
A 1 70  THR 70  242 242 THR THR A . n 
A 1 71  PHE 71  243 243 PHE PHE A . n 
A 1 72  SER 72  244 244 SER SER A . n 
A 1 73  LYS 73  245 245 LYS LYS A . n 
A 1 74  GLN 74  246 246 GLN GLN A . n 
A 1 75  LEU 75  247 247 LEU LEU A . n 
A 1 76  LYS 76  248 248 LYS LYS A . n 
A 1 77  LEU 77  249 249 LEU LEU A . n 
A 1 78  GLU 78  250 250 GLU GLU A . n 
A 1 79  GLY 79  251 251 GLY GLY A . n 
A 1 80  ARG 80  252 252 ARG ARG A . n 
A 1 81  SER 81  253 253 SER SER A . n 
A 1 82  GLU 82  254 254 GLU GLU A . n 
A 1 83  ASP 83  255 255 ASP ASP A . n 
A 1 84  ILE 84  256 256 ILE ILE A . n 
A 1 85  LEU 85  257 257 LEU LEU A . n 
A 1 86  LEU 86  258 258 LEU LEU A . n 
A 1 87  ASP 87  259 259 ASP ASP A . n 
A 1 88  TYR 88  260 260 TYR TYR A . n 
A 1 89  ARG 89  261 261 ARG ARG A . n 
A 1 90  LEU 90  262 262 LEU LEU A . n 
A 1 91  THR 91  263 263 THR THR A . n 
A 1 92  LEU 92  264 264 LEU LEU A . n 
A 1 93  ILE 93  265 265 ILE ILE A . n 
A 1 94  ASP 94  266 266 ASP ASP A . n 
A 1 95  VAL 95  267 267 VAL VAL A . n 
A 1 96  ILE 96  268 268 ILE ILE A . n 
A 1 97  ALA 97  269 269 ALA ALA A . n 
A 1 98  HIS 98  270 270 HIS HIS A . n 
A 1 99  LEU 99  271 271 LEU LEU A . n 
A 1 100 CYS 100 272 272 CYS CYS A . n 
A 1 101 GLU 101 273 273 GLU GLU A . n 
A 1 102 MET 102 274 274 MET MET A . n 
A 1 103 TYR 103 275 275 TYR TYR A . n 
A 1 104 ARG 104 276 276 ARG ARG A . n 
A 1 105 ARG 105 277 277 ARG ARG A . n 
A 1 106 SER 106 278 278 SER SER A . n 
A 1 107 ILE 107 279 ?   ?   ?   A . n 
A 1 108 PRO 108 280 ?   ?   ?   A . n 
A 1 109 ARG 109 281 ?   ?   ?   A . n 
A 1 110 GLU 110 282 ?   ?   ?   A . n 
A 1 111 VAL 111 283 ?   ?   ?   A . n 
# 
loop_
_pdbx_nonpoly_scheme.asym_id 
_pdbx_nonpoly_scheme.entity_id 
_pdbx_nonpoly_scheme.mon_id 
_pdbx_nonpoly_scheme.ndb_seq_num 
_pdbx_nonpoly_scheme.pdb_seq_num 
_pdbx_nonpoly_scheme.auth_seq_num 
_pdbx_nonpoly_scheme.pdb_mon_id 
_pdbx_nonpoly_scheme.auth_mon_id 
_pdbx_nonpoly_scheme.pdb_strand_id 
_pdbx_nonpoly_scheme.pdb_ins_code 
B 2 HOH 1  1  1  HOH HOH A . 
B 2 HOH 2  2  2  HOH HOH A . 
B 2 HOH 3  3  3  HOH HOH A . 
B 2 HOH 4  4  4  HOH HOH A . 
B 2 HOH 5  5  5  HOH HOH A . 
B 2 HOH 6  6  6  HOH HOH A . 
B 2 HOH 7  7  7  HOH HOH A . 
B 2 HOH 8  8  8  HOH HOH A . 
B 2 HOH 9  9  9  HOH HOH A . 
B 2 HOH 10 10 10 HOH HOH A . 
B 2 HOH 11 11 11 HOH HOH A . 
B 2 HOH 12 12 12 HOH HOH A . 
B 2 HOH 13 13 13 HOH HOH A . 
B 2 HOH 14 14 14 HOH HOH A . 
B 2 HOH 15 15 15 HOH HOH A . 
B 2 HOH 16 16 16 HOH HOH A . 
B 2 HOH 17 17 17 HOH HOH A . 
B 2 HOH 18 18 18 HOH HOH A . 
B 2 HOH 19 19 19 HOH HOH A . 
B 2 HOH 20 20 20 HOH HOH A . 
B 2 HOH 21 21 21 HOH HOH A . 
B 2 HOH 22 22 22 HOH HOH A . 
B 2 HOH 23 23 23 HOH HOH A . 
B 2 HOH 24 24 24 HOH HOH A . 
B 2 HOH 25 25 25 HOH HOH A . 
B 2 HOH 26 26 26 HOH HOH A . 
B 2 HOH 27 27 27 HOH HOH A . 
B 2 HOH 28 28 28 HOH HOH A . 
B 2 HOH 29 29 29 HOH HOH A . 
B 2 HOH 30 30 30 HOH HOH A . 
B 2 HOH 31 31 31 HOH HOH A . 
B 2 HOH 32 32 32 HOH HOH A . 
B 2 HOH 33 33 33 HOH HOH A . 
B 2 HOH 34 34 34 HOH HOH A . 
B 2 HOH 35 35 35 HOH HOH A . 
B 2 HOH 36 36 36 HOH HOH A . 
B 2 HOH 37 37 37 HOH HOH A . 
B 2 HOH 38 38 38 HOH HOH A . 
B 2 HOH 39 39 39 HOH HOH A . 
B 2 HOH 40 40 40 HOH HOH A . 
B 2 HOH 41 41 41 HOH HOH A . 
B 2 HOH 42 42 42 HOH HOH A . 
B 2 HOH 43 43 43 HOH HOH A . 
B 2 HOH 44 44 44 HOH HOH A . 
B 2 HOH 45 45 45 HOH HOH A . 
B 2 HOH 46 46 46 HOH HOH A . 
B 2 HOH 47 47 47 HOH HOH A . 
B 2 HOH 48 48 48 HOH HOH A . 
B 2 HOH 49 49 49 HOH HOH A . 
B 2 HOH 50 50 50 HOH HOH A . 
B 2 HOH 51 51 51 HOH HOH A . 
B 2 HOH 52 52 52 HOH HOH A . 
B 2 HOH 53 53 53 HOH HOH A . 
B 2 HOH 54 54 54 HOH HOH A . 
B 2 HOH 55 55 55 HOH HOH A . 
B 2 HOH 56 56 56 HOH HOH A . 
B 2 HOH 57 57 57 HOH HOH A . 
B 2 HOH 58 58 58 HOH HOH A . 
B 2 HOH 59 59 59 HOH HOH A . 
B 2 HOH 60 60 60 HOH HOH A . 
B 2 HOH 61 61 61 HOH HOH A . 
B 2 HOH 62 62 62 HOH HOH A . 
B 2 HOH 63 63 63 HOH HOH A . 
B 2 HOH 64 64 64 HOH HOH A . 
B 2 HOH 65 65 65 HOH HOH A . 
B 2 HOH 66 66 66 HOH HOH A . 
B 2 HOH 67 67 67 HOH HOH A . 
B 2 HOH 68 68 68 HOH HOH A . 
B 2 HOH 69 69 69 HOH HOH A . 
B 2 HOH 70 70 70 HOH HOH A . 
B 2 HOH 71 71 71 HOH HOH A . 
B 2 HOH 72 72 72 HOH HOH A . 
B 2 HOH 73 73 73 HOH HOH A . 
# 
loop_
_pdbx_unobs_or_zero_occ_atoms.id 
_pdbx_unobs_or_zero_occ_atoms.PDB_model_num 
_pdbx_unobs_or_zero_occ_atoms.polymer_flag 
_pdbx_unobs_or_zero_occ_atoms.occupancy_flag 
_pdbx_unobs_or_zero_occ_atoms.auth_asym_id 
_pdbx_unobs_or_zero_occ_atoms.auth_comp_id 
_pdbx_unobs_or_zero_occ_atoms.auth_seq_id 
_pdbx_unobs_or_zero_occ_atoms.PDB_ins_code 
_pdbx_unobs_or_zero_occ_atoms.auth_atom_id 
_pdbx_unobs_or_zero_occ_atoms.label_alt_id 
_pdbx_unobs_or_zero_occ_atoms.label_asym_id 
_pdbx_unobs_or_zero_occ_atoms.label_comp_id 
_pdbx_unobs_or_zero_occ_atoms.label_seq_id 
_pdbx_unobs_or_zero_occ_atoms.label_atom_id 
1 1 Y 1 A ASP 208 ? CG  ? A ASP 36 CG  
2 1 Y 1 A ASP 208 ? OD1 ? A ASP 36 OD1 
3 1 Y 1 A ASP 208 ? OD2 ? A ASP 36 OD2 
4 1 Y 1 A ARG 214 ? CZ  ? A ARG 42 CZ  
5 1 Y 1 A ARG 214 ? NH1 ? A ARG 42 NH1 
6 1 Y 1 A ARG 214 ? NH2 ? A ARG 42 NH2 
# 
loop_
_software.name 
_software.classification 
_software.version 
_software.citation_id 
_software.pdbx_ordinal 
REFMAC       refinement       5.1.24         ? 1 
CrystalClear 'data reduction' '(MSC/RIGAKU)' ? 2 
CrystalClear 'data scaling'   '(MSC/RIGAKU)' ? 3 
SOLVE        phasing          .              ? 4 
# 
_cell.entry_id           1V2Z 
_cell.length_a           61.467 
_cell.length_b           61.467 
_cell.length_c           57.305 
_cell.angle_alpha        90.00 
_cell.angle_beta         90.00 
_cell.angle_gamma        90.00 
_cell.Z_PDB              8 
_cell.pdbx_unique_axis   ? 
# 
_symmetry.entry_id                         1V2Z 
_symmetry.space_group_name_H-M             'P 43 21 2' 
_symmetry.pdbx_full_space_group_name_H-M   ? 
_symmetry.cell_setting                     ? 
_symmetry.Int_Tables_number                96 
# 
_exptl.entry_id          1V2Z 
_exptl.method            'X-RAY DIFFRACTION' 
_exptl.crystals_number   1 
# 
_exptl_crystal.id                    1 
_exptl_crystal.density_meas          ? 
_exptl_crystal.density_Matthews      2.02 
_exptl_crystal.density_percent_sol   38.63 
_exptl_crystal.description           ? 
# 
_exptl_crystal_grow.crystal_id      1 
_exptl_crystal_grow.method          'VAPOR DIFFUSION, HANGING DROP' 
_exptl_crystal_grow.temp            293 
_exptl_crystal_grow.temp_details    ? 
_exptl_crystal_grow.pH              ? 
_exptl_crystal_grow.pdbx_details    'NaCl, Ethanol, VAPOR DIFFUSION, HANGING DROP, temperature 293K' 
_exptl_crystal_grow.pdbx_pH_range   . 
# 
_diffrn.id                     1 
_diffrn.ambient_temp           90 
_diffrn.ambient_temp_details   ? 
_diffrn.crystal_id             1 
# 
_diffrn_detector.diffrn_id              1 
_diffrn_detector.detector               CCD 
_diffrn_detector.type                   'RIGAKU JUPITER 210' 
_diffrn_detector.pdbx_collection_date   2003-01-28 
_diffrn_detector.details                ? 
# 
_diffrn_radiation.diffrn_id                        1 
_diffrn_radiation.wavelength_id                    1 
_diffrn_radiation.pdbx_monochromatic_or_laue_m_l   M 
_diffrn_radiation.monochromator                    ? 
_diffrn_radiation.pdbx_diffrn_protocol             MAD 
_diffrn_radiation.pdbx_scattering_type             x-ray 
# 
loop_
_diffrn_radiation_wavelength.id 
_diffrn_radiation_wavelength.wavelength 
_diffrn_radiation_wavelength.wt 
1 1.0     1.0 
2 0.96    1.0 
3 0.9792  1.0 
4 0.97957 1.0 
# 
_diffrn_source.diffrn_id                   1 
_diffrn_source.source                      SYNCHROTRON 
_diffrn_source.type                        'SPRING-8 BEAMLINE BL26B2' 
_diffrn_source.pdbx_synchrotron_site       SPring-8 
_diffrn_source.pdbx_synchrotron_beamline   BL26B2 
_diffrn_source.pdbx_wavelength             1.0 
_diffrn_source.pdbx_wavelength_list        '1.0, 0.96, 0.9792, 0.97957' 
# 
_reflns.entry_id                     1V2Z 
_reflns.observed_criterion_sigma_F   0 
_reflns.observed_criterion_sigma_I   0 
_reflns.d_resolution_high            1.8 
_reflns.d_resolution_low             27.5 
_reflns.number_all                   10611 
_reflns.number_obs                   10611 
_reflns.percent_possible_obs         99.5 
_reflns.pdbx_Rmerge_I_obs            0.057 
_reflns.pdbx_Rsym_value              ? 
_reflns.pdbx_netI_over_sigmaI        8.2 
_reflns.B_iso_Wilson_estimate        ? 
_reflns.pdbx_redundancy              13.7 
_reflns.R_free_details               ? 
_reflns.limit_h_max                  ? 
_reflns.limit_h_min                  ? 
_reflns.limit_k_max                  ? 
_reflns.limit_k_min                  ? 
_reflns.limit_l_max                  ? 
_reflns.limit_l_min                  ? 
_reflns.observed_criterion_F_max     ? 
_reflns.observed_criterion_F_min     ? 
_reflns.pdbx_ordinal                 1 
_reflns.pdbx_diffrn_id               1 
# 
_reflns_shell.d_res_high             1.8 
_reflns_shell.d_res_low              1.86 
_reflns_shell.percent_possible_all   100 
_reflns_shell.Rmerge_I_obs           0.355 
_reflns_shell.pdbx_Rsym_value        ? 
_reflns_shell.meanI_over_sigI_obs    1.9 
_reflns_shell.pdbx_redundancy        14.1 
_reflns_shell.percent_possible_obs   ? 
_reflns_shell.number_unique_all      ? 
_reflns_shell.pdbx_ordinal           1 
_reflns_shell.pdbx_diffrn_id         1 
# 
_refine.entry_id                                 1V2Z 
_refine.ls_number_reflns_obs                     10051 
_refine.ls_number_reflns_all                     10569 
_refine.pdbx_ls_sigma_I                          ? 
_refine.pdbx_ls_sigma_F                          0 
_refine.pdbx_data_cutoff_high_absF               ? 
_refine.pdbx_data_cutoff_low_absF                ? 
_refine.pdbx_data_cutoff_high_rms_absF           ? 
_refine.ls_d_res_low                             20.00 
_refine.ls_d_res_high                            1.80 
_refine.ls_percent_reflns_obs                    99.16 
_refine.ls_R_factor_obs                          0.22711 
_refine.ls_R_factor_all                          0.22792 
_refine.ls_R_factor_R_work                       0.22521 
_refine.ls_R_factor_R_free                       0.26413 
_refine.ls_R_factor_R_free_error                 ? 
_refine.ls_R_factor_R_free_error_details         ? 
_refine.ls_percent_reflns_R_free                 4.8 
_refine.ls_number_reflns_R_free                  508 
_refine.ls_number_parameters                     ? 
_refine.ls_number_restraints                     ? 
_refine.occupancy_min                            ? 
_refine.occupancy_max                            ? 
_refine.correlation_coeff_Fo_to_Fc               0.932 
_refine.correlation_coeff_Fo_to_Fc_free          0.905 
_refine.B_iso_mean                               24.641 
_refine.aniso_B[1][1]                            -0.38 
_refine.aniso_B[2][2]                            -0.38 
_refine.aniso_B[3][3]                            0.76 
_refine.aniso_B[1][2]                            0.00 
_refine.aniso_B[1][3]                            0.00 
_refine.aniso_B[2][3]                            0.00 
_refine.solvent_model_details                    'BABINET MODEL WITH MASK' 
_refine.solvent_model_param_ksol                 ? 
_refine.solvent_model_param_bsol                 ? 
_refine.pdbx_solvent_vdw_probe_radii             1.40 
_refine.pdbx_solvent_ion_probe_radii             0.80 
_refine.pdbx_solvent_shrinkage_radii             0.80 
_refine.pdbx_ls_cross_valid_method               THROUGHOUT 
_refine.details                                  ? 
_refine.pdbx_starting_model                      ? 
_refine.pdbx_method_to_determine_struct          MAD 
_refine.pdbx_isotropic_thermal_model             ? 
_refine.pdbx_stereochemistry_target_values       'MAXIMUM LIKELIHOOD' 
_refine.pdbx_stereochem_target_val_spec_case     ? 
_refine.pdbx_R_Free_selection_details            RANDOM 
_refine.pdbx_overall_ESU_R                       0.162 
_refine.pdbx_overall_ESU_R_Free                  0.150 
_refine.overall_SU_ML                            0.097 
_refine.overall_SU_B                             3.055 
_refine.ls_redundancy_reflns_obs                 ? 
_refine.B_iso_min                                ? 
_refine.B_iso_max                                ? 
_refine.overall_SU_R_Cruickshank_DPI             ? 
_refine.overall_SU_R_free                        ? 
_refine.pdbx_refine_id                           'X-RAY DIFFRACTION' 
_refine.pdbx_diffrn_id                           1 
_refine.pdbx_TLS_residual_ADP_flag               ? 
_refine.pdbx_overall_phase_error                 ? 
_refine.pdbx_overall_SU_R_free_Cruickshank_DPI   ? 
_refine.pdbx_overall_SU_R_Blow_DPI               ? 
_refine.pdbx_overall_SU_R_free_Blow_DPI          ? 
# 
_refine_hist.pdbx_refine_id                   'X-RAY DIFFRACTION' 
_refine_hist.cycle_id                         LAST 
_refine_hist.pdbx_number_atoms_protein        878 
_refine_hist.pdbx_number_atoms_nucleic_acid   0 
_refine_hist.pdbx_number_atoms_ligand         0 
_refine_hist.number_atoms_solvent             73 
_refine_hist.number_atoms_total               951 
_refine_hist.d_res_high                       1.80 
_refine_hist.d_res_low                        20.00 
# 
loop_
_refine_ls_restr.type 
_refine_ls_restr.dev_ideal 
_refine_ls_restr.dev_ideal_target 
_refine_ls_restr.weight 
_refine_ls_restr.number 
_refine_ls_restr.pdbx_refine_id 
_refine_ls_restr.pdbx_restraint_function 
r_bond_refined_d         0.008 0.022 ? 898  'X-RAY DIFFRACTION' ? 
r_bond_other_d           ?     ?     ? ?    'X-RAY DIFFRACTION' ? 
r_angle_refined_deg      0.937 1.964 ? 1205 'X-RAY DIFFRACTION' ? 
r_angle_other_deg        ?     ?     ? ?    'X-RAY DIFFRACTION' ? 
r_dihedral_angle_1_deg   4.293 5.000 ? 105  'X-RAY DIFFRACTION' ? 
r_dihedral_angle_2_deg   ?     ?     ? ?    'X-RAY DIFFRACTION' ? 
r_dihedral_angle_3_deg   ?     ?     ? ?    'X-RAY DIFFRACTION' ? 
r_dihedral_angle_4_deg   ?     ?     ? ?    'X-RAY DIFFRACTION' ? 
r_chiral_restr           0.065 0.200 ? 138  'X-RAY DIFFRACTION' ? 
r_gen_planes_refined     0.003 0.020 ? 658  'X-RAY DIFFRACTION' ? 
r_gen_planes_other       ?     ?     ? ?    'X-RAY DIFFRACTION' ? 
r_nbd_refined            0.190 0.200 ? 401  'X-RAY DIFFRACTION' ? 
r_nbd_other              ?     ?     ? ?    'X-RAY DIFFRACTION' ? 
r_nbtor_refined          ?     ?     ? ?    'X-RAY DIFFRACTION' ? 
r_nbtor_other            ?     ?     ? ?    'X-RAY DIFFRACTION' ? 
r_xyhbond_nbd_refined    0.107 0.200 ? 55   'X-RAY DIFFRACTION' ? 
r_xyhbond_nbd_other      ?     ?     ? ?    'X-RAY DIFFRACTION' ? 
r_metal_ion_refined      ?     ?     ? ?    'X-RAY DIFFRACTION' ? 
r_metal_ion_other        ?     ?     ? ?    'X-RAY DIFFRACTION' ? 
r_symmetry_vdw_refined   0.203 0.200 ? 45   'X-RAY DIFFRACTION' ? 
r_symmetry_vdw_other     ?     ?     ? ?    'X-RAY DIFFRACTION' ? 
r_symmetry_hbond_refined 0.145 0.200 ? 11   'X-RAY DIFFRACTION' ? 
r_symmetry_hbond_other   ?     ?     ? ?    'X-RAY DIFFRACTION' ? 
r_mcbond_it              0.705 1.500 ? 529  'X-RAY DIFFRACTION' ? 
r_mcangle_it             1.349 2.000 ? 860  'X-RAY DIFFRACTION' ? 
r_scbond_it              1.840 3.000 ? 369  'X-RAY DIFFRACTION' ? 
r_scangle_it             3.140 4.500 ? 345  'X-RAY DIFFRACTION' ? 
r_rigid_bond_restr       ?     ?     ? ?    'X-RAY DIFFRACTION' ? 
r_sphericity_free        ?     ?     ? ?    'X-RAY DIFFRACTION' ? 
r_sphericity_bonded      ?     ?     ? ?    'X-RAY DIFFRACTION' ? 
# 
_refine_ls_shell.pdbx_total_number_of_bins_used   20 
_refine_ls_shell.d_res_high                       1.800 
_refine_ls_shell.d_res_low                        1.847 
_refine_ls_shell.number_reflns_R_work             718 
_refine_ls_shell.R_factor_R_work                  0.259 
_refine_ls_shell.percent_reflns_obs               ? 
_refine_ls_shell.R_factor_R_free                  0.264 
_refine_ls_shell.R_factor_R_free_error            ? 
_refine_ls_shell.percent_reflns_R_free            ? 
_refine_ls_shell.number_reflns_R_free             43 
_refine_ls_shell.number_reflns_obs                ? 
_refine_ls_shell.redundancy_reflns_obs            ? 
_refine_ls_shell.number_reflns_all                ? 
_refine_ls_shell.pdbx_refine_id                   'X-RAY DIFFRACTION' 
_refine_ls_shell.R_factor_all                     ? 
# 
_struct.entry_id                  1V2Z 
_struct.title                     'Crystal structure of the C-terminal domain of Thermosynechococcus elongatus BP-1 KaiA' 
_struct.pdbx_model_details        ? 
_struct.pdbx_CASP_flag            ? 
_struct.pdbx_model_type_details   ? 
# 
_struct_keywords.entry_id        1V2Z 
_struct_keywords.pdbx_keywords   'CIRCADIAN CLOCK PROTEIN' 
_struct_keywords.text            
'ALL ALPHA, RIKEN Structural Genomics/Proteomics Initiative, RSGI, Structural Genomics, circadian clock protein' 
# 
loop_
_struct_asym.id 
_struct_asym.pdbx_blank_PDB_chainid_flag 
_struct_asym.pdbx_modified 
_struct_asym.entity_id 
_struct_asym.details 
A N N 1 ? 
B N N 2 ? 
# 
_struct_ref.id                         1 
_struct_ref.db_name                    UNP 
_struct_ref.db_code                    Q8RR35 
_struct_ref.pdbx_db_accession          Q8RR35 
_struct_ref.entity_id                  1 
_struct_ref.pdbx_seq_one_letter_code   
;TAFFFRRMSPADKRKLLDELRSIYRTIVLEYFNTDAKVNERIDEFVSKAFFADISVSQVLEIHVELMDTFSKQLKLEGRS
EDILLDYRLTLIDVIAHLCEMYRRSIPREV
;
_struct_ref.pdbx_align_begin           174 
_struct_ref.pdbx_db_isoform            ? 
# 
_struct_ref_seq.align_id                      1 
_struct_ref_seq.ref_id                        1 
_struct_ref_seq.pdbx_PDB_id_code              1V2Z 
_struct_ref_seq.pdbx_strand_id                A 
_struct_ref_seq.seq_align_beg                 2 
_struct_ref_seq.pdbx_seq_align_beg_ins_code   ? 
_struct_ref_seq.seq_align_end                 111 
_struct_ref_seq.pdbx_seq_align_end_ins_code   ? 
_struct_ref_seq.pdbx_db_accession             Q8RR35 
_struct_ref_seq.db_align_beg                  174 
_struct_ref_seq.pdbx_db_align_beg_ins_code    ? 
_struct_ref_seq.db_align_end                  283 
_struct_ref_seq.pdbx_db_align_end_ins_code    ? 
_struct_ref_seq.pdbx_auth_seq_align_beg       174 
_struct_ref_seq.pdbx_auth_seq_align_end       283 
# 
_struct_ref_seq_dif.align_id                     1 
_struct_ref_seq_dif.pdbx_pdb_id_code             1V2Z 
_struct_ref_seq_dif.mon_id                       SER 
_struct_ref_seq_dif.pdbx_pdb_strand_id           A 
_struct_ref_seq_dif.seq_num                      1 
_struct_ref_seq_dif.pdbx_pdb_ins_code            ? 
_struct_ref_seq_dif.pdbx_seq_db_name             UNP 
_struct_ref_seq_dif.pdbx_seq_db_accession_code   Q8RR35 
_struct_ref_seq_dif.db_mon_id                    ? 
_struct_ref_seq_dif.pdbx_seq_db_seq_num          ? 
_struct_ref_seq_dif.details                      'cloning artifact' 
_struct_ref_seq_dif.pdbx_auth_seq_num            173 
_struct_ref_seq_dif.pdbx_ordinal                 1 
# 
_pdbx_struct_assembly.id                   1 
_pdbx_struct_assembly.details              author_defined_assembly 
_pdbx_struct_assembly.method_details       ? 
_pdbx_struct_assembly.oligomeric_details   dimeric 
_pdbx_struct_assembly.oligomeric_count     2 
# 
_pdbx_struct_assembly_gen.assembly_id       1 
_pdbx_struct_assembly_gen.oper_expression   1,2 
_pdbx_struct_assembly_gen.asym_id_list      A,B 
# 
loop_
_pdbx_struct_oper_list.id 
_pdbx_struct_oper_list.type 
_pdbx_struct_oper_list.name 
_pdbx_struct_oper_list.symmetry_operation 
_pdbx_struct_oper_list.matrix[1][1] 
_pdbx_struct_oper_list.matrix[1][2] 
_pdbx_struct_oper_list.matrix[1][3] 
_pdbx_struct_oper_list.vector[1] 
_pdbx_struct_oper_list.matrix[2][1] 
_pdbx_struct_oper_list.matrix[2][2] 
_pdbx_struct_oper_list.matrix[2][3] 
_pdbx_struct_oper_list.vector[2] 
_pdbx_struct_oper_list.matrix[3][1] 
_pdbx_struct_oper_list.matrix[3][2] 
_pdbx_struct_oper_list.matrix[3][3] 
_pdbx_struct_oper_list.vector[3] 
1 'identity operation'         1_555 x,y,z    1.0000000000 0.0000000000 0.0000000000 0.0000000000  0.0000000000 1.0000000000  0.0000000000 0.0000000000 0.0000000000 0.0000000000 1.0000000000  0.0000000000  
2 'crystal symmetry operation' 7_556 y,x,-z+1 0.8350199485 0.5122339558 0.2008931559 -3.6456297240 0.5122339558 -0.8570132026 0.0560780258 4.6724493582 0.2008931559 0.0560780258 -0.9780067459 21.3865725387 
# 
_struct_biol.id                    1 
_struct_biol.details               
;The biological assembly is a dimer. 
The second part of the biological assembly is generated 
by the two fold axis: y, x, -z+1
;
_struct_biol.pdbx_parent_biol_id   ? 
# 
loop_
_struct_conf.conf_type_id 
_struct_conf.id 
_struct_conf.pdbx_PDB_helix_id 
_struct_conf.beg_label_comp_id 
_struct_conf.beg_label_asym_id 
_struct_conf.beg_label_seq_id 
_struct_conf.pdbx_beg_PDB_ins_code 
_struct_conf.end_label_comp_id 
_struct_conf.end_label_asym_id 
_struct_conf.end_label_seq_id 
_struct_conf.pdbx_end_PDB_ins_code 
_struct_conf.beg_auth_comp_id 
_struct_conf.beg_auth_asym_id 
_struct_conf.beg_auth_seq_id 
_struct_conf.end_auth_comp_id 
_struct_conf.end_auth_asym_id 
_struct_conf.end_auth_seq_id 
_struct_conf.pdbx_PDB_helix_class 
_struct_conf.details 
_struct_conf.pdbx_PDB_helix_length 
HELX_P HELX_P1 1 SER A 1  ? SER A 10  ? SER A 173 SER A 182 1 ? 10 
HELX_P HELX_P2 2 LYS A 14 ? TYR A 32  ? LYS A 186 TYR A 204 1 ? 19 
HELX_P HELX_P3 3 LYS A 38 ? ASP A 54  ? LYS A 210 ASP A 226 1 ? 17 
HELX_P HELX_P4 4 SER A 56 ? LEU A 75  ? SER A 228 LEU A 247 1 ? 20 
HELX_P HELX_P5 5 GLU A 78 ? LEU A 86  ? GLU A 250 LEU A 258 5 ? 9  
HELX_P HELX_P6 6 ASP A 87 ? ARG A 105 ? ASP A 259 ARG A 277 1 ? 19 
# 
_struct_conf_type.id          HELX_P 
_struct_conf_type.criteria    ? 
_struct_conf_type.reference   ? 
# 
loop_
_pdbx_validate_torsion.id 
_pdbx_validate_torsion.PDB_model_num 
_pdbx_validate_torsion.auth_comp_id 
_pdbx_validate_torsion.auth_asym_id 
_pdbx_validate_torsion.auth_seq_id 
_pdbx_validate_torsion.PDB_ins_code 
_pdbx_validate_torsion.label_alt_id 
_pdbx_validate_torsion.phi 
_pdbx_validate_torsion.psi 
1 1 PHE A 205 ? ? 79.23 -19.39 
2 1 ASP A 208 ? ? 72.44 -14.28 
# 
_pdbx_SG_project.id                    1 
_pdbx_SG_project.project_name          ? 
_pdbx_SG_project.full_name_of_center   'RIKEN Structural Genomics/Proteomics Initiative' 
_pdbx_SG_project.initial_of_center     RSGI 
# 
loop_
_pdbx_unobs_or_zero_occ_residues.id 
_pdbx_unobs_or_zero_occ_residues.PDB_model_num 
_pdbx_unobs_or_zero_occ_residues.polymer_flag 
_pdbx_unobs_or_zero_occ_residues.occupancy_flag 
_pdbx_unobs_or_zero_occ_residues.auth_asym_id 
_pdbx_unobs_or_zero_occ_residues.auth_comp_id 
_pdbx_unobs_or_zero_occ_residues.auth_seq_id 
_pdbx_unobs_or_zero_occ_residues.PDB_ins_code 
_pdbx_unobs_or_zero_occ_residues.label_asym_id 
_pdbx_unobs_or_zero_occ_residues.label_comp_id 
_pdbx_unobs_or_zero_occ_residues.label_seq_id 
1 1 Y 1 A ILE 279 ? A ILE 107 
2 1 Y 1 A PRO 280 ? A PRO 108 
3 1 Y 1 A ARG 281 ? A ARG 109 
4 1 Y 1 A GLU 282 ? A GLU 110 
5 1 Y 1 A VAL 283 ? A VAL 111 
# 
loop_
_chem_comp_atom.comp_id 
_chem_comp_atom.atom_id 
_chem_comp_atom.type_symbol 
_chem_comp_atom.pdbx_aromatic_flag 
_chem_comp_atom.pdbx_stereo_config 
_chem_comp_atom.pdbx_ordinal 
ALA N    N N N 1   
ALA CA   C N S 2   
ALA C    C N N 3   
ALA O    O N N 4   
ALA CB   C N N 5   
ALA OXT  O N N 6   
ALA H    H N N 7   
ALA H2   H N N 8   
ALA HA   H N N 9   
ALA HB1  H N N 10  
ALA HB2  H N N 11  
ALA HB3  H N N 12  
ALA HXT  H N N 13  
ARG N    N N N 14  
ARG CA   C N S 15  
ARG C    C N N 16  
ARG O    O N N 17  
ARG CB   C N N 18  
ARG CG   C N N 19  
ARG CD   C N N 20  
ARG NE   N N N 21  
ARG CZ   C N N 22  
ARG NH1  N N N 23  
ARG NH2  N N N 24  
ARG OXT  O N N 25  
ARG H    H N N 26  
ARG H2   H N N 27  
ARG HA   H N N 28  
ARG HB2  H N N 29  
ARG HB3  H N N 30  
ARG HG2  H N N 31  
ARG HG3  H N N 32  
ARG HD2  H N N 33  
ARG HD3  H N N 34  
ARG HE   H N N 35  
ARG HH11 H N N 36  
ARG HH12 H N N 37  
ARG HH21 H N N 38  
ARG HH22 H N N 39  
ARG HXT  H N N 40  
ASN N    N N N 41  
ASN CA   C N S 42  
ASN C    C N N 43  
ASN O    O N N 44  
ASN CB   C N N 45  
ASN CG   C N N 46  
ASN OD1  O N N 47  
ASN ND2  N N N 48  
ASN OXT  O N N 49  
ASN H    H N N 50  
ASN H2   H N N 51  
ASN HA   H N N 52  
ASN HB2  H N N 53  
ASN HB3  H N N 54  
ASN HD21 H N N 55  
ASN HD22 H N N 56  
ASN HXT  H N N 57  
ASP N    N N N 58  
ASP CA   C N S 59  
ASP C    C N N 60  
ASP O    O N N 61  
ASP CB   C N N 62  
ASP CG   C N N 63  
ASP OD1  O N N 64  
ASP OD2  O N N 65  
ASP OXT  O N N 66  
ASP H    H N N 67  
ASP H2   H N N 68  
ASP HA   H N N 69  
ASP HB2  H N N 70  
ASP HB3  H N N 71  
ASP HD2  H N N 72  
ASP HXT  H N N 73  
CYS N    N N N 74  
CYS CA   C N R 75  
CYS C    C N N 76  
CYS O    O N N 77  
CYS CB   C N N 78  
CYS SG   S N N 79  
CYS OXT  O N N 80  
CYS H    H N N 81  
CYS H2   H N N 82  
CYS HA   H N N 83  
CYS HB2  H N N 84  
CYS HB3  H N N 85  
CYS HG   H N N 86  
CYS HXT  H N N 87  
GLN N    N N N 88  
GLN CA   C N S 89  
GLN C    C N N 90  
GLN O    O N N 91  
GLN CB   C N N 92  
GLN CG   C N N 93  
GLN CD   C N N 94  
GLN OE1  O N N 95  
GLN NE2  N N N 96  
GLN OXT  O N N 97  
GLN H    H N N 98  
GLN H2   H N N 99  
GLN HA   H N N 100 
GLN HB2  H N N 101 
GLN HB3  H N N 102 
GLN HG2  H N N 103 
GLN HG3  H N N 104 
GLN HE21 H N N 105 
GLN HE22 H N N 106 
GLN HXT  H N N 107 
GLU N    N N N 108 
GLU CA   C N S 109 
GLU C    C N N 110 
GLU O    O N N 111 
GLU CB   C N N 112 
GLU CG   C N N 113 
GLU CD   C N N 114 
GLU OE1  O N N 115 
GLU OE2  O N N 116 
GLU OXT  O N N 117 
GLU H    H N N 118 
GLU H2   H N N 119 
GLU HA   H N N 120 
GLU HB2  H N N 121 
GLU HB3  H N N 122 
GLU HG2  H N N 123 
GLU HG3  H N N 124 
GLU HE2  H N N 125 
GLU HXT  H N N 126 
GLY N    N N N 127 
GLY CA   C N N 128 
GLY C    C N N 129 
GLY O    O N N 130 
GLY OXT  O N N 131 
GLY H    H N N 132 
GLY H2   H N N 133 
GLY HA2  H N N 134 
GLY HA3  H N N 135 
GLY HXT  H N N 136 
HIS N    N N N 137 
HIS CA   C N S 138 
HIS C    C N N 139 
HIS O    O N N 140 
HIS CB   C N N 141 
HIS CG   C Y N 142 
HIS ND1  N Y N 143 
HIS CD2  C Y N 144 
HIS CE1  C Y N 145 
HIS NE2  N Y N 146 
HIS OXT  O N N 147 
HIS H    H N N 148 
HIS H2   H N N 149 
HIS HA   H N N 150 
HIS HB2  H N N 151 
HIS HB3  H N N 152 
HIS HD1  H N N 153 
HIS HD2  H N N 154 
HIS HE1  H N N 155 
HIS HE2  H N N 156 
HIS HXT  H N N 157 
HOH O    O N N 158 
HOH H1   H N N 159 
HOH H2   H N N 160 
ILE N    N N N 161 
ILE CA   C N S 162 
ILE C    C N N 163 
ILE O    O N N 164 
ILE CB   C N S 165 
ILE CG1  C N N 166 
ILE CG2  C N N 167 
ILE CD1  C N N 168 
ILE OXT  O N N 169 
ILE H    H N N 170 
ILE H2   H N N 171 
ILE HA   H N N 172 
ILE HB   H N N 173 
ILE HG12 H N N 174 
ILE HG13 H N N 175 
ILE HG21 H N N 176 
ILE HG22 H N N 177 
ILE HG23 H N N 178 
ILE HD11 H N N 179 
ILE HD12 H N N 180 
ILE HD13 H N N 181 
ILE HXT  H N N 182 
LEU N    N N N 183 
LEU CA   C N S 184 
LEU C    C N N 185 
LEU O    O N N 186 
LEU CB   C N N 187 
LEU CG   C N N 188 
LEU CD1  C N N 189 
LEU CD2  C N N 190 
LEU OXT  O N N 191 
LEU H    H N N 192 
LEU H2   H N N 193 
LEU HA   H N N 194 
LEU HB2  H N N 195 
LEU HB3  H N N 196 
LEU HG   H N N 197 
LEU HD11 H N N 198 
LEU HD12 H N N 199 
LEU HD13 H N N 200 
LEU HD21 H N N 201 
LEU HD22 H N N 202 
LEU HD23 H N N 203 
LEU HXT  H N N 204 
LYS N    N N N 205 
LYS CA   C N S 206 
LYS C    C N N 207 
LYS O    O N N 208 
LYS CB   C N N 209 
LYS CG   C N N 210 
LYS CD   C N N 211 
LYS CE   C N N 212 
LYS NZ   N N N 213 
LYS OXT  O N N 214 
LYS H    H N N 215 
LYS H2   H N N 216 
LYS HA   H N N 217 
LYS HB2  H N N 218 
LYS HB3  H N N 219 
LYS HG2  H N N 220 
LYS HG3  H N N 221 
LYS HD2  H N N 222 
LYS HD3  H N N 223 
LYS HE2  H N N 224 
LYS HE3  H N N 225 
LYS HZ1  H N N 226 
LYS HZ2  H N N 227 
LYS HZ3  H N N 228 
LYS HXT  H N N 229 
MET N    N N N 230 
MET CA   C N S 231 
MET C    C N N 232 
MET O    O N N 233 
MET CB   C N N 234 
MET CG   C N N 235 
MET SD   S N N 236 
MET CE   C N N 237 
MET OXT  O N N 238 
MET H    H N N 239 
MET H2   H N N 240 
MET HA   H N N 241 
MET HB2  H N N 242 
MET HB3  H N N 243 
MET HG2  H N N 244 
MET HG3  H N N 245 
MET HE1  H N N 246 
MET HE2  H N N 247 
MET HE3  H N N 248 
MET HXT  H N N 249 
PHE N    N N N 250 
PHE CA   C N S 251 
PHE C    C N N 252 
PHE O    O N N 253 
PHE CB   C N N 254 
PHE CG   C Y N 255 
PHE CD1  C Y N 256 
PHE CD2  C Y N 257 
PHE CE1  C Y N 258 
PHE CE2  C Y N 259 
PHE CZ   C Y N 260 
PHE OXT  O N N 261 
PHE H    H N N 262 
PHE H2   H N N 263 
PHE HA   H N N 264 
PHE HB2  H N N 265 
PHE HB3  H N N 266 
PHE HD1  H N N 267 
PHE HD2  H N N 268 
PHE HE1  H N N 269 
PHE HE2  H N N 270 
PHE HZ   H N N 271 
PHE HXT  H N N 272 
PRO N    N N N 273 
PRO CA   C N S 274 
PRO C    C N N 275 
PRO O    O N N 276 
PRO CB   C N N 277 
PRO CG   C N N 278 
PRO CD   C N N 279 
PRO OXT  O N N 280 
PRO H    H N N 281 
PRO HA   H N N 282 
PRO HB2  H N N 283 
PRO HB3  H N N 284 
PRO HG2  H N N 285 
PRO HG3  H N N 286 
PRO HD2  H N N 287 
PRO HD3  H N N 288 
PRO HXT  H N N 289 
SER N    N N N 290 
SER CA   C N S 291 
SER C    C N N 292 
SER O    O N N 293 
SER CB   C N N 294 
SER OG   O N N 295 
SER OXT  O N N 296 
SER H    H N N 297 
SER H2   H N N 298 
SER HA   H N N 299 
SER HB2  H N N 300 
SER HB3  H N N 301 
SER HG   H N N 302 
SER HXT  H N N 303 
THR N    N N N 304 
THR CA   C N S 305 
THR C    C N N 306 
THR O    O N N 307 
THR CB   C N R 308 
THR OG1  O N N 309 
THR CG2  C N N 310 
THR OXT  O N N 311 
THR H    H N N 312 
THR H2   H N N 313 
THR HA   H N N 314 
THR HB   H N N 315 
THR HG1  H N N 316 
THR HG21 H N N 317 
THR HG22 H N N 318 
THR HG23 H N N 319 
THR HXT  H N N 320 
TYR N    N N N 321 
TYR CA   C N S 322 
TYR C    C N N 323 
TYR O    O N N 324 
TYR CB   C N N 325 
TYR CG   C Y N 326 
TYR CD1  C Y N 327 
TYR CD2  C Y N 328 
TYR CE1  C Y N 329 
TYR CE2  C Y N 330 
TYR CZ   C Y N 331 
TYR OH   O N N 332 
TYR OXT  O N N 333 
TYR H    H N N 334 
TYR H2   H N N 335 
TYR HA   H N N 336 
TYR HB2  H N N 337 
TYR HB3  H N N 338 
TYR HD1  H N N 339 
TYR HD2  H N N 340 
TYR HE1  H N N 341 
TYR HE2  H N N 342 
TYR HH   H N N 343 
TYR HXT  H N N 344 
VAL N    N N N 345 
VAL CA   C N S 346 
VAL C    C N N 347 
VAL O    O N N 348 
VAL CB   C N N 349 
VAL CG1  C N N 350 
VAL CG2  C N N 351 
VAL OXT  O N N 352 
VAL H    H N N 353 
VAL H2   H N N 354 
VAL HA   H N N 355 
VAL HB   H N N 356 
VAL HG11 H N N 357 
VAL HG12 H N N 358 
VAL HG13 H N N 359 
VAL HG21 H N N 360 
VAL HG22 H N N 361 
VAL HG23 H N N 362 
VAL HXT  H N N 363 
# 
loop_
_chem_comp_bond.comp_id 
_chem_comp_bond.atom_id_1 
_chem_comp_bond.atom_id_2 
_chem_comp_bond.value_order 
_chem_comp_bond.pdbx_aromatic_flag 
_chem_comp_bond.pdbx_stereo_config 
_chem_comp_bond.pdbx_ordinal 
ALA N   CA   sing N N 1   
ALA N   H    sing N N 2   
ALA N   H2   sing N N 3   
ALA CA  C    sing N N 4   
ALA CA  CB   sing N N 5   
ALA CA  HA   sing N N 6   
ALA C   O    doub N N 7   
ALA C   OXT  sing N N 8   
ALA CB  HB1  sing N N 9   
ALA CB  HB2  sing N N 10  
ALA CB  HB3  sing N N 11  
ALA OXT HXT  sing N N 12  
ARG N   CA   sing N N 13  
ARG N   H    sing N N 14  
ARG N   H2   sing N N 15  
ARG CA  C    sing N N 16  
ARG CA  CB   sing N N 17  
ARG CA  HA   sing N N 18  
ARG C   O    doub N N 19  
ARG C   OXT  sing N N 20  
ARG CB  CG   sing N N 21  
ARG CB  HB2  sing N N 22  
ARG CB  HB3  sing N N 23  
ARG CG  CD   sing N N 24  
ARG CG  HG2  sing N N 25  
ARG CG  HG3  sing N N 26  
ARG CD  NE   sing N N 27  
ARG CD  HD2  sing N N 28  
ARG CD  HD3  sing N N 29  
ARG NE  CZ   sing N N 30  
ARG NE  HE   sing N N 31  
ARG CZ  NH1  sing N N 32  
ARG CZ  NH2  doub N N 33  
ARG NH1 HH11 sing N N 34  
ARG NH1 HH12 sing N N 35  
ARG NH2 HH21 sing N N 36  
ARG NH2 HH22 sing N N 37  
ARG OXT HXT  sing N N 38  
ASN N   CA   sing N N 39  
ASN N   H    sing N N 40  
ASN N   H2   sing N N 41  
ASN CA  C    sing N N 42  
ASN CA  CB   sing N N 43  
ASN CA  HA   sing N N 44  
ASN C   O    doub N N 45  
ASN C   OXT  sing N N 46  
ASN CB  CG   sing N N 47  
ASN CB  HB2  sing N N 48  
ASN CB  HB3  sing N N 49  
ASN CG  OD1  doub N N 50  
ASN CG  ND2  sing N N 51  
ASN ND2 HD21 sing N N 52  
ASN ND2 HD22 sing N N 53  
ASN OXT HXT  sing N N 54  
ASP N   CA   sing N N 55  
ASP N   H    sing N N 56  
ASP N   H2   sing N N 57  
ASP CA  C    sing N N 58  
ASP CA  CB   sing N N 59  
ASP CA  HA   sing N N 60  
ASP C   O    doub N N 61  
ASP C   OXT  sing N N 62  
ASP CB  CG   sing N N 63  
ASP CB  HB2  sing N N 64  
ASP CB  HB3  sing N N 65  
ASP CG  OD1  doub N N 66  
ASP CG  OD2  sing N N 67  
ASP OD2 HD2  sing N N 68  
ASP OXT HXT  sing N N 69  
CYS N   CA   sing N N 70  
CYS N   H    sing N N 71  
CYS N   H2   sing N N 72  
CYS CA  C    sing N N 73  
CYS CA  CB   sing N N 74  
CYS CA  HA   sing N N 75  
CYS C   O    doub N N 76  
CYS C   OXT  sing N N 77  
CYS CB  SG   sing N N 78  
CYS CB  HB2  sing N N 79  
CYS CB  HB3  sing N N 80  
CYS SG  HG   sing N N 81  
CYS OXT HXT  sing N N 82  
GLN N   CA   sing N N 83  
GLN N   H    sing N N 84  
GLN N   H2   sing N N 85  
GLN CA  C    sing N N 86  
GLN CA  CB   sing N N 87  
GLN CA  HA   sing N N 88  
GLN C   O    doub N N 89  
GLN C   OXT  sing N N 90  
GLN CB  CG   sing N N 91  
GLN CB  HB2  sing N N 92  
GLN CB  HB3  sing N N 93  
GLN CG  CD   sing N N 94  
GLN CG  HG2  sing N N 95  
GLN CG  HG3  sing N N 96  
GLN CD  OE1  doub N N 97  
GLN CD  NE2  sing N N 98  
GLN NE2 HE21 sing N N 99  
GLN NE2 HE22 sing N N 100 
GLN OXT HXT  sing N N 101 
GLU N   CA   sing N N 102 
GLU N   H    sing N N 103 
GLU N   H2   sing N N 104 
GLU CA  C    sing N N 105 
GLU CA  CB   sing N N 106 
GLU CA  HA   sing N N 107 
GLU C   O    doub N N 108 
GLU C   OXT  sing N N 109 
GLU CB  CG   sing N N 110 
GLU CB  HB2  sing N N 111 
GLU CB  HB3  sing N N 112 
GLU CG  CD   sing N N 113 
GLU CG  HG2  sing N N 114 
GLU CG  HG3  sing N N 115 
GLU CD  OE1  doub N N 116 
GLU CD  OE2  sing N N 117 
GLU OE2 HE2  sing N N 118 
GLU OXT HXT  sing N N 119 
GLY N   CA   sing N N 120 
GLY N   H    sing N N 121 
GLY N   H2   sing N N 122 
GLY CA  C    sing N N 123 
GLY CA  HA2  sing N N 124 
GLY CA  HA3  sing N N 125 
GLY C   O    doub N N 126 
GLY C   OXT  sing N N 127 
GLY OXT HXT  sing N N 128 
HIS N   CA   sing N N 129 
HIS N   H    sing N N 130 
HIS N   H2   sing N N 131 
HIS CA  C    sing N N 132 
HIS CA  CB   sing N N 133 
HIS CA  HA   sing N N 134 
HIS C   O    doub N N 135 
HIS C   OXT  sing N N 136 
HIS CB  CG   sing N N 137 
HIS CB  HB2  sing N N 138 
HIS CB  HB3  sing N N 139 
HIS CG  ND1  sing Y N 140 
HIS CG  CD2  doub Y N 141 
HIS ND1 CE1  doub Y N 142 
HIS ND1 HD1  sing N N 143 
HIS CD2 NE2  sing Y N 144 
HIS CD2 HD2  sing N N 145 
HIS CE1 NE2  sing Y N 146 
HIS CE1 HE1  sing N N 147 
HIS NE2 HE2  sing N N 148 
HIS OXT HXT  sing N N 149 
HOH O   H1   sing N N 150 
HOH O   H2   sing N N 151 
ILE N   CA   sing N N 152 
ILE N   H    sing N N 153 
ILE N   H2   sing N N 154 
ILE CA  C    sing N N 155 
ILE CA  CB   sing N N 156 
ILE CA  HA   sing N N 157 
ILE C   O    doub N N 158 
ILE C   OXT  sing N N 159 
ILE CB  CG1  sing N N 160 
ILE CB  CG2  sing N N 161 
ILE CB  HB   sing N N 162 
ILE CG1 CD1  sing N N 163 
ILE CG1 HG12 sing N N 164 
ILE CG1 HG13 sing N N 165 
ILE CG2 HG21 sing N N 166 
ILE CG2 HG22 sing N N 167 
ILE CG2 HG23 sing N N 168 
ILE CD1 HD11 sing N N 169 
ILE CD1 HD12 sing N N 170 
ILE CD1 HD13 sing N N 171 
ILE OXT HXT  sing N N 172 
LEU N   CA   sing N N 173 
LEU N   H    sing N N 174 
LEU N   H2   sing N N 175 
LEU CA  C    sing N N 176 
LEU CA  CB   sing N N 177 
LEU CA  HA   sing N N 178 
LEU C   O    doub N N 179 
LEU C   OXT  sing N N 180 
LEU CB  CG   sing N N 181 
LEU CB  HB2  sing N N 182 
LEU CB  HB3  sing N N 183 
LEU CG  CD1  sing N N 184 
LEU CG  CD2  sing N N 185 
LEU CG  HG   sing N N 186 
LEU CD1 HD11 sing N N 187 
LEU CD1 HD12 sing N N 188 
LEU CD1 HD13 sing N N 189 
LEU CD2 HD21 sing N N 190 
LEU CD2 HD22 sing N N 191 
LEU CD2 HD23 sing N N 192 
LEU OXT HXT  sing N N 193 
LYS N   CA   sing N N 194 
LYS N   H    sing N N 195 
LYS N   H2   sing N N 196 
LYS CA  C    sing N N 197 
LYS CA  CB   sing N N 198 
LYS CA  HA   sing N N 199 
LYS C   O    doub N N 200 
LYS C   OXT  sing N N 201 
LYS CB  CG   sing N N 202 
LYS CB  HB2  sing N N 203 
LYS CB  HB3  sing N N 204 
LYS CG  CD   sing N N 205 
LYS CG  HG2  sing N N 206 
LYS CG  HG3  sing N N 207 
LYS CD  CE   sing N N 208 
LYS CD  HD2  sing N N 209 
LYS CD  HD3  sing N N 210 
LYS CE  NZ   sing N N 211 
LYS CE  HE2  sing N N 212 
LYS CE  HE3  sing N N 213 
LYS NZ  HZ1  sing N N 214 
LYS NZ  HZ2  sing N N 215 
LYS NZ  HZ3  sing N N 216 
LYS OXT HXT  sing N N 217 
MET N   CA   sing N N 218 
MET N   H    sing N N 219 
MET N   H2   sing N N 220 
MET CA  C    sing N N 221 
MET CA  CB   sing N N 222 
MET CA  HA   sing N N 223 
MET C   O    doub N N 224 
MET C   OXT  sing N N 225 
MET CB  CG   sing N N 226 
MET CB  HB2  sing N N 227 
MET CB  HB3  sing N N 228 
MET CG  SD   sing N N 229 
MET CG  HG2  sing N N 230 
MET CG  HG3  sing N N 231 
MET SD  CE   sing N N 232 
MET CE  HE1  sing N N 233 
MET CE  HE2  sing N N 234 
MET CE  HE3  sing N N 235 
MET OXT HXT  sing N N 236 
PHE N   CA   sing N N 237 
PHE N   H    sing N N 238 
PHE N   H2   sing N N 239 
PHE CA  C    sing N N 240 
PHE CA  CB   sing N N 241 
PHE CA  HA   sing N N 242 
PHE C   O    doub N N 243 
PHE C   OXT  sing N N 244 
PHE CB  CG   sing N N 245 
PHE CB  HB2  sing N N 246 
PHE CB  HB3  sing N N 247 
PHE CG  CD1  doub Y N 248 
PHE CG  CD2  sing Y N 249 
PHE CD1 CE1  sing Y N 250 
PHE CD1 HD1  sing N N 251 
PHE CD2 CE2  doub Y N 252 
PHE CD2 HD2  sing N N 253 
PHE CE1 CZ   doub Y N 254 
PHE CE1 HE1  sing N N 255 
PHE CE2 CZ   sing Y N 256 
PHE CE2 HE2  sing N N 257 
PHE CZ  HZ   sing N N 258 
PHE OXT HXT  sing N N 259 
PRO N   CA   sing N N 260 
PRO N   CD   sing N N 261 
PRO N   H    sing N N 262 
PRO CA  C    sing N N 263 
PRO CA  CB   sing N N 264 
PRO CA  HA   sing N N 265 
PRO C   O    doub N N 266 
PRO C   OXT  sing N N 267 
PRO CB  CG   sing N N 268 
PRO CB  HB2  sing N N 269 
PRO CB  HB3  sing N N 270 
PRO CG  CD   sing N N 271 
PRO CG  HG2  sing N N 272 
PRO CG  HG3  sing N N 273 
PRO CD  HD2  sing N N 274 
PRO CD  HD3  sing N N 275 
PRO OXT HXT  sing N N 276 
SER N   CA   sing N N 277 
SER N   H    sing N N 278 
SER N   H2   sing N N 279 
SER CA  C    sing N N 280 
SER CA  CB   sing N N 281 
SER CA  HA   sing N N 282 
SER C   O    doub N N 283 
SER C   OXT  sing N N 284 
SER CB  OG   sing N N 285 
SER CB  HB2  sing N N 286 
SER CB  HB3  sing N N 287 
SER OG  HG   sing N N 288 
SER OXT HXT  sing N N 289 
THR N   CA   sing N N 290 
THR N   H    sing N N 291 
THR N   H2   sing N N 292 
THR CA  C    sing N N 293 
THR CA  CB   sing N N 294 
THR CA  HA   sing N N 295 
THR C   O    doub N N 296 
THR C   OXT  sing N N 297 
THR CB  OG1  sing N N 298 
THR CB  CG2  sing N N 299 
THR CB  HB   sing N N 300 
THR OG1 HG1  sing N N 301 
THR CG2 HG21 sing N N 302 
THR CG2 HG22 sing N N 303 
THR CG2 HG23 sing N N 304 
THR OXT HXT  sing N N 305 
TYR N   CA   sing N N 306 
TYR N   H    sing N N 307 
TYR N   H2   sing N N 308 
TYR CA  C    sing N N 309 
TYR CA  CB   sing N N 310 
TYR CA  HA   sing N N 311 
TYR C   O    doub N N 312 
TYR C   OXT  sing N N 313 
TYR CB  CG   sing N N 314 
TYR CB  HB2  sing N N 315 
TYR CB  HB3  sing N N 316 
TYR CG  CD1  doub Y N 317 
TYR CG  CD2  sing Y N 318 
TYR CD1 CE1  sing Y N 319 
TYR CD1 HD1  sing N N 320 
TYR CD2 CE2  doub Y N 321 
TYR CD2 HD2  sing N N 322 
TYR CE1 CZ   doub Y N 323 
TYR CE1 HE1  sing N N 324 
TYR CE2 CZ   sing Y N 325 
TYR CE2 HE2  sing N N 326 
TYR CZ  OH   sing N N 327 
TYR OH  HH   sing N N 328 
TYR OXT HXT  sing N N 329 
VAL N   CA   sing N N 330 
VAL N   H    sing N N 331 
VAL N   H2   sing N N 332 
VAL CA  C    sing N N 333 
VAL CA  CB   sing N N 334 
VAL CA  HA   sing N N 335 
VAL C   O    doub N N 336 
VAL C   OXT  sing N N 337 
VAL CB  CG1  sing N N 338 
VAL CB  CG2  sing N N 339 
VAL CB  HB   sing N N 340 
VAL CG1 HG11 sing N N 341 
VAL CG1 HG12 sing N N 342 
VAL CG1 HG13 sing N N 343 
VAL CG2 HG21 sing N N 344 
VAL CG2 HG22 sing N N 345 
VAL CG2 HG23 sing N N 346 
VAL OXT HXT  sing N N 347 
# 
_atom_sites.entry_id                    1V2Z 
_atom_sites.fract_transf_matrix[1][1]   0.01153817 
_atom_sites.fract_transf_matrix[1][2]   -0.00268337 
_atom_sites.fract_transf_matrix[1][3]   0.01115126 
_atom_sites.fract_transf_matrix[2][1]   0.01050030 
_atom_sites.fract_transf_matrix[2][2]   0.00883527 
_atom_sites.fract_transf_matrix[2][3]   -0.00873855 
_atom_sites.fract_transf_matrix[3][1]   -0.00494991 
_atom_sites.fract_transf_matrix[3][2]   0.01436787 
_atom_sites.fract_transf_matrix[3][3]   0.00857905 
_atom_sites.fract_transf_vector[1]      0.088009 
_atom_sites.fract_transf_vector[2]      0.271895 
_atom_sites.fract_transf_vector[3]      0.365687 
# 
loop_
_atom_type.symbol 
C 
N 
O 
S 
# 
loop_
_atom_site.group_PDB 
_atom_site.id 
_atom_site.type_symbol 
_atom_site.label_atom_id 
_atom_site.label_alt_id 
_atom_site.label_comp_id 
_atom_site.label_asym_id 
_atom_site.label_entity_id 
_atom_site.label_seq_id 
_atom_site.pdbx_PDB_ins_code 
_atom_site.Cartn_x 
_atom_site.Cartn_y 
_atom_site.Cartn_z 
_atom_site.occupancy 
_atom_site.B_iso_or_equiv 
_atom_site.pdbx_formal_charge 
_atom_site.auth_seq_id 
_atom_site.auth_comp_id 
_atom_site.auth_asym_id 
_atom_site.auth_atom_id 
_atom_site.pdbx_PDB_model_num 
ATOM   1   N N   . SER A 1 1   ? 21.821  5.690   9.032   1.00 28.97 ? 173 SER A N   1 
ATOM   2   C CA  . SER A 1 1   ? 20.384  5.896   8.705   1.00 28.99 ? 173 SER A CA  1 
ATOM   3   C C   . SER A 1 1   ? 20.206  5.814   7.194   1.00 28.88 ? 173 SER A C   1 
ATOM   4   O O   . SER A 1 1   ? 20.607  6.708   6.431   1.00 29.24 ? 173 SER A O   1 
ATOM   5   C CB  . SER A 1 1   ? 19.854  7.220   9.250   1.00 28.90 ? 173 SER A CB  1 
ATOM   6   O OG  . SER A 1 1   ? 18.558  7.509   8.742   1.00 28.67 ? 173 SER A OG  1 
ATOM   7   N N   . THR A 1 2   ? 19.625  4.703   6.774   1.00 28.49 ? 174 THR A N   1 
ATOM   8   C CA  . THR A 1 2   ? 19.292  4.482   5.376   1.00 27.77 ? 174 THR A CA  1 
ATOM   9   C C   . THR A 1 2   ? 18.106  5.361   5.014   1.00 27.02 ? 174 THR A C   1 
ATOM   10  O O   . THR A 1 2   ? 17.985  5.793   3.868   1.00 26.39 ? 174 THR A O   1 
ATOM   11  C CB  . THR A 1 2   ? 18.975  3.001   5.144   1.00 28.36 ? 174 THR A CB  1 
ATOM   12  O OG1 . THR A 1 2   ? 18.042  2.564   6.140   1.00 29.32 ? 174 THR A OG1 1 
ATOM   13  C CG2 . THR A 1 2   ? 20.207  2.151   5.433   1.00 28.31 ? 174 THR A CG2 1 
ATOM   14  N N   . ALA A 1 3   ? 17.244  5.648   5.996   1.00 25.97 ? 175 ALA A N   1 
ATOM   15  C CA  . ALA A 1 3   ? 16.160  6.609   5.797   1.00 25.90 ? 175 ALA A CA  1 
ATOM   16  C C   . ALA A 1 3   ? 16.715  7.947   5.317   1.00 24.87 ? 175 ALA A C   1 
ATOM   17  O O   . ALA A 1 3   ? 16.208  8.521   4.361   1.00 25.26 ? 175 ALA A O   1 
ATOM   18  C CB  . ALA A 1 3   ? 15.331  6.791   7.072   1.00 26.04 ? 175 ALA A CB  1 
ATOM   19  N N   . PHE A 1 4   ? 17.767  8.420   5.987   1.00 24.64 ? 176 PHE A N   1 
ATOM   20  C CA  . PHE A 1 4   ? 18.459  9.654   5.610   1.00 23.67 ? 176 PHE A CA  1 
ATOM   21  C C   . PHE A 1 4   ? 18.929  9.564   4.153   1.00 22.36 ? 176 PHE A C   1 
ATOM   22  O O   . PHE A 1 4   ? 18.621  10.440  3.348   1.00 22.29 ? 176 PHE A O   1 
ATOM   23  C CB  . PHE A 1 4   ? 19.643  9.904   6.555   1.00 24.28 ? 176 PHE A CB  1 
ATOM   24  C CG  . PHE A 1 4   ? 20.303  11.246  6.365   1.00 25.55 ? 176 PHE A CG  1 
ATOM   25  C CD1 . PHE A 1 4   ? 19.911  12.347  7.124   1.00 26.96 ? 176 PHE A CD1 1 
ATOM   26  C CD2 . PHE A 1 4   ? 21.319  11.407  5.423   1.00 26.08 ? 176 PHE A CD2 1 
ATOM   27  C CE1 . PHE A 1 4   ? 20.524  13.595  6.939   1.00 28.50 ? 176 PHE A CE1 1 
ATOM   28  C CE2 . PHE A 1 4   ? 21.934  12.646  5.235   1.00 26.03 ? 176 PHE A CE2 1 
ATOM   29  C CZ  . PHE A 1 4   ? 21.535  13.740  5.980   1.00 26.93 ? 176 PHE A CZ  1 
ATOM   30  N N   . PHE A 1 5   ? 19.639  8.485   3.832   1.00 20.95 ? 177 PHE A N   1 
ATOM   31  C CA  . PHE A 1 5   ? 20.166  8.225   2.486   1.00 19.75 ? 177 PHE A CA  1 
ATOM   32  C C   . PHE A 1 5   ? 19.055  8.113   1.439   1.00 19.62 ? 177 PHE A C   1 
ATOM   33  O O   . PHE A 1 5   ? 19.148  8.718   0.362   1.00 17.93 ? 177 PHE A O   1 
ATOM   34  C CB  . PHE A 1 5   ? 21.043  6.967   2.503   1.00 19.58 ? 177 PHE A CB  1 
ATOM   35  C CG  . PHE A 1 5   ? 21.464  6.478   1.143   1.00 18.67 ? 177 PHE A CG  1 
ATOM   36  C CD1 . PHE A 1 5   ? 22.544  7.058   0.469   1.00 16.84 ? 177 PHE A CD1 1 
ATOM   37  C CD2 . PHE A 1 5   ? 20.788  5.414   0.535   1.00 18.40 ? 177 PHE A CD2 1 
ATOM   38  C CE1 . PHE A 1 5   ? 22.946  6.578   -0.786  1.00 16.36 ? 177 PHE A CE1 1 
ATOM   39  C CE2 . PHE A 1 5   ? 21.179  4.938   -0.718  1.00 18.09 ? 177 PHE A CE2 1 
ATOM   40  C CZ  . PHE A 1 5   ? 22.258  5.521   -1.377  1.00 18.52 ? 177 PHE A CZ  1 
ATOM   41  N N   . PHE A 1 6   ? 18.000  7.350   1.739   1.00 19.55 ? 178 PHE A N   1 
ATOM   42  C CA  . PHE A 1 6   ? 16.881  7.259   0.795   1.00 20.28 ? 178 PHE A CA  1 
ATOM   43  C C   . PHE A 1 6   ? 16.198  8.602   0.555   1.00 20.70 ? 178 PHE A C   1 
ATOM   44  O O   . PHE A 1 6   ? 15.831  8.902   -0.576  1.00 20.25 ? 178 PHE A O   1 
ATOM   45  C CB  . PHE A 1 6   ? 15.856  6.194   1.205   1.00 20.28 ? 178 PHE A CB  1 
ATOM   46  C CG  . PHE A 1 6   ? 16.340  4.782   1.036   1.00 20.44 ? 178 PHE A CG  1 
ATOM   47  C CD1 . PHE A 1 6   ? 17.227  4.443   0.011   1.00 21.15 ? 178 PHE A CD1 1 
ATOM   48  C CD2 . PHE A 1 6   ? 15.893  3.781   1.896   1.00 21.46 ? 178 PHE A CD2 1 
ATOM   49  C CE1 . PHE A 1 6   ? 17.677  3.125   -0.142  1.00 20.85 ? 178 PHE A CE1 1 
ATOM   50  C CE2 . PHE A 1 6   ? 16.333  2.455   1.749   1.00 21.60 ? 178 PHE A CE2 1 
ATOM   51  C CZ  . PHE A 1 6   ? 17.233  2.131   0.729   1.00 21.43 ? 178 PHE A CZ  1 
ATOM   52  N N   . ARG A 1 7   ? 16.046  9.413   1.609   1.00 21.74 ? 179 ARG A N   1 
ATOM   53  C CA  . ARG A 1 7   ? 15.498  10.761  1.464   1.00 22.78 ? 179 ARG A CA  1 
ATOM   54  C C   . ARG A 1 7   ? 16.385  11.599  0.543   1.00 22.58 ? 179 ARG A C   1 
ATOM   55  O O   . ARG A 1 7   ? 15.884  12.270  -0.362  1.00 23.02 ? 179 ARG A O   1 
ATOM   56  C CB  . ARG A 1 7   ? 15.316  11.466  2.818   1.00 23.08 ? 179 ARG A CB  1 
ATOM   57  C CG  . ARG A 1 7   ? 14.367  12.670  2.746   1.00 26.23 ? 179 ARG A CG  1 
ATOM   58  C CD  . ARG A 1 7   ? 13.924  13.256  4.098   1.00 30.01 ? 179 ARG A CD  1 
ATOM   59  N NE  . ARG A 1 7   ? 13.077  12.348  4.879   1.00 33.04 ? 179 ARG A NE  1 
ATOM   60  C CZ  . ARG A 1 7   ? 11.759  12.474  5.033   1.00 35.05 ? 179 ARG A CZ  1 
ATOM   61  N NH1 . ARG A 1 7   ? 11.097  13.461  4.448   1.00 36.11 ? 179 ARG A NH1 1 
ATOM   62  N NH2 . ARG A 1 7   ? 11.093  11.597  5.773   1.00 36.18 ? 179 ARG A NH2 1 
ATOM   63  N N   . ARG A 1 8   ? 17.699  11.528  0.768   1.00 22.73 ? 180 ARG A N   1 
ATOM   64  C CA  . ARG A 1 8   ? 18.679  12.239  -0.064  1.00 22.51 ? 180 ARG A CA  1 
ATOM   65  C C   . ARG A 1 8   ? 18.580  11.843  -1.528  1.00 22.78 ? 180 ARG A C   1 
ATOM   66  O O   . ARG A 1 8   ? 18.690  12.691  -2.414  1.00 23.20 ? 180 ARG A O   1 
ATOM   67  C CB  . ARG A 1 8   ? 20.108  11.967  0.427   1.00 22.50 ? 180 ARG A CB  1 
ATOM   68  C CG  . ARG A 1 8   ? 20.535  12.762  1.658   1.00 22.52 ? 180 ARG A CG  1 
ATOM   69  C CD  . ARG A 1 8   ? 21.038  14.174  1.377   1.00 21.70 ? 180 ARG A CD  1 
ATOM   70  N NE  . ARG A 1 8   ? 21.940  14.225  0.220   1.00 20.98 ? 180 ARG A NE  1 
ATOM   71  C CZ  . ARG A 1 8   ? 21.874  15.120  -0.749  1.00 21.06 ? 180 ARG A CZ  1 
ATOM   72  N NH1 . ARG A 1 8   ? 20.948  16.075  -0.723  1.00 22.58 ? 180 ARG A NH1 1 
ATOM   73  N NH2 . ARG A 1 8   ? 22.735  15.063  -1.757  1.00 20.22 ? 180 ARG A NH2 1 
ATOM   74  N N   . MET A 1 9   ? 18.376  10.549  -1.779  1.00 22.45 ? 181 MET A N   1 
ATOM   75  C CA  . MET A 1 9   ? 18.424  10.003  -3.132  1.00 22.74 ? 181 MET A CA  1 
ATOM   76  C C   . MET A 1 9   ? 17.071  9.982   -3.847  1.00 22.95 ? 181 MET A C   1 
ATOM   77  O O   . MET A 1 9   ? 17.023  9.758   -5.055  1.00 22.08 ? 181 MET A O   1 
ATOM   78  C CB  . MET A 1 9   ? 19.010  8.588   -3.124  1.00 22.49 ? 181 MET A CB  1 
ATOM   79  C CG  . MET A 1 9   ? 20.394  8.489   -2.527  1.00 24.02 ? 181 MET A CG  1 
ATOM   80  S SD  . MET A 1 9   ? 21.636  9.147   -3.670  1.00 27.61 ? 181 MET A SD  1 
ATOM   81  C CE  . MET A 1 9   ? 21.882  7.732   -4.671  1.00 28.15 ? 181 MET A CE  1 
ATOM   82  N N   . SER A 1 10  ? 15.986  10.193  -3.098  1.00 24.27 ? 182 SER A N   1 
ATOM   83  C CA  . SER A 1 10  ? 14.628  10.123  -3.660  1.00 25.73 ? 182 SER A CA  1 
ATOM   84  C C   . SER A 1 10  ? 14.371  11.190  -4.729  1.00 26.20 ? 182 SER A C   1 
ATOM   85  O O   . SER A 1 10  ? 14.662  12.374  -4.508  1.00 27.13 ? 182 SER A O   1 
ATOM   86  C CB  . SER A 1 10  ? 13.572  10.216  -2.553  1.00 25.73 ? 182 SER A CB  1 
ATOM   87  O OG  . SER A 1 10  ? 13.582  11.498  -1.946  1.00 28.14 ? 182 SER A OG  1 
ATOM   88  N N   . PRO A 1 11  ? 13.806  10.784  -5.868  1.00 26.40 ? 183 PRO A N   1 
ATOM   89  C CA  . PRO A 1 11  ? 13.606  11.704  -6.996  1.00 26.76 ? 183 PRO A CA  1 
ATOM   90  C C   . PRO A 1 11  ? 12.544  12.767  -6.701  1.00 27.04 ? 183 PRO A C   1 
ATOM   91  O O   . PRO A 1 11  ? 11.673  12.540  -5.859  1.00 27.30 ? 183 PRO A O   1 
ATOM   92  C CB  . PRO A 1 11  ? 13.157  10.783  -8.137  1.00 27.01 ? 183 PRO A CB  1 
ATOM   93  C CG  . PRO A 1 11  ? 12.606  9.550   -7.477  1.00 26.48 ? 183 PRO A CG  1 
ATOM   94  C CD  . PRO A 1 11  ? 13.293  9.427   -6.154  1.00 26.01 ? 183 PRO A CD  1 
ATOM   95  N N   . ALA A 1 12  ? 12.644  13.915  -7.369  1.00 27.58 ? 184 ALA A N   1 
ATOM   96  C CA  . ALA A 1 12  ? 11.622  14.961  -7.273  1.00 28.15 ? 184 ALA A CA  1 
ATOM   97  C C   . ALA A 1 12  ? 10.287  14.488  -7.842  1.00 28.15 ? 184 ALA A C   1 
ATOM   98  O O   . ALA A 1 12  ? 9.233   14.752  -7.263  1.00 29.08 ? 184 ALA A O   1 
ATOM   99  C CB  . ALA A 1 12  ? 12.082  16.233  -7.980  1.00 28.09 ? 184 ALA A CB  1 
ATOM   100 N N   . ASP A 1 13  ? 10.349  13.790  -8.975  1.00 28.08 ? 185 ASP A N   1 
ATOM   101 C CA  . ASP A 1 13  ? 9.173   13.223  -9.620  1.00 27.51 ? 185 ASP A CA  1 
ATOM   102 C C   . ASP A 1 13  ? 9.023   11.752  -9.228  1.00 26.25 ? 185 ASP A C   1 
ATOM   103 O O   . ASP A 1 13  ? 9.709   10.878  -9.761  1.00 25.96 ? 185 ASP A O   1 
ATOM   104 C CB  . ASP A 1 13  ? 9.279   13.368  -11.142 1.00 27.88 ? 185 ASP A CB  1 
ATOM   105 C CG  . ASP A 1 13  ? 7.951   13.153  -11.852 1.00 30.09 ? 185 ASP A CG  1 
ATOM   106 O OD1 . ASP A 1 13  ? 6.986   12.670  -11.220 1.00 30.45 ? 185 ASP A OD1 1 
ATOM   107 O OD2 . ASP A 1 13  ? 7.778   13.432  -13.060 1.00 32.81 ? 185 ASP A OD2 1 
ATOM   108 N N   . LYS A 1 14  ? 8.106   11.496  -8.302  1.00 25.43 ? 186 LYS A N   1 
ATOM   109 C CA  . LYS A 1 14  ? 7.906   10.161  -7.751  1.00 24.32 ? 186 LYS A CA  1 
ATOM   110 C C   . LYS A 1 14  ? 6.804   9.389   -8.479  1.00 23.96 ? 186 LYS A C   1 
ATOM   111 O O   . LYS A 1 14  ? 6.356   8.346   -8.006  1.00 23.30 ? 186 LYS A O   1 
ATOM   112 C CB  . LYS A 1 14  ? 7.591   10.255  -6.257  1.00 24.00 ? 186 LYS A CB  1 
ATOM   113 C CG  . LYS A 1 14  ? 8.714   10.883  -5.429  1.00 23.50 ? 186 LYS A CG  1 
ATOM   114 C CD  . LYS A 1 14  ? 8.438   10.765  -3.948  1.00 22.64 ? 186 LYS A CD  1 
ATOM   115 C CE  . LYS A 1 14  ? 9.568   11.365  -3.139  1.00 22.08 ? 186 LYS A CE  1 
ATOM   116 N NZ  . LYS A 1 14  ? 9.323   11.187  -1.671  1.00 21.27 ? 186 LYS A NZ  1 
ATOM   117 N N   . ARG A 1 15  ? 6.386   9.889   -9.637  1.00 23.78 ? 187 ARG A N   1 
ATOM   118 C CA  . ARG A 1 15  ? 5.239   9.308   -10.341 1.00 23.42 ? 187 ARG A CA  1 
ATOM   119 C C   . ARG A 1 15  ? 5.428   7.837   -10.712 1.00 22.44 ? 187 ARG A C   1 
ATOM   120 O O   . ARG A 1 15  ? 4.518   7.033   -10.516 1.00 21.85 ? 187 ARG A O   1 
ATOM   121 C CB  . ARG A 1 15  ? 4.857   10.149  -11.565 1.00 24.21 ? 187 ARG A CB  1 
ATOM   122 C CG  . ARG A 1 15  ? 4.013   11.374  -11.217 1.00 27.19 ? 187 ARG A CG  1 
ATOM   123 C CD  . ARG A 1 15  ? 3.304   12.006  -12.408 1.00 32.22 ? 187 ARG A CD  1 
ATOM   124 N NE  . ARG A 1 15  ? 4.235   12.659  -13.325 1.00 35.84 ? 187 ARG A NE  1 
ATOM   125 C CZ  . ARG A 1 15  ? 3.883   13.559  -14.237 1.00 37.38 ? 187 ARG A CZ  1 
ATOM   126 N NH1 . ARG A 1 15  ? 2.611   13.928  -14.359 1.00 38.02 ? 187 ARG A NH1 1 
ATOM   127 N NH2 . ARG A 1 15  ? 4.806   14.094  -15.028 1.00 38.59 ? 187 ARG A NH2 1 
ATOM   128 N N   . LYS A 1 16  ? 6.609   7.489   -11.233 1.00 21.23 ? 188 LYS A N   1 
ATOM   129 C CA  . LYS A 1 16  ? 6.910   6.102   -11.578 1.00 20.56 ? 188 LYS A CA  1 
ATOM   130 C C   . LYS A 1 16  ? 6.920   5.208   -10.344 1.00 19.28 ? 188 LYS A C   1 
ATOM   131 O O   . LYS A 1 16  ? 6.400   4.095   -10.381 1.00 19.16 ? 188 LYS A O   1 
ATOM   132 C CB  . LYS A 1 16  ? 8.252   5.993   -12.304 1.00 20.75 ? 188 LYS A CB  1 
ATOM   133 C CG  . LYS A 1 16  ? 8.198   6.438   -13.742 1.00 21.94 ? 188 LYS A CG  1 
ATOM   134 C CD  . LYS A 1 16  ? 9.553   6.299   -14.395 1.00 24.42 ? 188 LYS A CD  1 
ATOM   135 C CE  . LYS A 1 16  ? 9.711   7.289   -15.535 1.00 27.11 ? 188 LYS A CE  1 
ATOM   136 N NZ  . LYS A 1 16  ? 10.596  8.426   -15.161 1.00 30.21 ? 188 LYS A NZ  1 
ATOM   137 N N   . LEU A 1 17  ? 7.504   5.700   -9.255  1.00 18.20 ? 189 LEU A N   1 
ATOM   138 C CA  . LEU A 1 17  ? 7.512   4.954   -7.997  1.00 17.20 ? 189 LEU A CA  1 
ATOM   139 C C   . LEU A 1 17  ? 6.095   4.765   -7.460  1.00 16.93 ? 189 LEU A C   1 
ATOM   140 O O   . LEU A 1 17  ? 5.738   3.680   -7.003  1.00 16.10 ? 189 LEU A O   1 
ATOM   141 C CB  . LEU A 1 17  ? 8.382   5.659   -6.947  1.00 17.12 ? 189 LEU A CB  1 
ATOM   142 C CG  . LEU A 1 17  ? 9.890   5.430   -7.073  1.00 17.58 ? 189 LEU A CG  1 
ATOM   143 C CD1 . LEU A 1 17  ? 10.652  6.486   -6.295  1.00 17.24 ? 189 LEU A CD1 1 
ATOM   144 C CD2 . LEU A 1 17  ? 10.271  4.033   -6.602  1.00 17.64 ? 189 LEU A CD2 1 
ATOM   145 N N   . LEU A 1 18  ? 5.291   5.822   -7.528  1.00 16.72 ? 190 LEU A N   1 
ATOM   146 C CA  . LEU A 1 18  ? 3.895   5.740   -7.095  1.00 16.78 ? 190 LEU A CA  1 
ATOM   147 C C   . LEU A 1 18  ? 3.113   4.723   -7.924  1.00 17.06 ? 190 LEU A C   1 
ATOM   148 O O   . LEU A 1 18  ? 2.285   3.992   -7.386  1.00 16.74 ? 190 LEU A O   1 
ATOM   149 C CB  . LEU A 1 18  ? 3.225   7.118   -7.109  1.00 16.83 ? 190 LEU A CB  1 
ATOM   150 C CG  . LEU A 1 18  ? 3.694   8.022   -5.956  1.00 16.44 ? 190 LEU A CG  1 
ATOM   151 C CD1 . LEU A 1 18  ? 3.215   9.444   -6.179  1.00 18.02 ? 190 LEU A CD1 1 
ATOM   152 C CD2 . LEU A 1 18  ? 3.272   7.493   -4.573  1.00 17.39 ? 190 LEU A CD2 1 
ATOM   153 N N   . ASP A 1 19  ? 3.385   4.671   -9.227  1.00 17.15 ? 191 ASP A N   1 
ATOM   154 C CA  . ASP A 1 19  ? 2.789   3.655   -10.098 1.00 17.90 ? 191 ASP A CA  1 
ATOM   155 C C   . ASP A 1 19  ? 3.136   2.245   -9.626  1.00 16.92 ? 191 ASP A C   1 
ATOM   156 O O   . ASP A 1 19  ? 2.251   1.386   -9.533  1.00 16.76 ? 191 ASP A O   1 
ATOM   157 C CB  . ASP A 1 19  ? 3.252   3.843   -11.545 1.00 19.09 ? 191 ASP A CB  1 
ATOM   158 C CG  . ASP A 1 19  ? 2.498   4.946   -12.273 1.00 22.91 ? 191 ASP A CG  1 
ATOM   159 O OD1 . ASP A 1 19  ? 1.444   5.402   -11.782 1.00 27.95 ? 191 ASP A OD1 1 
ATOM   160 O OD2 . ASP A 1 19  ? 2.883   5.407   -13.364 1.00 27.94 ? 191 ASP A OD2 1 
ATOM   161 N N   . GLU A 1 20  ? 4.420   2.012   -9.332  1.00 15.87 ? 192 GLU A N   1 
ATOM   162 C CA  . GLU A 1 20  ? 4.872   0.710   -8.844  1.00 15.61 ? 192 GLU A CA  1 
ATOM   163 C C   . GLU A 1 20  ? 4.195   0.378   -7.507  1.00 14.90 ? 192 GLU A C   1 
ATOM   164 O O   . GLU A 1 20  ? 3.786   -0.754  -7.287  1.00 15.46 ? 192 GLU A O   1 
ATOM   165 C CB  . GLU A 1 20  ? 6.396   0.677   -8.674  1.00 15.91 ? 192 GLU A CB  1 
ATOM   166 C CG  . GLU A 1 20  ? 7.197   0.754   -9.971  1.00 17.93 ? 192 GLU A CG  1 
ATOM   167 C CD  . GLU A 1 20  ? 8.695   0.792   -9.717  1.00 23.88 ? 192 GLU A CD  1 
ATOM   168 O OE1 . GLU A 1 20  ? 9.117   1.511   -8.787  1.00 23.83 ? 192 GLU A OE1 1 
ATOM   169 O OE2 . GLU A 1 20  ? 9.446   0.100   -10.442 1.00 26.82 ? 192 GLU A OE2 1 
ATOM   170 N N   . LEU A 1 21  ? 4.084   1.367   -6.621  1.00 14.25 ? 193 LEU A N   1 
ATOM   171 C CA  . LEU A 1 21  ? 3.484   1.145   -5.297  1.00 14.12 ? 193 LEU A CA  1 
ATOM   172 C C   . LEU A 1 21  ? 1.996   0.815   -5.407  1.00 14.30 ? 193 LEU A C   1 
ATOM   173 O O   . LEU A 1 21  ? 1.477   -0.025  -4.663  1.00 14.37 ? 193 LEU A O   1 
ATOM   174 C CB  . LEU A 1 21  ? 3.700   2.356   -4.368  1.00 14.02 ? 193 LEU A CB  1 
ATOM   175 C CG  . LEU A 1 21  ? 5.131   2.555   -3.839  1.00 14.06 ? 193 LEU A CG  1 
ATOM   176 C CD1 . LEU A 1 21  ? 5.349   3.985   -3.398  1.00 14.84 ? 193 LEU A CD1 1 
ATOM   177 C CD2 . LEU A 1 21  ? 5.444   1.593   -2.695  1.00 14.86 ? 193 LEU A CD2 1 
ATOM   178 N N   . ARG A 1 22  ? 1.321   1.470   -6.346  1.00 14.50 ? 194 ARG A N   1 
ATOM   179 C CA  . ARG A 1 22  ? -0.085  1.181   -6.634  1.00 15.59 ? 194 ARG A CA  1 
ATOM   180 C C   . ARG A 1 22  ? -0.279  -0.259  -7.093  1.00 15.17 ? 194 ARG A C   1 
ATOM   181 O O   . ARG A 1 22  ? -1.199  -0.950  -6.636  1.00 15.25 ? 194 ARG A O   1 
ATOM   182 C CB  . ARG A 1 22  ? -0.623  2.136   -7.700  1.00 15.83 ? 194 ARG A CB  1 
ATOM   183 C CG  . ARG A 1 22  ? -1.133  3.449   -7.150  1.00 19.69 ? 194 ARG A CG  1 
ATOM   184 C CD  . ARG A 1 22  ? -1.901  4.284   -8.183  1.00 22.55 ? 194 ARG A CD  1 
ATOM   185 N NE  . ARG A 1 22  ? -0.990  4.967   -9.104  1.00 28.61 ? 194 ARG A NE  1 
ATOM   186 C CZ  . ARG A 1 22  ? -0.437  6.155   -8.875  1.00 30.01 ? 194 ARG A CZ  1 
ATOM   187 N NH1 . ARG A 1 22  ? -0.697  6.811   -7.755  1.00 33.07 ? 194 ARG A NH1 1 
ATOM   188 N NH2 . ARG A 1 22  ? 0.377   6.695   -9.770  1.00 32.04 ? 194 ARG A NH2 1 
ATOM   189 N N   . SER A 1 23  ? 0.587   -0.696  -8.007  1.00 14.90 ? 195 SER A N   1 
ATOM   190 C CA  . SER A 1 23  ? 0.563   -2.055  -8.531  1.00 14.87 ? 195 SER A CA  1 
ATOM   191 C C   . SER A 1 23  ? 0.755   -3.082  -7.423  1.00 14.45 ? 195 SER A C   1 
ATOM   192 O O   . SER A 1 23  ? 0.017   -4.061  -7.358  1.00 14.14 ? 195 SER A O   1 
ATOM   193 C CB  . SER A 1 23  ? 1.633   -2.239  -9.608  1.00 15.17 ? 195 SER A CB  1 
ATOM   194 O OG  A SER A 1 23  ? 1.603   -3.564  -10.119 0.50 15.36 ? 195 SER A OG  1 
ATOM   195 O OG  B SER A 1 23  ? 1.355   -1.419  -10.733 0.50 16.11 ? 195 SER A OG  1 
ATOM   196 N N   . ILE A 1 24  ? 1.736   -2.853  -6.544  1.00 14.20 ? 196 ILE A N   1 
ATOM   197 C CA  . ILE A 1 24  ? 1.963   -3.763  -5.425  1.00 13.34 ? 196 ILE A CA  1 
ATOM   198 C C   . ILE A 1 24  ? 0.756   -3.773  -4.475  1.00 13.42 ? 196 ILE A C   1 
ATOM   199 O O   . ILE A 1 24  ? 0.315   -4.848  -4.049  1.00 13.84 ? 196 ILE A O   1 
ATOM   200 C CB  . ILE A 1 24  ? 3.280   -3.433  -4.653  1.00 13.32 ? 196 ILE A CB  1 
ATOM   201 C CG1 . ILE A 1 24  ? 4.504   -3.523  -5.567  1.00 12.96 ? 196 ILE A CG1 1 
ATOM   202 C CG2 . ILE A 1 24  ? 3.451   -4.393  -3.494  1.00 11.81 ? 196 ILE A CG2 1 
ATOM   203 C CD1 . ILE A 1 24  ? 5.804   -2.935  -4.957  1.00 12.18 ? 196 ILE A CD1 1 
ATOM   204 N N   . TYR A 1 25  ? 0.202   -2.600  -4.174  1.00 13.30 ? 197 TYR A N   1 
ATOM   205 C CA  . TYR A 1 25  ? -0.911  -2.520  -3.230  1.00 13.72 ? 197 TYR A CA  1 
ATOM   206 C C   . TYR A 1 25  ? -2.135  -3.234  -3.796  1.00 14.00 ? 197 TYR A C   1 
ATOM   207 O O   . TYR A 1 25  ? -2.862  -3.901  -3.066  1.00 13.80 ? 197 TYR A O   1 
ATOM   208 C CB  . TYR A 1 25  ? -1.234  -1.073  -2.856  1.00 13.92 ? 197 TYR A CB  1 
ATOM   209 C CG  . TYR A 1 25  ? -2.017  -0.958  -1.565  1.00 14.67 ? 197 TYR A CG  1 
ATOM   210 C CD1 . TYR A 1 25  ? -3.417  -0.985  -1.569  1.00 13.89 ? 197 TYR A CD1 1 
ATOM   211 C CD2 . TYR A 1 25  ? -1.362  -0.845  -0.337  1.00 17.63 ? 197 TYR A CD2 1 
ATOM   212 C CE1 . TYR A 1 25  ? -4.146  -0.885  -0.378  1.00 14.60 ? 197 TYR A CE1 1 
ATOM   213 C CE2 . TYR A 1 25  ? -2.077  -0.754  0.850   1.00 18.04 ? 197 TYR A CE2 1 
ATOM   214 C CZ  . TYR A 1 25  ? -3.464  -0.777  0.824   1.00 16.86 ? 197 TYR A CZ  1 
ATOM   215 O OH  . TYR A 1 25  ? -4.173  -0.697  2.003   1.00 19.16 ? 197 TYR A OH  1 
ATOM   216 N N   . ARG A 1 26  ? -2.332  -3.128  -5.106  1.00 13.66 ? 198 ARG A N   1 
ATOM   217 C CA  . ARG A 1 26  ? -3.371  -3.915  -5.771  1.00 14.84 ? 198 ARG A CA  1 
ATOM   218 C C   . ARG A 1 26  ? -3.271  -5.414  -5.472  1.00 15.16 ? 198 ARG A C   1 
ATOM   219 O O   . ARG A 1 26  ? -4.282  -6.051  -5.145  1.00 15.65 ? 198 ARG A O   1 
ATOM   220 C CB  . ARG A 1 26  ? -3.353  -3.677  -7.282  1.00 14.21 ? 198 ARG A CB  1 
ATOM   221 C CG  . ARG A 1 26  ? -4.378  -4.535  -8.019  1.00 15.64 ? 198 ARG A CG  1 
ATOM   222 C CD  . ARG A 1 26  ? -4.511  -4.298  -9.520  1.00 18.06 ? 198 ARG A CD  1 
ATOM   223 N NE  A ARG A 1 26  ? -5.749  -4.908  -10.014 0.50 16.67 ? 198 ARG A NE  1 
ATOM   224 N NE  B ARG A 1 26  ? -5.077  -5.470  -10.208 0.50 16.94 ? 198 ARG A NE  1 
ATOM   225 C CZ  A ARG A 1 26  ? -6.940  -4.319  -10.064 0.50 16.10 ? 198 ARG A CZ  1 
ATOM   226 C CZ  B ARG A 1 26  ? -4.401  -6.547  -10.615 0.50 15.76 ? 198 ARG A CZ  1 
ATOM   227 N NH1 A ARG A 1 26  ? -7.112  -3.061  -9.663  0.50 15.25 ? 198 ARG A NH1 1 
ATOM   228 N NH1 B ARG A 1 26  ? -3.091  -6.666  -10.421 0.50 16.18 ? 198 ARG A NH1 1 
ATOM   229 N NH2 A ARG A 1 26  ? -7.976  -5.002  -10.525 0.50 15.22 ? 198 ARG A NH2 1 
ATOM   230 N NH2 B ARG A 1 26  ? -5.053  -7.534  -11.214 0.50 12.34 ? 198 ARG A NH2 1 
ATOM   231 N N   . THR A 1 27  ? -2.066  -5.973  -5.587  1.00 15.80 ? 199 THR A N   1 
ATOM   232 C CA  . THR A 1 27  ? -1.874  -7.402  -5.346  1.00 17.28 ? 199 THR A CA  1 
ATOM   233 C C   . THR A 1 27  ? -2.096  -7.737  -3.878  1.00 17.63 ? 199 THR A C   1 
ATOM   234 O O   . THR A 1 27  ? -2.615  -8.801  -3.567  1.00 18.29 ? 199 THR A O   1 
ATOM   235 C CB  . THR A 1 27  ? -0.497  -7.912  -5.796  1.00 17.51 ? 199 THR A CB  1 
ATOM   236 O OG1 . THR A 1 27  ? 0.532   -7.330  -4.988  1.00 20.80 ? 199 THR A OG1 1 
ATOM   237 C CG2 . THR A 1 27  ? -0.166  -7.443  -7.197  1.00 16.54 ? 199 THR A CG2 1 
ATOM   238 N N   . ILE A 1 28  ? -1.706  -6.827  -2.985  1.00 18.14 ? 200 ILE A N   1 
ATOM   239 C CA  . ILE A 1 28  ? -1.939  -7.035  -1.550  1.00 18.76 ? 200 ILE A CA  1 
ATOM   240 C C   . ILE A 1 28  ? -3.432  -7.180  -1.262  1.00 19.47 ? 200 ILE A C   1 
ATOM   241 O O   . ILE A 1 28  ? -3.852  -8.107  -0.554  1.00 20.12 ? 200 ILE A O   1 
ATOM   242 C CB  . ILE A 1 28  ? -1.359  -5.884  -0.695  1.00 18.72 ? 200 ILE A CB  1 
ATOM   243 C CG1 . ILE A 1 28  ? 0.168   -5.834  -0.810  1.00 18.74 ? 200 ILE A CG1 1 
ATOM   244 C CG2 . ILE A 1 28  ? -1.814  -6.029  0.770   1.00 18.94 ? 200 ILE A CG2 1 
ATOM   245 C CD1 . ILE A 1 28  ? 0.790   -4.580  -0.205  1.00 18.13 ? 200 ILE A CD1 1 
ATOM   246 N N   . VAL A 1 29  ? -4.222  -6.257  -1.795  1.00 19.62 ? 201 VAL A N   1 
ATOM   247 C CA  . VAL A 1 29  ? -5.666  -6.284  -1.580  1.00 20.11 ? 201 VAL A CA  1 
ATOM   248 C C   . VAL A 1 29  ? -6.258  -7.574  -2.139  1.00 20.60 ? 201 VAL A C   1 
ATOM   249 O O   . VAL A 1 29  ? -7.025  -8.262  -1.442  1.00 19.91 ? 201 VAL A O   1 
ATOM   250 C CB  . VAL A 1 29  ? -6.359  -5.036  -2.146  1.00 19.95 ? 201 VAL A CB  1 
ATOM   251 C CG1 . VAL A 1 29  ? -7.878  -5.182  -2.075  1.00 20.68 ? 201 VAL A CG1 1 
ATOM   252 C CG2 . VAL A 1 29  ? -5.930  -3.815  -1.353  1.00 20.53 ? 201 VAL A CG2 1 
ATOM   253 N N   . LEU A 1 30  ? -5.879  -7.921  -3.371  1.00 21.03 ? 202 LEU A N   1 
ATOM   254 C CA  . LEU A 1 30  ? -6.385  -9.147  -3.995  1.00 22.29 ? 202 LEU A CA  1 
ATOM   255 C C   . LEU A 1 30  ? -6.023  -10.407 -3.198  1.00 23.31 ? 202 LEU A C   1 
ATOM   256 O O   . LEU A 1 30  ? -6.784  -11.373 -3.179  1.00 23.82 ? 202 LEU A O   1 
ATOM   257 C CB  . LEU A 1 30  ? -5.886  -9.280  -5.442  1.00 22.07 ? 202 LEU A CB  1 
ATOM   258 C CG  . LEU A 1 30  ? -6.474  -8.325  -6.479  1.00 22.12 ? 202 LEU A CG  1 
ATOM   259 C CD1 . LEU A 1 30  ? -5.646  -8.392  -7.743  1.00 21.12 ? 202 LEU A CD1 1 
ATOM   260 C CD2 . LEU A 1 30  ? -7.937  -8.640  -6.771  1.00 22.36 ? 202 LEU A CD2 1 
ATOM   261 N N   . GLU A 1 31  ? -4.867  -10.391 -2.544  1.00 24.62 ? 203 GLU A N   1 
ATOM   262 C CA  . GLU A 1 31  ? -4.371  -11.554 -1.818  1.00 26.26 ? 203 GLU A CA  1 
ATOM   263 C C   . GLU A 1 31  ? -4.746  -11.579 -0.332  1.00 27.00 ? 203 GLU A C   1 
ATOM   264 O O   . GLU A 1 31  ? -4.570  -12.610 0.321   1.00 27.30 ? 203 GLU A O   1 
ATOM   265 C CB  . GLU A 1 31  ? -2.849  -11.635 -1.933  1.00 26.59 ? 203 GLU A CB  1 
ATOM   266 C CG  . GLU A 1 31  ? -2.329  -12.156 -3.264  1.00 28.86 ? 203 GLU A CG  1 
ATOM   267 C CD  . GLU A 1 31  ? -0.811  -12.123 -3.344  1.00 31.92 ? 203 GLU A CD  1 
ATOM   268 O OE1 . GLU A 1 31  ? -0.156  -11.917 -2.302  1.00 33.87 ? 203 GLU A OE1 1 
ATOM   269 O OE2 . GLU A 1 31  ? -0.263  -12.302 -4.453  1.00 35.38 ? 203 GLU A OE2 1 
ATOM   270 N N   . TYR A 1 32  ? -5.227  -10.455 0.203   1.00 27.75 ? 204 TYR A N   1 
ATOM   271 C CA  . TYR A 1 32  ? -5.499  -10.350 1.641   1.00 28.71 ? 204 TYR A CA  1 
ATOM   272 C C   . TYR A 1 32  ? -6.736  -11.135 2.043   1.00 30.34 ? 204 TYR A C   1 
ATOM   273 O O   . TYR A 1 32  ? -7.709  -11.199 1.292   1.00 30.52 ? 204 TYR A O   1 
ATOM   274 C CB  . TYR A 1 32  ? -5.636  -8.894  2.093   1.00 27.82 ? 204 TYR A CB  1 
ATOM   275 C CG  . TYR A 1 32  ? -5.185  -8.655  3.528   1.00 25.93 ? 204 TYR A CG  1 
ATOM   276 C CD1 . TYR A 1 32  ? -3.858  -8.339  3.816   1.00 23.25 ? 204 TYR A CD1 1 
ATOM   277 C CD2 . TYR A 1 32  ? -6.090  -8.734  4.589   1.00 23.86 ? 204 TYR A CD2 1 
ATOM   278 C CE1 . TYR A 1 32  ? -3.437  -8.118  5.126   1.00 23.25 ? 204 TYR A CE1 1 
ATOM   279 C CE2 . TYR A 1 32  ? -5.680  -8.509  5.909   1.00 22.50 ? 204 TYR A CE2 1 
ATOM   280 C CZ  . TYR A 1 32  ? -4.350  -8.199  6.169   1.00 22.51 ? 204 TYR A CZ  1 
ATOM   281 O OH  . TYR A 1 32  ? -3.932  -7.972  7.466   1.00 21.21 ? 204 TYR A OH  1 
ATOM   282 N N   . PHE A 1 33  ? -6.683  -11.717 3.243   1.00 32.54 ? 205 PHE A N   1 
ATOM   283 C CA  . PHE A 1 33  ? -7.735  -12.589 3.784   1.00 34.41 ? 205 PHE A CA  1 
ATOM   284 C C   . PHE A 1 33  ? -7.657  -14.002 3.209   1.00 35.88 ? 205 PHE A C   1 
ATOM   285 O O   . PHE A 1 33  ? -8.190  -14.954 3.792   1.00 36.15 ? 205 PHE A O   1 
ATOM   286 C CB  . PHE A 1 33  ? -9.138  -11.996 3.581   1.00 34.07 ? 205 PHE A CB  1 
ATOM   287 C CG  . PHE A 1 33  ? -9.338  -10.662 4.241   1.00 34.03 ? 205 PHE A CG  1 
ATOM   288 C CD1 . PHE A 1 33  ? -9.796  -9.576  3.505   1.00 32.84 ? 205 PHE A CD1 1 
ATOM   289 C CD2 . PHE A 1 33  ? -9.073  -10.489 5.599   1.00 33.58 ? 205 PHE A CD2 1 
ATOM   290 C CE1 . PHE A 1 33  ? -9.987  -8.341  4.103   1.00 33.75 ? 205 PHE A CE1 1 
ATOM   291 C CE2 . PHE A 1 33  ? -9.259  -9.259  6.206   1.00 33.85 ? 205 PHE A CE2 1 
ATOM   292 C CZ  . PHE A 1 33  ? -9.718  -8.184  5.463   1.00 34.33 ? 205 PHE A CZ  1 
ATOM   293 N N   . ASN A 1 34  ? -6.973  -14.125 2.074   1.00 37.49 ? 206 ASN A N   1 
ATOM   294 C CA  . ASN A 1 34  ? -6.792  -15.385 1.365   1.00 39.02 ? 206 ASN A CA  1 
ATOM   295 C C   . ASN A 1 34  ? -5.635  -16.227 1.905   1.00 39.68 ? 206 ASN A C   1 
ATOM   296 O O   . ASN A 1 34  ? -4.482  -15.778 1.915   1.00 39.78 ? 206 ASN A O   1 
ATOM   297 C CB  . ASN A 1 34  ? -6.557  -15.091 -0.121  1.00 39.35 ? 206 ASN A CB  1 
ATOM   298 C CG  . ASN A 1 34  ? -7.076  -16.182 -1.027  1.00 40.87 ? 206 ASN A CG  1 
ATOM   299 O OD1 . ASN A 1 34  ? -8.134  -16.040 -1.640  1.00 43.26 ? 206 ASN A OD1 1 
ATOM   300 N ND2 . ASN A 1 34  ? -6.326  -17.275 -1.132  1.00 42.46 ? 206 ASN A ND2 1 
ATOM   301 N N   . THR A 1 35  ? -5.950  -17.448 2.349   1.00 40.45 ? 207 THR A N   1 
ATOM   302 C CA  . THR A 1 35  ? -4.934  -18.453 2.686   1.00 41.08 ? 207 THR A CA  1 
ATOM   303 C C   . THR A 1 35  ? -4.266  -18.976 1.414   1.00 41.25 ? 207 THR A C   1 
ATOM   304 O O   . THR A 1 35  ? -4.808  -18.826 0.318   1.00 41.56 ? 207 THR A O   1 
ATOM   305 C CB  . THR A 1 35  ? -5.541  -19.640 3.485   1.00 41.22 ? 207 THR A CB  1 
ATOM   306 O OG1 . THR A 1 35  ? -6.954  -19.456 3.657   1.00 41.70 ? 207 THR A OG1 1 
ATOM   307 C CG2 . THR A 1 35  ? -5.014  -19.647 4.911   1.00 41.66 ? 207 THR A CG2 1 
ATOM   308 N N   . ASP A 1 36  ? -3.090  -19.585 1.571   1.00 41.33 ? 208 ASP A N   1 
ATOM   309 C CA  . ASP A 1 36  ? -2.291  -20.118 0.458   1.00 41.29 ? 208 ASP A CA  1 
ATOM   310 C C   . ASP A 1 36  ? -1.620  -19.043 -0.406  1.00 41.12 ? 208 ASP A C   1 
ATOM   311 O O   . ASP A 1 36  ? -0.727  -19.352 -1.200  1.00 41.54 ? 208 ASP A O   1 
ATOM   312 C CB  . ASP A 1 36  ? -3.096  -21.102 -0.410  1.00 41.53 ? 208 ASP A CB  1 
ATOM   313 N N   . ALA A 1 37  ? -2.050  -17.791 -0.258  1.00 40.65 ? 209 ALA A N   1 
ATOM   314 C CA  . ALA A 1 37  ? -1.349  -16.664 -0.868  1.00 39.71 ? 209 ALA A CA  1 
ATOM   315 C C   . ALA A 1 37  ? -0.355  -16.121 0.146   1.00 39.12 ? 209 ALA A C   1 
ATOM   316 O O   . ALA A 1 37  ? -0.637  -16.111 1.347   1.00 39.34 ? 209 ALA A O   1 
ATOM   317 C CB  . ALA A 1 37  ? -2.328  -15.587 -1.286  1.00 39.95 ? 209 ALA A CB  1 
ATOM   318 N N   . LYS A 1 38  ? 0.817   -15.700 -0.320  1.00 38.13 ? 210 LYS A N   1 
ATOM   319 C CA  . LYS A 1 38  ? 1.777   -15.065 0.577   1.00 37.13 ? 210 LYS A CA  1 
ATOM   320 C C   . LYS A 1 38  ? 1.688   -13.550 0.431   1.00 35.79 ? 210 LYS A C   1 
ATOM   321 O O   . LYS A 1 38  ? 2.520   -12.903 -0.218  1.00 35.77 ? 210 LYS A O   1 
ATOM   322 C CB  . LYS A 1 38  ? 3.205   -15.585 0.376   1.00 37.51 ? 210 LYS A CB  1 
ATOM   323 C CG  . LYS A 1 38  ? 4.164   -15.190 1.504   1.00 38.48 ? 210 LYS A CG  1 
ATOM   324 C CD  . LYS A 1 38  ? 4.927   -16.400 2.054   1.00 40.33 ? 210 LYS A CD  1 
ATOM   325 C CE  . LYS A 1 38  ? 5.666   -16.067 3.351   1.00 41.38 ? 210 LYS A CE  1 
ATOM   326 N NZ  . LYS A 1 38  ? 6.544   -14.862 3.229   1.00 41.88 ? 210 LYS A NZ  1 
ATOM   327 N N   . VAL A 1 39  ? 0.647   -12.998 1.039   1.00 34.05 ? 211 VAL A N   1 
ATOM   328 C CA  . VAL A 1 39  ? 0.472   -11.558 1.102   1.00 32.33 ? 211 VAL A CA  1 
ATOM   329 C C   . VAL A 1 39  ? 1.560   -10.947 1.996   1.00 31.12 ? 211 VAL A C   1 
ATOM   330 O O   . VAL A 1 39  ? 1.822   -9.753  1.930   1.00 30.55 ? 211 VAL A O   1 
ATOM   331 C CB  . VAL A 1 39  ? -0.961  -11.174 1.556   1.00 32.36 ? 211 VAL A CB  1 
ATOM   332 C CG1 . VAL A 1 39  ? -1.159  -11.399 3.061   1.00 32.28 ? 211 VAL A CG1 1 
ATOM   333 C CG2 . VAL A 1 39  ? -1.293  -9.737  1.158   1.00 32.20 ? 211 VAL A CG2 1 
ATOM   334 N N   . ASN A 1 40  ? 2.203   -11.786 2.808   1.00 29.84 ? 212 ASN A N   1 
ATOM   335 C CA  . ASN A 1 40  ? 3.296   -11.345 3.670   1.00 29.40 ? 212 ASN A CA  1 
ATOM   336 C C   . ASN A 1 40  ? 4.491   -10.851 2.853   1.00 28.22 ? 212 ASN A C   1 
ATOM   337 O O   . ASN A 1 40  ? 5.119   -9.845  3.197   1.00 27.91 ? 212 ASN A O   1 
ATOM   338 C CB  . ASN A 1 40  ? 3.711   -12.468 4.620   1.00 29.80 ? 212 ASN A CB  1 
ATOM   339 C CG  . ASN A 1 40  ? 4.977   -12.152 5.378   1.00 31.37 ? 212 ASN A CG  1 
ATOM   340 O OD1 . ASN A 1 40  ? 6.053   -12.648 5.039   1.00 35.67 ? 212 ASN A OD1 1 
ATOM   341 N ND2 . ASN A 1 40  ? 4.862   -11.327 6.410   1.00 33.08 ? 212 ASN A ND2 1 
ATOM   342 N N   . GLU A 1 41  ? 4.788   -11.567 1.768   1.00 27.23 ? 213 GLU A N   1 
ATOM   343 C CA  . GLU A 1 41  ? 5.853   -11.178 0.847   1.00 26.40 ? 213 GLU A CA  1 
ATOM   344 C C   . GLU A 1 41  ? 5.500   -9.874  0.136   1.00 24.60 ? 213 GLU A C   1 
ATOM   345 O O   . GLU A 1 41  ? 6.364   -9.025  -0.053  1.00 24.22 ? 213 GLU A O   1 
ATOM   346 C CB  . GLU A 1 41  ? 6.102   -12.278 -0.187  1.00 27.08 ? 213 GLU A CB  1 
ATOM   347 C CG  . GLU A 1 41  ? 7.203   -13.256 0.185   1.00 30.42 ? 213 GLU A CG  1 
ATOM   348 C CD  . GLU A 1 41  ? 7.262   -14.454 -0.751  1.00 34.83 ? 213 GLU A CD  1 
ATOM   349 O OE1 . GLU A 1 41  ? 6.921   -15.574 -0.309  1.00 37.36 ? 213 GLU A OE1 1 
ATOM   350 O OE2 . GLU A 1 41  ? 7.645   -14.281 -1.933  1.00 37.30 ? 213 GLU A OE2 1 
ATOM   351 N N   . ARG A 1 42  ? 4.234   -9.728  -0.252  1.00 23.20 ? 214 ARG A N   1 
ATOM   352 C CA  . ARG A 1 42  ? 3.772   -8.549  -0.996  1.00 21.85 ? 214 ARG A CA  1 
ATOM   353 C C   . ARG A 1 42  ? 3.711   -7.310  -0.109  1.00 20.45 ? 214 ARG A C   1 
ATOM   354 O O   . ARG A 1 42  ? 3.992   -6.195  -0.564  1.00 19.15 ? 214 ARG A O   1 
ATOM   355 C CB  . ARG A 1 42  ? 2.398   -8.785  -1.623  1.00 22.11 ? 214 ARG A CB  1 
ATOM   356 C CG  . ARG A 1 42  ? 2.391   -9.810  -2.732  1.00 24.24 ? 214 ARG A CG  1 
ATOM   357 C CD  . ARG A 1 42  ? 3.060   -9.335  -4.010  1.00 25.98 ? 214 ARG A CD  1 
ATOM   358 N NE  . ARG A 1 42  ? 2.662   -10.152 -5.151  1.00 30.49 ? 214 ARG A NE  1 
ATOM   359 N N   . ILE A 1 43  ? 3.326   -7.506  1.150   1.00 18.94 ? 215 ILE A N   1 
ATOM   360 C CA  . ILE A 1 43  ? 3.328   -6.396  2.097   1.00 18.12 ? 215 ILE A CA  1 
ATOM   361 C C   . ILE A 1 43  ? 4.758   -5.930  2.364   1.00 17.56 ? 215 ILE A C   1 
ATOM   362 O O   . ILE A 1 43  ? 5.021   -4.728  2.398   1.00 16.67 ? 215 ILE A O   1 
ATOM   363 C CB  . ILE A 1 43  ? 2.558   -6.753  3.400   1.00 17.96 ? 215 ILE A CB  1 
ATOM   364 C CG1 . ILE A 1 43  ? 1.045   -6.764  3.099   1.00 17.92 ? 215 ILE A CG1 1 
ATOM   365 C CG2 . ILE A 1 43  ? 2.905   -5.753  4.511   1.00 18.76 ? 215 ILE A CG2 1 
ATOM   366 C CD1 . ILE A 1 43  ? 0.127   -7.379  4.191   1.00 16.93 ? 215 ILE A CD1 1 
ATOM   367 N N   . ASP A 1 44  ? 5.684   -6.871  2.526   1.00 17.74 ? 216 ASP A N   1 
ATOM   368 C CA  . ASP A 1 44  ? 7.090   -6.506  2.705   1.00 18.13 ? 216 ASP A CA  1 
ATOM   369 C C   . ASP A 1 44  ? 7.609   -5.725  1.490   1.00 17.68 ? 216 ASP A C   1 
ATOM   370 O O   . ASP A 1 44  ? 8.321   -4.732  1.650   1.00 17.44 ? 216 ASP A O   1 
ATOM   371 C CB  . ASP A 1 44  ? 7.959   -7.752  2.947   1.00 19.17 ? 216 ASP A CB  1 
ATOM   372 C CG  . ASP A 1 44  ? 7.829   -8.304  4.360   1.00 21.96 ? 216 ASP A CG  1 
ATOM   373 O OD1 . ASP A 1 44  ? 7.185   -7.670  5.229   1.00 24.91 ? 216 ASP A OD1 1 
ATOM   374 O OD2 . ASP A 1 44  ? 8.348   -9.389  4.697   1.00 25.99 ? 216 ASP A OD2 1 
ATOM   375 N N   . GLU A 1 45  ? 7.235   -6.166  0.286   1.00 16.68 ? 217 GLU A N   1 
ATOM   376 C CA  . GLU A 1 45  ? 7.635   -5.492  -0.954  1.00 16.55 ? 217 GLU A CA  1 
ATOM   377 C C   . GLU A 1 45  ? 7.118   -4.055  -1.010  1.00 15.15 ? 217 GLU A C   1 
ATOM   378 O O   . GLU A 1 45  ? 7.835   -3.145  -1.426  1.00 14.41 ? 217 GLU A O   1 
ATOM   379 C CB  . GLU A 1 45  ? 7.146   -6.279  -2.175  1.00 17.29 ? 217 GLU A CB  1 
ATOM   380 C CG  . GLU A 1 45  ? 8.046   -7.459  -2.506  1.00 22.18 ? 217 GLU A CG  1 
ATOM   381 C CD  . GLU A 1 45  ? 7.366   -8.541  -3.329  1.00 26.63 ? 217 GLU A CD  1 
ATOM   382 O OE1 . GLU A 1 45  ? 6.463   -8.223  -4.135  1.00 29.12 ? 217 GLU A OE1 1 
ATOM   383 O OE2 . GLU A 1 45  ? 7.755   -9.721  -3.170  1.00 29.79 ? 217 GLU A OE2 1 
ATOM   384 N N   . PHE A 1 46  ? 5.874   -3.849  -0.581  1.00 13.62 ? 218 PHE A N   1 
ATOM   385 C CA  . PHE A 1 46  ? 5.299   -2.510  -0.580  1.00 13.33 ? 218 PHE A CA  1 
ATOM   386 C C   . PHE A 1 46  ? 6.026   -1.613  0.419   1.00 12.90 ? 218 PHE A C   1 
ATOM   387 O O   . PHE A 1 46  ? 6.408   -0.474  0.100   1.00 11.89 ? 218 PHE A O   1 
ATOM   388 C CB  . PHE A 1 46  ? 3.797   -2.551  -0.265  1.00 13.44 ? 218 PHE A CB  1 
ATOM   389 C CG  . PHE A 1 46  ? 3.158   -1.200  -0.244  1.00 13.82 ? 218 PHE A CG  1 
ATOM   390 C CD1 . PHE A 1 46  ? 3.209   -0.407  0.900   1.00 14.74 ? 218 PHE A CD1 1 
ATOM   391 C CD2 . PHE A 1 46  ? 2.530   -0.702  -1.380  1.00 13.04 ? 218 PHE A CD2 1 
ATOM   392 C CE1 . PHE A 1 46  ? 2.651   0.849   0.924   1.00 14.24 ? 218 PHE A CE1 1 
ATOM   393 C CE2 . PHE A 1 46  ? 1.956   0.573   -1.364  1.00 13.35 ? 218 PHE A CE2 1 
ATOM   394 C CZ  . PHE A 1 46  ? 2.016   1.343   -0.208  1.00 13.69 ? 218 PHE A CZ  1 
ATOM   395 N N   . VAL A 1 47  ? 6.208   -2.134  1.627   1.00 13.19 ? 219 VAL A N   1 
ATOM   396 C CA  . VAL A 1 47  ? 6.837   -1.378  2.711   1.00 13.80 ? 219 VAL A CA  1 
ATOM   397 C C   . VAL A 1 47  ? 8.266   -0.998  2.349   1.00 13.87 ? 219 VAL A C   1 
ATOM   398 O O   . VAL A 1 47  ? 8.665   0.149   2.523   1.00 13.29 ? 219 VAL A O   1 
ATOM   399 C CB  . VAL A 1 47  ? 6.785   -2.168  4.035   1.00 13.93 ? 219 VAL A CB  1 
ATOM   400 C CG1 . VAL A 1 47  ? 7.710   -1.559  5.075   1.00 15.52 ? 219 VAL A CG1 1 
ATOM   401 C CG2 . VAL A 1 47  ? 5.345   -2.220  4.546   1.00 14.71 ? 219 VAL A CG2 1 
ATOM   402 N N   . SER A 1 48  ? 9.017   -1.962  1.827   1.00 13.69 ? 220 SER A N   1 
ATOM   403 C CA  . SER A 1 48  ? 10.364  -1.708  1.324   1.00 14.03 ? 220 SER A CA  1 
ATOM   404 C C   . SER A 1 48  ? 10.408  -0.596  0.269   1.00 14.22 ? 220 SER A C   1 
ATOM   405 O O   . SER A 1 48  ? 11.244  0.315   0.346   1.00 14.59 ? 220 SER A O   1 
ATOM   406 C CB  . SER A 1 48  ? 10.959  -2.994  0.753   1.00 14.13 ? 220 SER A CB  1 
ATOM   407 O OG  A SER A 1 48  ? 12.270  -2.740  0.307   0.50 13.40 ? 220 SER A OG  1 
ATOM   408 O OG  B SER A 1 48  ? 11.397  -3.845  1.793   0.50 15.95 ? 220 SER A OG  1 
ATOM   409 N N   . LYS A 1 49  ? 9.510   -0.654  -0.712  1.00 13.96 ? 221 LYS A N   1 
ATOM   410 C CA  . LYS A 1 49  ? 9.476   0.376   -1.754  1.00 14.20 ? 221 LYS A CA  1 
ATOM   411 C C   . LYS A 1 49  ? 8.994   1.743   -1.242  1.00 13.67 ? 221 LYS A C   1 
ATOM   412 O O   . LYS A 1 49  ? 9.474   2.775   -1.704  1.00 13.26 ? 221 LYS A O   1 
ATOM   413 C CB  . LYS A 1 49  ? 8.632   -0.074  -2.951  1.00 14.18 ? 221 LYS A CB  1 
ATOM   414 C CG  . LYS A 1 49  ? 8.934   0.688   -4.248  1.00 16.14 ? 221 LYS A CG  1 
ATOM   415 C CD  . LYS A 1 49  ? 8.332   0.002   -5.466  1.00 19.30 ? 221 LYS A CD  1 
ATOM   416 C CE  . LYS A 1 49  ? 9.069   -1.287  -5.826  1.00 19.62 ? 221 LYS A CE  1 
ATOM   417 N NZ  . LYS A 1 49  ? 10.397  -1.060  -6.459  1.00 19.78 ? 221 LYS A NZ  1 
ATOM   418 N N   . ALA A 1 50  ? 8.048   1.744   -0.298  1.00 13.25 ? 222 ALA A N   1 
ATOM   419 C CA  . ALA A 1 50  ? 7.567   2.988   0.319   1.00 13.35 ? 222 ALA A CA  1 
ATOM   420 C C   . ALA A 1 50  ? 8.672   3.689   1.107   1.00 14.05 ? 222 ALA A C   1 
ATOM   421 O O   . ALA A 1 50  ? 8.797   4.914   1.065   1.00 14.42 ? 222 ALA A O   1 
ATOM   422 C CB  . ALA A 1 50  ? 6.359   2.721   1.224   1.00 13.37 ? 222 ALA A CB  1 
ATOM   423 N N   . PHE A 1 51  ? 9.471   2.887   1.808   1.00 14.91 ? 223 PHE A N   1 
ATOM   424 C CA  . PHE A 1 51  ? 10.609  3.363   2.594   1.00 15.37 ? 223 PHE A CA  1 
ATOM   425 C C   . PHE A 1 51  ? 11.690  3.924   1.665   1.00 15.89 ? 223 PHE A C   1 
ATOM   426 O O   . PHE A 1 51  ? 12.191  5.031   1.888   1.00 15.75 ? 223 PHE A O   1 
ATOM   427 C CB  . PHE A 1 51  ? 11.140  2.205   3.432   1.00 16.00 ? 223 PHE A CB  1 
ATOM   428 C CG  . PHE A 1 51  ? 12.209  2.579   4.415   1.00 16.89 ? 223 PHE A CG  1 
ATOM   429 C CD1 . PHE A 1 51  ? 11.904  3.292   5.573   1.00 18.86 ? 223 PHE A CD1 1 
ATOM   430 C CD2 . PHE A 1 51  ? 13.516  2.172   4.208   1.00 19.26 ? 223 PHE A CD2 1 
ATOM   431 C CE1 . PHE A 1 51  ? 12.897  3.605   6.498   1.00 18.88 ? 223 PHE A CE1 1 
ATOM   432 C CE2 . PHE A 1 51  ? 14.527  2.489   5.124   1.00 19.78 ? 223 PHE A CE2 1 
ATOM   433 C CZ  . PHE A 1 51  ? 14.216  3.209   6.267   1.00 19.34 ? 223 PHE A CZ  1 
ATOM   434 N N   . PHE A 1 52  ? 12.010  3.162   0.618   1.00 16.13 ? 224 PHE A N   1 
ATOM   435 C CA  . PHE A 1 52  ? 12.921  3.606   -0.442  1.00 16.47 ? 224 PHE A CA  1 
ATOM   436 C C   . PHE A 1 52  ? 12.473  4.919   -1.087  1.00 16.56 ? 224 PHE A C   1 
ATOM   437 O O   . PHE A 1 52  ? 13.281  5.843   -1.260  1.00 16.98 ? 224 PHE A O   1 
ATOM   438 C CB  . PHE A 1 52  ? 13.096  2.509   -1.507  1.00 16.59 ? 224 PHE A CB  1 
ATOM   439 C CG  . PHE A 1 52  ? 13.824  2.982   -2.723  1.00 16.79 ? 224 PHE A CG  1 
ATOM   440 C CD1 . PHE A 1 52  ? 15.210  3.067   -2.716  1.00 17.70 ? 224 PHE A CD1 1 
ATOM   441 C CD2 . PHE A 1 52  ? 13.126  3.402   -3.847  1.00 18.55 ? 224 PHE A CD2 1 
ATOM   442 C CE1 . PHE A 1 52  ? 15.896  3.528   -3.836  1.00 17.62 ? 224 PHE A CE1 1 
ATOM   443 C CE2 . PHE A 1 52  ? 13.813  3.878   -4.977  1.00 19.64 ? 224 PHE A CE2 1 
ATOM   444 C CZ  . PHE A 1 52  ? 15.199  3.939   -4.956  1.00 16.62 ? 224 PHE A CZ  1 
ATOM   445 N N   . ALA A 1 53  ? 11.182  5.019   -1.411  1.00 16.06 ? 225 ALA A N   1 
ATOM   446 C CA  . ALA A 1 53  ? 10.631  6.187   -2.092  1.00 16.53 ? 225 ALA A CA  1 
ATOM   447 C C   . ALA A 1 53  ? 10.411  7.401   -1.174  1.00 16.67 ? 225 ALA A C   1 
ATOM   448 O O   . ALA A 1 53  ? 10.147  8.494   -1.666  1.00 16.80 ? 225 ALA A O   1 
ATOM   449 C CB  . ALA A 1 53  ? 9.319   5.819   -2.802  1.00 16.79 ? 225 ALA A CB  1 
ATOM   450 N N   . ASP A 1 54  ? 10.525  7.183   0.138   1.00 16.81 ? 226 ASP A N   1 
ATOM   451 C CA  . ASP A 1 54  ? 10.249  8.179   1.180   1.00 17.64 ? 226 ASP A CA  1 
ATOM   452 C C   . ASP A 1 54  ? 8.895   8.879   0.953   1.00 17.17 ? 226 ASP A C   1 
ATOM   453 O O   . ASP A 1 54  ? 8.788   10.104  1.000   1.00 17.60 ? 226 ASP A O   1 
ATOM   454 C CB  . ASP A 1 54  ? 11.431  9.164   1.329   1.00 18.42 ? 226 ASP A CB  1 
ATOM   455 C CG  . ASP A 1 54  ? 11.207  10.214  2.414   1.00 20.83 ? 226 ASP A CG  1 
ATOM   456 O OD1 . ASP A 1 54  ? 10.707  9.880   3.518   1.00 23.24 ? 226 ASP A OD1 1 
ATOM   457 O OD2 . ASP A 1 54  ? 11.512  11.411  2.239   1.00 24.05 ? 226 ASP A OD2 1 
ATOM   458 N N   . ILE A 1 55  ? 7.855   8.093   0.682   1.00 16.51 ? 227 ILE A N   1 
ATOM   459 C CA  . ILE A 1 55  ? 6.523   8.685   0.561   1.00 16.34 ? 227 ILE A CA  1 
ATOM   460 C C   . ILE A 1 55  ? 5.903   8.890   1.947   1.00 16.41 ? 227 ILE A C   1 
ATOM   461 O O   . ILE A 1 55  ? 6.296   8.240   2.928   1.00 16.89 ? 227 ILE A O   1 
ATOM   462 C CB  . ILE A 1 55  ? 5.594   7.849   -0.360  1.00 16.43 ? 227 ILE A CB  1 
ATOM   463 C CG1 . ILE A 1 55  ? 5.479   6.409   0.147   1.00 15.24 ? 227 ILE A CG1 1 
ATOM   464 C CG2 . ILE A 1 55  ? 6.040   7.953   -1.839  1.00 16.83 ? 227 ILE A CG2 1 
ATOM   465 C CD1 . ILE A 1 55  ? 4.215   5.681   -0.337  1.00 15.87 ? 227 ILE A CD1 1 
ATOM   466 N N   . SER A 1 56  ? 4.942   9.804   2.023   1.00 16.50 ? 228 SER A N   1 
ATOM   467 C CA  . SER A 1 56  ? 4.271   10.102  3.282   1.00 16.26 ? 228 SER A CA  1 
ATOM   468 C C   . SER A 1 56  ? 3.193   9.071   3.568   1.00 16.24 ? 228 SER A C   1 
ATOM   469 O O   . SER A 1 56  ? 2.748   8.340   2.671   1.00 14.55 ? 228 SER A O   1 
ATOM   470 C CB  . SER A 1 56  ? 3.664   11.505  3.249   1.00 16.62 ? 228 SER A CB  1 
ATOM   471 O OG  . SER A 1 56  ? 2.639   11.570  2.269   1.00 16.26 ? 228 SER A OG  1 
ATOM   472 N N   . VAL A 1 57  ? 2.789   9.002   4.837   1.00 16.31 ? 229 VAL A N   1 
ATOM   473 C CA  . VAL A 1 57  ? 1.678   8.155   5.239   1.00 16.36 ? 229 VAL A CA  1 
ATOM   474 C C   . VAL A 1 57  ? 0.403   8.599   4.492   1.00 16.12 ? 229 VAL A C   1 
ATOM   475 O O   . VAL A 1 57  ? -0.400  7.757   4.074   1.00 15.19 ? 229 VAL A O   1 
ATOM   476 C CB  . VAL A 1 57  ? 1.480   8.181   6.771   1.00 17.11 ? 229 VAL A CB  1 
ATOM   477 C CG1 . VAL A 1 57  ? 0.346   7.261   7.157   1.00 17.67 ? 229 VAL A CG1 1 
ATOM   478 C CG2 . VAL A 1 57  ? 2.772   7.741   7.473   1.00 18.23 ? 229 VAL A CG2 1 
ATOM   479 N N   . SER A 1 58  ? 0.255   9.910   4.273   1.00 15.33 ? 230 SER A N   1 
ATOM   480 C CA  . SER A 1 58  ? -0.862  10.413  3.457   1.00 15.33 ? 230 SER A CA  1 
ATOM   481 C C   . SER A 1 58  ? -0.878  9.759   2.075   1.00 14.58 ? 230 SER A C   1 
ATOM   482 O O   . SER A 1 58  ? -1.939  9.389   1.562   1.00 14.11 ? 230 SER A O   1 
ATOM   483 C CB  . SER A 1 58  ? -0.822  11.936  3.306   1.00 15.61 ? 230 SER A CB  1 
ATOM   484 O OG  . SER A 1 58  ? -1.887  12.367  2.456   1.00 17.63 ? 230 SER A OG  1 
ATOM   485 N N   . GLN A 1 59  ? 0.299   9.614   1.470   1.00 13.83 ? 231 GLN A N   1 
ATOM   486 C CA  . GLN A 1 59  ? 0.377   8.979   0.155   1.00 13.75 ? 231 GLN A CA  1 
ATOM   487 C C   . GLN A 1 59  ? -0.010  7.495   0.210   1.00 13.77 ? 231 GLN A C   1 
ATOM   488 O O   . GLN A 1 59  ? -0.590  6.977   -0.731  1.00 13.44 ? 231 GLN A O   1 
ATOM   489 C CB  . GLN A 1 59  ? 1.753   9.200   -0.478  1.00 14.24 ? 231 GLN A CB  1 
ATOM   490 C CG  . GLN A 1 59  ? 1.944   10.664  -0.866  1.00 15.15 ? 231 GLN A CG  1 
ATOM   491 C CD  . GLN A 1 59  ? 3.303   10.969  -1.443  1.00 16.57 ? 231 GLN A CD  1 
ATOM   492 O OE1 . GLN A 1 59  ? 4.315   10.793  -0.782  1.00 17.23 ? 231 GLN A OE1 1 
ATOM   493 N NE2 . GLN A 1 59  ? 3.324   11.462  -2.672  1.00 17.32 ? 231 GLN A NE2 1 
ATOM   494 N N   . VAL A 1 60  ? 0.299   6.817   1.316   1.00 13.38 ? 232 VAL A N   1 
ATOM   495 C CA  . VAL A 1 60  ? -0.115  5.414   1.466   1.00 13.18 ? 232 VAL A CA  1 
ATOM   496 C C   . VAL A 1 60  ? -1.638  5.317   1.537   1.00 13.40 ? 232 VAL A C   1 
ATOM   497 O O   . VAL A 1 60  ? -2.250  4.472   0.876   1.00 13.35 ? 232 VAL A O   1 
ATOM   498 C CB  . VAL A 1 60  ? 0.505   4.752   2.724   1.00 13.66 ? 232 VAL A CB  1 
ATOM   499 C CG1 . VAL A 1 60  ? 0.011   3.311   2.878   1.00 13.74 ? 232 VAL A CG1 1 
ATOM   500 C CG2 . VAL A 1 60  ? 2.030   4.794   2.640   1.00 13.82 ? 232 VAL A CG2 1 
ATOM   501 N N   . LEU A 1 61  ? -2.244  6.181   2.348   1.00 13.48 ? 233 LEU A N   1 
ATOM   502 C CA  . LEU A 1 61  ? -3.699  6.207   2.468   1.00 13.86 ? 233 LEU A CA  1 
ATOM   503 C C   . LEU A 1 61  ? -4.317  6.559   1.127   1.00 13.53 ? 233 LEU A C   1 
ATOM   504 O O   . LEU A 1 61  ? -5.345  5.993   0.742   1.00 13.31 ? 233 LEU A O   1 
ATOM   505 C CB  . LEU A 1 61  ? -4.141  7.194   3.552   1.00 14.07 ? 233 LEU A CB  1 
ATOM   506 C CG  . LEU A 1 61  ? -5.645  7.450   3.679   1.00 16.75 ? 233 LEU A CG  1 
ATOM   507 C CD1 . LEU A 1 61  ? -6.425  6.198   4.104   1.00 19.62 ? 233 LEU A CD1 1 
ATOM   508 C CD2 . LEU A 1 61  ? -5.908  8.607   4.633   1.00 18.51 ? 233 LEU A CD2 1 
ATOM   509 N N   . GLU A 1 62  ? -3.680  7.482   0.405   1.00 13.54 ? 234 GLU A N   1 
ATOM   510 C CA  . GLU A 1 62  ? -4.183  7.879   -0.908  1.00 13.25 ? 234 GLU A CA  1 
ATOM   511 C C   . GLU A 1 62  ? -4.221  6.711   -1.900  1.00 13.06 ? 234 GLU A C   1 
ATOM   512 O O   . GLU A 1 62  ? -5.198  6.557   -2.662  1.00 12.97 ? 234 GLU A O   1 
ATOM   513 C CB  . GLU A 1 62  ? -3.358  9.043   -1.464  1.00 13.04 ? 234 GLU A CB  1 
ATOM   514 C CG  . GLU A 1 62  ? -3.982  9.674   -2.699  1.00 14.55 ? 234 GLU A CG  1 
ATOM   515 C CD  . GLU A 1 62  ? -3.115  10.737  -3.337  1.00 18.21 ? 234 GLU A CD  1 
ATOM   516 O OE1 . GLU A 1 62  ? -2.048  11.087  -2.780  1.00 17.52 ? 234 GLU A OE1 1 
ATOM   517 O OE2 . GLU A 1 62  ? -3.515  11.230  -4.411  1.00 20.67 ? 234 GLU A OE2 1 
ATOM   518 N N   . ILE A 1 63  ? -3.166  5.892   -1.892  1.00 12.40 ? 235 ILE A N   1 
ATOM   519 C CA  . ILE A 1 63  ? -3.082  4.694   -2.734  1.00 12.69 ? 235 ILE A CA  1 
ATOM   520 C C   . ILE A 1 63  ? -4.209  3.709   -2.372  1.00 12.49 ? 235 ILE A C   1 
ATOM   521 O O   . ILE A 1 63  ? -4.865  3.144   -3.246  1.00 12.58 ? 235 ILE A O   1 
ATOM   522 C CB  . ILE A 1 63  ? -1.670  4.036   -2.602  1.00 12.84 ? 235 ILE A CB  1 
ATOM   523 C CG1 . ILE A 1 63  ? -0.604  4.855   -3.351  1.00 13.77 ? 235 ILE A CG1 1 
ATOM   524 C CG2 . ILE A 1 63  ? -1.659  2.584   -3.107  1.00 13.79 ? 235 ILE A CG2 1 
ATOM   525 C CD1 . ILE A 1 63  ? 0.836   4.515   -2.923  1.00 13.93 ? 235 ILE A CD1 1 
ATOM   526 N N   . HIS A 1 64  ? -4.423  3.508   -1.077  1.00 12.69 ? 236 HIS A N   1 
ATOM   527 C CA  . HIS A 1 64  ? -5.473  2.613   -0.605  1.00 13.13 ? 236 HIS A CA  1 
ATOM   528 C C   . HIS A 1 64  ? -6.858  3.070   -1.094  1.00 13.63 ? 236 HIS A C   1 
ATOM   529 O O   . HIS A 1 64  ? -7.637  2.279   -1.650  1.00 13.31 ? 236 HIS A O   1 
ATOM   530 C CB  . HIS A 1 64  ? -5.451  2.523   0.929   1.00 13.31 ? 236 HIS A CB  1 
ATOM   531 C CG  . HIS A 1 64  ? -6.608  1.755   1.496   1.00 13.32 ? 236 HIS A CG  1 
ATOM   532 N ND1 . HIS A 1 64  ? -6.555  0.399   1.734   1.00 14.11 ? 236 HIS A ND1 1 
ATOM   533 C CD2 . HIS A 1 64  ? -7.853  2.153   1.851   1.00 15.34 ? 236 HIS A CD2 1 
ATOM   534 C CE1 . HIS A 1 64  ? -7.717  -0.007  2.217   1.00 13.67 ? 236 HIS A CE1 1 
ATOM   535 N NE2 . HIS A 1 64  ? -8.526  1.038   2.292   1.00 15.16 ? 236 HIS A NE2 1 
ATOM   536 N N   . VAL A 1 65  ? -7.150  4.351   -0.898  1.00 14.06 ? 237 VAL A N   1 
ATOM   537 C CA  . VAL A 1 65  ? -8.436  4.912   -1.324  1.00 15.38 ? 237 VAL A CA  1 
ATOM   538 C C   . VAL A 1 65  ? -8.620  4.846   -2.848  1.00 15.62 ? 237 VAL A C   1 
ATOM   539 O O   . VAL A 1 65  ? -9.711  4.511   -3.318  1.00 15.51 ? 237 VAL A O   1 
ATOM   540 C CB  . VAL A 1 65  ? -8.637  6.339   -0.773  1.00 15.23 ? 237 VAL A CB  1 
ATOM   541 C CG1 . VAL A 1 65  ? -9.914  6.970   -1.328  1.00 16.62 ? 237 VAL A CG1 1 
ATOM   542 C CG2 . VAL A 1 65  ? -8.651  6.312   0.760   1.00 16.02 ? 237 VAL A CG2 1 
ATOM   543 N N   . GLU A 1 66  ? -7.557  5.154   -3.598  1.00 16.05 ? 238 GLU A N   1 
ATOM   544 C CA  . GLU A 1 66  ? -7.549  4.995   -5.064  1.00 17.56 ? 238 GLU A CA  1 
ATOM   545 C C   . GLU A 1 66  ? -7.943  3.570   -5.473  1.00 17.94 ? 238 GLU A C   1 
ATOM   546 O O   . GLU A 1 66  ? -8.794  3.378   -6.354  1.00 18.17 ? 238 GLU A O   1 
ATOM   547 C CB  . GLU A 1 66  ? -6.157  5.308   -5.642  1.00 17.48 ? 238 GLU A CB  1 
ATOM   548 C CG  . GLU A 1 66  ? -5.880  6.792   -5.815  1.00 19.98 ? 238 GLU A CG  1 
ATOM   549 C CD  . GLU A 1 66  ? -4.402  7.113   -5.962  1.00 21.59 ? 238 GLU A CD  1 
ATOM   550 O OE1 . GLU A 1 66  ? -3.563  6.183   -6.034  1.00 22.54 ? 238 GLU A OE1 1 
ATOM   551 O OE2 . GLU A 1 66  ? -4.069  8.310   -5.998  1.00 23.69 ? 238 GLU A OE2 1 
ATOM   552 N N   . LEU A 1 67  ? -7.331  2.581   -4.820  1.00 18.38 ? 239 LEU A N   1 
ATOM   553 C CA  . LEU A 1 67  ? -7.585  1.172   -5.143  1.00 19.39 ? 239 LEU A CA  1 
ATOM   554 C C   . LEU A 1 67  ? -8.993  0.714   -4.770  1.00 19.39 ? 239 LEU A C   1 
ATOM   555 O O   . LEU A 1 67  ? -9.644  0.002   -5.540  1.00 19.58 ? 239 LEU A O   1 
ATOM   556 C CB  . LEU A 1 67  ? -6.525  0.256   -4.513  1.00 19.54 ? 239 LEU A CB  1 
ATOM   557 C CG  . LEU A 1 67  ? -5.300  -0.175  -5.346  1.00 21.92 ? 239 LEU A CG  1 
ATOM   558 C CD1 . LEU A 1 67  ? -5.704  -0.952  -6.619  1.00 22.11 ? 239 LEU A CD1 1 
ATOM   559 C CD2 . LEU A 1 67  ? -4.393  0.990   -5.686  1.00 23.61 ? 239 LEU A CD2 1 
ATOM   560 N N   . MET A 1 68  ? -9.479  1.134   -3.606  1.00 19.74 ? 240 MET A N   1 
ATOM   561 C CA  . MET A 1 68  ? -10.860 0.834   -3.215  1.00 19.92 ? 240 MET A CA  1 
ATOM   562 C C   . MET A 1 68  ? -11.846 1.378   -4.256  1.00 20.26 ? 240 MET A C   1 
ATOM   563 O O   . MET A 1 68  ? -12.810 0.694   -4.628  1.00 20.34 ? 240 MET A O   1 
ATOM   564 C CB  . MET A 1 68  ? -11.174 1.380   -1.814  1.00 20.02 ? 240 MET A CB  1 
ATOM   565 C CG  . MET A 1 68  ? -10.377 0.708   -0.683  1.00 19.49 ? 240 MET A CG  1 
ATOM   566 S SD  . MET A 1 68  ? -10.525 -1.093  -0.622  1.00 22.56 ? 240 MET A SD  1 
ATOM   567 C CE  . MET A 1 68  ? -8.959  -1.576  -1.141  1.00 16.39 ? 240 MET A CE  1 
ATOM   568 N N   . ASP A 1 69  ? -11.587 2.598   -4.738  1.00 20.13 ? 241 ASP A N   1 
ATOM   569 C CA  . ASP A 1 69  ? -12.393 3.206   -5.792  1.00 20.58 ? 241 ASP A CA  1 
ATOM   570 C C   . ASP A 1 69  ? -12.291 2.392   -7.072  1.00 20.53 ? 241 ASP A C   1 
ATOM   571 O O   . ASP A 1 69  ? -13.295 2.158   -7.745  1.00 20.21 ? 241 ASP A O   1 
ATOM   572 C CB  . ASP A 1 69  ? -11.940 4.642   -6.078  1.00 20.98 ? 241 ASP A CB  1 
ATOM   573 C CG  . ASP A 1 69  ? -12.300 5.609   -4.967  1.00 23.28 ? 241 ASP A CG  1 
ATOM   574 O OD1 . ASP A 1 69  ? -13.156 5.282   -4.114  1.00 25.59 ? 241 ASP A OD1 1 
ATOM   575 O OD2 . ASP A 1 69  ? -11.769 6.737   -4.879  1.00 25.47 ? 241 ASP A OD2 1 
ATOM   576 N N   . THR A 1 70  ? -11.074 1.974   -7.407  1.00 20.31 ? 242 THR A N   1 
ATOM   577 C CA  . THR A 1 70  ? -10.846 1.191   -8.617  1.00 20.83 ? 242 THR A CA  1 
ATOM   578 C C   . THR A 1 70  ? -11.596 -0.134  -8.584  1.00 21.36 ? 242 THR A C   1 
ATOM   579 O O   . THR A 1 70  ? -12.263 -0.489  -9.555  1.00 20.89 ? 242 THR A O   1 
ATOM   580 C CB  . THR A 1 70  ? -9.345  0.971   -8.841  1.00 20.86 ? 242 THR A CB  1 
ATOM   581 O OG1 . THR A 1 70  ? -8.748  2.224   -9.207  1.00 20.26 ? 242 THR A OG1 1 
ATOM   582 C CG2 . THR A 1 70  ? -9.095  0.080   -10.060 1.00 21.25 ? 242 THR A CG2 1 
ATOM   583 N N   . PHE A 1 71  ? -11.483 -0.861  -7.474  1.00 21.88 ? 243 PHE A N   1 
ATOM   584 C CA  . PHE A 1 71  ? -12.191 -2.140  -7.343  1.00 22.78 ? 243 PHE A CA  1 
ATOM   585 C C   . PHE A 1 71  ? -13.700 -1.986  -7.439  1.00 23.35 ? 243 PHE A C   1 
ATOM   586 O O   . PHE A 1 71  ? -14.371 -2.820  -8.047  1.00 23.56 ? 243 PHE A O   1 
ATOM   587 C CB  . PHE A 1 71  ? -11.804 -2.842  -6.042  1.00 22.68 ? 243 PHE A CB  1 
ATOM   588 C CG  . PHE A 1 71  ? -10.418 -3.414  -6.057  1.00 23.63 ? 243 PHE A CG  1 
ATOM   589 C CD1 . PHE A 1 71  ? -10.016 -4.273  -7.072  1.00 25.28 ? 243 PHE A CD1 1 
ATOM   590 C CD2 . PHE A 1 71  ? -9.507  -3.089  -5.059  1.00 25.64 ? 243 PHE A CD2 1 
ATOM   591 C CE1 . PHE A 1 71  ? -8.723  -4.808  -7.094  1.00 26.36 ? 243 PHE A CE1 1 
ATOM   592 C CE2 . PHE A 1 71  ? -8.211  -3.612  -5.076  1.00 26.21 ? 243 PHE A CE2 1 
ATOM   593 C CZ  . PHE A 1 71  ? -7.822  -4.477  -6.087  1.00 26.13 ? 243 PHE A CZ  1 
ATOM   594 N N   . SER A 1 72  ? -14.223 -0.919  -6.832  1.00 23.94 ? 244 SER A N   1 
ATOM   595 C CA  . SER A 1 72  ? -15.643 -0.578  -6.888  1.00 25.01 ? 244 SER A CA  1 
ATOM   596 C C   . SER A 1 72  ? -16.131 -0.359  -8.317  1.00 24.97 ? 244 SER A C   1 
ATOM   597 O O   . SER A 1 72  ? -17.196 -0.839  -8.705  1.00 25.40 ? 244 SER A O   1 
ATOM   598 C CB  . SER A 1 72  ? -15.903 0.679   -6.054  1.00 25.39 ? 244 SER A CB  1 
ATOM   599 O OG  . SER A 1 72  ? -17.171 0.610   -5.435  1.00 28.15 ? 244 SER A OG  1 
ATOM   600 N N   . LYS A 1 73  ? -15.338 0.369   -9.092  1.00 25.10 ? 245 LYS A N   1 
ATOM   601 C CA  . LYS A 1 73  ? -15.625 0.639   -10.498 1.00 25.18 ? 245 LYS A CA  1 
ATOM   602 C C   . LYS A 1 73  ? -15.502 -0.639  -11.330 1.00 24.81 ? 245 LYS A C   1 
ATOM   603 O O   . LYS A 1 73  ? -16.366 -0.934  -12.160 1.00 24.62 ? 245 LYS A O   1 
ATOM   604 C CB  . LYS A 1 73  ? -14.657 1.712   -11.004 1.00 25.63 ? 245 LYS A CB  1 
ATOM   605 C CG  . LYS A 1 73  ? -14.560 1.860   -12.516 1.00 27.80 ? 245 LYS A CG  1 
ATOM   606 C CD  . LYS A 1 73  ? -13.582 2.982   -12.890 1.00 31.27 ? 245 LYS A CD  1 
ATOM   607 C CE  . LYS A 1 73  ? -12.118 2.595   -12.635 1.00 32.79 ? 245 LYS A CE  1 
ATOM   608 N NZ  . LYS A 1 73  ? -11.674 1.392   -13.404 1.00 33.79 ? 245 LYS A NZ  1 
ATOM   609 N N   . GLN A 1 74  ? -14.439 -1.402  -11.093 1.00 24.21 ? 246 GLN A N   1 
ATOM   610 C CA  . GLN A 1 74  ? -14.190 -2.626  -11.858 1.00 24.25 ? 246 GLN A CA  1 
ATOM   611 C C   . GLN A 1 74  ? -15.273 -3.682  -11.621 1.00 24.55 ? 246 GLN A C   1 
ATOM   612 O O   . GLN A 1 74  ? -15.729 -4.327  -12.565 1.00 24.79 ? 246 GLN A O   1 
ATOM   613 C CB  . GLN A 1 74  ? -12.812 -3.194  -11.536 1.00 24.10 ? 246 GLN A CB  1 
ATOM   614 C CG  . GLN A 1 74  ? -11.672 -2.403  -12.165 1.00 24.02 ? 246 GLN A CG  1 
ATOM   615 C CD  . GLN A 1 74  ? -10.307 -2.894  -11.727 1.00 22.77 ? 246 GLN A CD  1 
ATOM   616 O OE1 . GLN A 1 74  ? -10.179 -3.523  -10.686 1.00 22.06 ? 246 GLN A OE1 1 
ATOM   617 N NE2 . GLN A 1 74  ? -9.285  -2.609  -12.530 1.00 24.11 ? 246 GLN A NE2 1 
ATOM   618 N N   . LEU A 1 75  ? -15.693 -3.833  -10.367 1.00 24.90 ? 247 LEU A N   1 
ATOM   619 C CA  . LEU A 1 75  ? -16.726 -4.806  -9.999  1.00 25.65 ? 247 LEU A CA  1 
ATOM   620 C C   . LEU A 1 75  ? -18.156 -4.255  -10.073 1.00 26.67 ? 247 LEU A C   1 
ATOM   621 O O   . LEU A 1 75  ? -19.116 -4.955  -9.734  1.00 26.41 ? 247 LEU A O   1 
ATOM   622 C CB  . LEU A 1 75  ? -16.449 -5.376  -8.608  1.00 24.78 ? 247 LEU A CB  1 
ATOM   623 C CG  . LEU A 1 75  ? -15.149 -6.168  -8.456  1.00 24.63 ? 247 LEU A CG  1 
ATOM   624 C CD1 . LEU A 1 75  ? -14.878 -6.434  -6.989  1.00 22.86 ? 247 LEU A CD1 1 
ATOM   625 C CD2 . LEU A 1 75  ? -15.205 -7.477  -9.234  1.00 23.08 ? 247 LEU A CD2 1 
ATOM   626 N N   . LYS A 1 76  ? -18.285 -3.006  -10.524 1.00 28.18 ? 248 LYS A N   1 
ATOM   627 C CA  . LYS A 1 76  ? -19.577 -2.325  -10.672 1.00 30.24 ? 248 LYS A CA  1 
ATOM   628 C C   . LYS A 1 76  ? -20.406 -2.323  -9.390  1.00 31.50 ? 248 LYS A C   1 
ATOM   629 O O   . LYS A 1 76  ? -21.624 -2.534  -9.421  1.00 31.46 ? 248 LYS A O   1 
ATOM   630 C CB  . LYS A 1 76  ? -20.377 -2.911  -11.846 1.00 30.37 ? 248 LYS A CB  1 
ATOM   631 C CG  . LYS A 1 76  ? -19.747 -2.662  -13.204 1.00 31.52 ? 248 LYS A CG  1 
ATOM   632 C CD  . LYS A 1 76  ? -20.472 -3.433  -14.299 1.00 34.44 ? 248 LYS A CD  1 
ATOM   633 C CE  . LYS A 1 76  ? -20.507 -2.647  -15.599 1.00 35.76 ? 248 LYS A CE  1 
ATOM   634 N NZ  . LYS A 1 76  ? -21.909 -2.423  -16.079 1.00 37.51 ? 248 LYS A NZ  1 
ATOM   635 N N   . LEU A 1 77  ? -19.740 -2.076  -8.265  1.00 33.04 ? 249 LEU A N   1 
ATOM   636 C CA  . LEU A 1 77  ? -20.416 -2.031  -6.977  1.00 34.76 ? 249 LEU A CA  1 
ATOM   637 C C   . LEU A 1 77  ? -21.248 -0.758  -6.865  1.00 36.41 ? 249 LEU A C   1 
ATOM   638 O O   . LEU A 1 77  ? -20.762 0.337   -7.154  1.00 36.81 ? 249 LEU A O   1 
ATOM   639 C CB  . LEU A 1 77  ? -19.421 -2.144  -5.815  1.00 34.47 ? 249 LEU A CB  1 
ATOM   640 C CG  . LEU A 1 77  ? -18.441 -3.324  -5.788  1.00 33.70 ? 249 LEU A CG  1 
ATOM   641 C CD1 . LEU A 1 77  ? -17.533 -3.233  -4.570  1.00 33.58 ? 249 LEU A CD1 1 
ATOM   642 C CD2 . LEU A 1 77  ? -19.146 -4.682  -5.826  1.00 33.21 ? 249 LEU A CD2 1 
ATOM   643 N N   . GLU A 1 78  ? -22.507 -0.928  -6.469  1.00 38.46 ? 250 GLU A N   1 
ATOM   644 C CA  . GLU A 1 78  ? -23.453 0.176   -6.311  1.00 40.37 ? 250 GLU A CA  1 
ATOM   645 C C   . GLU A 1 78  ? -24.016 0.205   -4.891  1.00 41.02 ? 250 GLU A C   1 
ATOM   646 O O   . GLU A 1 78  ? -24.409 -0.831  -4.351  1.00 41.33 ? 250 GLU A O   1 
ATOM   647 C CB  . GLU A 1 78  ? -24.596 0.054   -7.327  1.00 40.65 ? 250 GLU A CB  1 
ATOM   648 C CG  . GLU A 1 78  ? -25.201 1.383   -7.758  1.00 42.75 ? 250 GLU A CG  1 
ATOM   649 C CD  . GLU A 1 78  ? -26.327 1.844   -6.849  1.00 45.12 ? 250 GLU A CD  1 
ATOM   650 O OE1 . GLU A 1 78  ? -27.496 1.480   -7.105  1.00 46.95 ? 250 GLU A OE1 1 
ATOM   651 O OE2 . GLU A 1 78  ? -26.047 2.578   -5.877  1.00 47.07 ? 250 GLU A OE2 1 
ATOM   652 N N   . GLY A 1 79  ? -24.036 1.397   -4.298  1.00 41.87 ? 251 GLY A N   1 
ATOM   653 C CA  . GLY A 1 79  ? -24.639 1.622   -2.993  1.00 42.68 ? 251 GLY A CA  1 
ATOM   654 C C   . GLY A 1 79  ? -24.031 0.839   -1.847  1.00 43.25 ? 251 GLY A C   1 
ATOM   655 O O   . GLY A 1 79  ? -22.861 1.026   -1.506  1.00 43.64 ? 251 GLY A O   1 
ATOM   656 N N   . ARG A 1 80  ? -24.836 -0.047  -1.260  1.00 43.59 ? 252 ARG A N   1 
ATOM   657 C CA  . ARG A 1 80  ? -24.440 -0.809  -0.072  1.00 43.90 ? 252 ARG A CA  1 
ATOM   658 C C   . ARG A 1 80  ? -23.532 -2.000  -0.387  1.00 43.54 ? 252 ARG A C   1 
ATOM   659 O O   . ARG A 1 80  ? -22.936 -2.581  0.519   1.00 43.48 ? 252 ARG A O   1 
ATOM   660 C CB  . ARG A 1 80  ? -25.677 -1.275  0.707   1.00 44.15 ? 252 ARG A CB  1 
ATOM   661 C CG  . ARG A 1 80  ? -26.029 -0.399  1.903   1.00 45.63 ? 252 ARG A CG  1 
ATOM   662 C CD  . ARG A 1 80  ? -26.082 -1.153  3.228   1.00 48.03 ? 252 ARG A CD  1 
ATOM   663 N NE  . ARG A 1 80  ? -27.257 -0.783  4.016   1.00 49.63 ? 252 ARG A NE  1 
ATOM   664 C CZ  . ARG A 1 80  ? -28.373 -1.504  4.101   1.00 50.72 ? 252 ARG A CZ  1 
ATOM   665 N NH1 . ARG A 1 80  ? -28.490 -2.654  3.447   1.00 51.15 ? 252 ARG A NH1 1 
ATOM   666 N NH2 . ARG A 1 80  ? -29.383 -1.072  4.847   1.00 51.19 ? 252 ARG A NH2 1 
ATOM   667 N N   . SER A 1 81  ? -23.428 -2.361  -1.665  1.00 43.14 ? 253 SER A N   1 
ATOM   668 C CA  . SER A 1 81  ? -22.540 -3.443  -2.091  1.00 42.81 ? 253 SER A CA  1 
ATOM   669 C C   . SER A 1 81  ? -21.060 -3.069  -1.942  1.00 42.52 ? 253 SER A C   1 
ATOM   670 O O   . SER A 1 81  ? -20.189 -3.943  -1.956  1.00 42.53 ? 253 SER A O   1 
ATOM   671 C CB  . SER A 1 81  ? -22.852 -3.878  -3.528  1.00 42.86 ? 253 SER A CB  1 
ATOM   672 O OG  . SER A 1 81  ? -22.622 -2.824  -4.447  1.00 42.92 ? 253 SER A OG  1 
ATOM   673 N N   . GLU A 1 82  ? -20.788 -1.772  -1.797  1.00 42.16 ? 254 GLU A N   1 
ATOM   674 C CA  . GLU A 1 82  ? -19.439 -1.266  -1.546  1.00 41.88 ? 254 GLU A CA  1 
ATOM   675 C C   . GLU A 1 82  ? -18.904 -1.734  -0.197  1.00 41.50 ? 254 GLU A C   1 
ATOM   676 O O   . GLU A 1 82  ? -17.691 -1.710  0.039   1.00 41.37 ? 254 GLU A O   1 
ATOM   677 C CB  . GLU A 1 82  ? -19.430 0.263   -1.583  1.00 42.21 ? 254 GLU A CB  1 
ATOM   678 C CG  . GLU A 1 82  ? -19.168 0.861   -2.952  1.00 43.42 ? 254 GLU A CG  1 
ATOM   679 C CD  . GLU A 1 82  ? -20.376 1.591   -3.502  1.00 45.65 ? 254 GLU A CD  1 
ATOM   680 O OE1 . GLU A 1 82  ? -20.635 2.738   -3.074  1.00 46.61 ? 254 GLU A OE1 1 
ATOM   681 O OE2 . GLU A 1 82  ? -21.075 1.015   -4.360  1.00 46.58 ? 254 GLU A OE2 1 
ATOM   682 N N   . ASP A 1 83  ? -19.813 -2.157  0.683   1.00 40.86 ? 255 ASP A N   1 
ATOM   683 C CA  . ASP A 1 83  ? -19.461 -2.601  2.030   1.00 40.21 ? 255 ASP A CA  1 
ATOM   684 C C   . ASP A 1 83  ? -18.617 -3.883  2.062   1.00 39.71 ? 255 ASP A C   1 
ATOM   685 O O   . ASP A 1 83  ? -17.952 -4.154  3.059   1.00 39.64 ? 255 ASP A O   1 
ATOM   686 C CB  . ASP A 1 83  ? -20.718 -2.769  2.891   1.00 40.58 ? 255 ASP A CB  1 
ATOM   687 C CG  . ASP A 1 83  ? -21.487 -1.466  3.079   1.00 40.76 ? 255 ASP A CG  1 
ATOM   688 O OD1 . ASP A 1 83  ? -20.940 -0.377  2.800   1.00 41.51 ? 255 ASP A OD1 1 
ATOM   689 O OD2 . ASP A 1 83  ? -22.661 -1.440  3.509   1.00 42.26 ? 255 ASP A OD2 1 
ATOM   690 N N   . ILE A 1 84  ? -18.639 -4.661  0.977   1.00 38.86 ? 256 ILE A N   1 
ATOM   691 C CA  . ILE A 1 84  ? -17.784 -5.848  0.855   1.00 38.45 ? 256 ILE A CA  1 
ATOM   692 C C   . ILE A 1 84  ? -16.309 -5.460  1.024   1.00 37.68 ? 256 ILE A C   1 
ATOM   693 O O   . ILE A 1 84  ? -15.476 -6.288  1.404   1.00 37.72 ? 256 ILE A O   1 
ATOM   694 C CB  . ILE A 1 84  ? -18.014 -6.588  -0.505  1.00 38.60 ? 256 ILE A CB  1 
ATOM   695 C CG1 . ILE A 1 84  ? -19.469 -7.042  -0.652  1.00 38.97 ? 256 ILE A CG1 1 
ATOM   696 C CG2 . ILE A 1 84  ? -17.108 -7.816  -0.635  1.00 39.22 ? 256 ILE A CG2 1 
ATOM   697 C CD1 . ILE A 1 84  ? -19.907 -7.223  -2.091  1.00 40.37 ? 256 ILE A CD1 1 
ATOM   698 N N   . LEU A 1 85  ? -16.017 -4.186  0.768   1.00 36.64 ? 257 LEU A N   1 
ATOM   699 C CA  . LEU A 1 85  ? -14.654 -3.664  0.786   1.00 35.97 ? 257 LEU A CA  1 
ATOM   700 C C   . LEU A 1 85  ? -14.188 -3.200  2.170   1.00 35.34 ? 257 LEU A C   1 
ATOM   701 O O   . LEU A 1 85  ? -12.986 -3.051  2.401   1.00 35.09 ? 257 LEU A O   1 
ATOM   702 C CB  . LEU A 1 85  ? -14.531 -2.503  -0.211  1.00 35.70 ? 257 LEU A CB  1 
ATOM   703 C CG  . LEU A 1 85  ? -14.113 -2.740  -1.669  1.00 35.78 ? 257 LEU A CG  1 
ATOM   704 C CD1 . LEU A 1 85  ? -14.445 -4.134  -2.198  1.00 35.62 ? 257 LEU A CD1 1 
ATOM   705 C CD2 . LEU A 1 85  ? -14.734 -1.672  -2.553  1.00 35.43 ? 257 LEU A CD2 1 
ATOM   706 N N   . LEU A 1 86  ? -15.134 -2.969  3.080   1.00 34.46 ? 258 LEU A N   1 
ATOM   707 C CA  . LEU A 1 86  ? -14.841 -2.378  4.394   1.00 33.64 ? 258 LEU A CA  1 
ATOM   708 C C   . LEU A 1 86  ? -13.790 -3.131  5.210   1.00 32.51 ? 258 LEU A C   1 
ATOM   709 O O   . LEU A 1 86  ? -13.055 -2.518  5.988   1.00 32.47 ? 258 LEU A O   1 
ATOM   710 C CB  . LEU A 1 86  ? -16.121 -2.227  5.227   1.00 34.04 ? 258 LEU A CB  1 
ATOM   711 C CG  . LEU A 1 86  ? -17.007 -1.003  4.979   1.00 35.14 ? 258 LEU A CG  1 
ATOM   712 C CD1 . LEU A 1 86  ? -18.417 -1.268  5.497   1.00 36.28 ? 258 LEU A CD1 1 
ATOM   713 C CD2 . LEU A 1 86  ? -16.428 0.259   5.617   1.00 35.84 ? 258 LEU A CD2 1 
ATOM   714 N N   . ASP A 1 87  ? -13.709 -4.446  5.023   1.00 31.09 ? 259 ASP A N   1 
ATOM   715 C CA  . ASP A 1 87  ? -12.752 -5.261  5.771   1.00 29.91 ? 259 ASP A CA  1 
ATOM   716 C C   . ASP A 1 87  ? -11.292 -4.981  5.372   1.00 28.18 ? 259 ASP A C   1 
ATOM   717 O O   . ASP A 1 87  ? -10.366 -5.343  6.100   1.00 27.82 ? 259 ASP A O   1 
ATOM   718 C CB  . ASP A 1 87  ? -13.095 -6.751  5.665   1.00 30.60 ? 259 ASP A CB  1 
ATOM   719 C CG  . ASP A 1 87  ? -13.691 -7.313  6.960   1.00 32.41 ? 259 ASP A CG  1 
ATOM   720 O OD1 . ASP A 1 87  ? -14.187 -6.530  7.804   1.00 33.42 ? 259 ASP A OD1 1 
ATOM   721 O OD2 . ASP A 1 87  ? -13.708 -8.537  7.219   1.00 35.38 ? 259 ASP A OD2 1 
ATOM   722 N N   . TYR A 1 88  ? -11.094 -4.308  4.238   1.00 26.09 ? 260 TYR A N   1 
ATOM   723 C CA  . TYR A 1 88  ? -9.747  -3.906  3.806   1.00 24.15 ? 260 TYR A CA  1 
ATOM   724 C C   . TYR A 1 88  ? -9.159  -2.750  4.628   1.00 22.98 ? 260 TYR A C   1 
ATOM   725 O O   . TYR A 1 88  ? -8.006  -2.363  4.434   1.00 21.56 ? 260 TYR A O   1 
ATOM   726 C CB  . TYR A 1 88  ? -9.723  -3.607  2.300   1.00 24.24 ? 260 TYR A CB  1 
ATOM   727 C CG  . TYR A 1 88  ? -10.004 -4.844  1.475   1.00 24.09 ? 260 TYR A CG  1 
ATOM   728 C CD1 . TYR A 1 88  ? -11.177 -4.958  0.740   1.00 26.65 ? 260 TYR A CD1 1 
ATOM   729 C CD2 . TYR A 1 88  ? -9.117  -5.917  1.469   1.00 24.55 ? 260 TYR A CD2 1 
ATOM   730 C CE1 . TYR A 1 88  ? -11.447 -6.103  -0.007  1.00 27.18 ? 260 TYR A CE1 1 
ATOM   731 C CE2 . TYR A 1 88  ? -9.375  -7.064  0.729   1.00 25.95 ? 260 TYR A CE2 1 
ATOM   732 C CZ  . TYR A 1 88  ? -10.546 -7.147  -0.003  1.00 27.14 ? 260 TYR A CZ  1 
ATOM   733 O OH  . TYR A 1 88  ? -10.819 -8.271  -0.733  1.00 29.18 ? 260 TYR A OH  1 
ATOM   734 N N   . ARG A 1 89  ? -9.954  -2.203  5.543   1.00 21.64 ? 261 ARG A N   1 
ATOM   735 C CA  . ARG A 1 89  ? -9.434  -1.284  6.552   1.00 21.19 ? 261 ARG A CA  1 
ATOM   736 C C   . ARG A 1 89  ? -8.360  -2.002  7.371   1.00 20.20 ? 261 ARG A C   1 
ATOM   737 O O   . ARG A 1 89  ? -7.357  -1.401  7.744   1.00 20.16 ? 261 ARG A O   1 
ATOM   738 C CB  . ARG A 1 89  ? -10.553 -0.782  7.461   1.00 21.69 ? 261 ARG A CB  1 
ATOM   739 C CG  . ARG A 1 89  ? -11.119 0.565   7.059   1.00 23.60 ? 261 ARG A CG  1 
ATOM   740 C CD  . ARG A 1 89  ? -12.390 0.934   7.806   1.00 25.91 ? 261 ARG A CD  1 
ATOM   741 N NE  . ARG A 1 89  ? -13.136 1.979   7.113   1.00 28.65 ? 261 ARG A NE  1 
ATOM   742 C CZ  . ARG A 1 89  ? -14.211 2.580   7.604   1.00 29.77 ? 261 ARG A CZ  1 
ATOM   743 N NH1 . ARG A 1 89  ? -14.684 2.236   8.798   1.00 30.54 ? 261 ARG A NH1 1 
ATOM   744 N NH2 . ARG A 1 89  ? -14.820 3.525   6.898   1.00 30.40 ? 261 ARG A NH2 1 
ATOM   745 N N   . LEU A 1 90  ? -8.575  -3.293  7.623   1.00 19.46 ? 262 LEU A N   1 
ATOM   746 C CA  . LEU A 1 90  ? -7.573  -4.146  8.272   1.00 18.43 ? 262 LEU A CA  1 
ATOM   747 C C   . LEU A 1 90  ? -6.262  -4.261  7.462   1.00 17.67 ? 262 LEU A C   1 
ATOM   748 O O   . LEU A 1 90  ? -5.166  -4.174  8.020   1.00 17.41 ? 262 LEU A O   1 
ATOM   749 C CB  . LEU A 1 90  ? -8.165  -5.528  8.573   1.00 18.97 ? 262 LEU A CB  1 
ATOM   750 C CG  . LEU A 1 90  ? -9.315  -5.587  9.592   1.00 19.11 ? 262 LEU A CG  1 
ATOM   751 C CD1 . LEU A 1 90  ? -9.781  -7.014  9.759   1.00 20.89 ? 262 LEU A CD1 1 
ATOM   752 C CD2 . LEU A 1 90  ? -8.881  -5.005  10.935  1.00 20.98 ? 262 LEU A CD2 1 
ATOM   753 N N   . THR A 1 91  ? -6.379  -4.426  6.146   1.00 16.58 ? 263 THR A N   1 
ATOM   754 C CA  . THR A 1 91  ? -5.223  -4.404  5.239   1.00 15.84 ? 263 THR A CA  1 
ATOM   755 C C   . THR A 1 91  ? -4.404  -3.112  5.386   1.00 15.29 ? 263 THR A C   1 
ATOM   756 O O   . THR A 1 91  ? -3.169  -3.152  5.450   1.00 14.52 ? 263 THR A O   1 
ATOM   757 C CB  . THR A 1 91  ? -5.697  -4.521  3.770   1.00 16.08 ? 263 THR A CB  1 
ATOM   758 O OG1 . THR A 1 91  ? -6.606  -5.621  3.645   1.00 16.22 ? 263 THR A OG1 1 
ATOM   759 C CG2 . THR A 1 91  ? -4.544  -4.888  2.856   1.00 15.94 ? 263 THR A CG2 1 
ATOM   760 N N   . LEU A 1 92  ? -5.103  -1.979  5.442   1.00 14.75 ? 264 LEU A N   1 
ATOM   761 C CA  . LEU A 1 92  ? -4.457  -0.676  5.537   1.00 14.69 ? 264 LEU A CA  1 
ATOM   762 C C   . LEU A 1 92  ? -3.705  -0.534  6.859   1.00 14.62 ? 264 LEU A C   1 
ATOM   763 O O   . LEU A 1 92  ? -2.581  -0.036  6.885   1.00 13.89 ? 264 LEU A O   1 
ATOM   764 C CB  . LEU A 1 92  ? -5.481  0.451   5.357   1.00 14.83 ? 264 LEU A CB  1 
ATOM   765 C CG  . LEU A 1 92  ? -5.000  1.900   5.483   1.00 16.26 ? 264 LEU A CG  1 
ATOM   766 C CD1 . LEU A 1 92  ? -3.905  2.232   4.460   1.00 17.85 ? 264 LEU A CD1 1 
ATOM   767 C CD2 . LEU A 1 92  ? -6.174  2.863   5.371   1.00 17.93 ? 264 LEU A CD2 1 
ATOM   768 N N   . ILE A 1 93  ? -4.324  -0.997  7.950   1.00 14.18 ? 265 ILE A N   1 
ATOM   769 C CA  . ILE A 1 93  ? -3.667  -0.963  9.266   1.00 14.38 ? 265 ILE A CA  1 
ATOM   770 C C   . ILE A 1 93  ? -2.399  -1.814  9.240   1.00 14.12 ? 265 ILE A C   1 
ATOM   771 O O   . ILE A 1 93  ? -1.348  -1.379  9.725   1.00 14.14 ? 265 ILE A O   1 
ATOM   772 C CB  . ILE A 1 93  ? -4.612  -1.440  10.389  1.00 14.31 ? 265 ILE A CB  1 
ATOM   773 C CG1 . ILE A 1 93  ? -5.750  -0.447  10.604  1.00 15.83 ? 265 ILE A CG1 1 
ATOM   774 C CG2 . ILE A 1 93  ? -3.848  -1.614  11.709  1.00 14.64 ? 265 ILE A CG2 1 
ATOM   775 C CD1 . ILE A 1 93  ? -6.983  -1.062  11.250  1.00 17.34 ? 265 ILE A CD1 1 
ATOM   776 N N   . ASP A 1 94  ? -2.518  -3.014  8.672   1.00 13.68 ? 266 ASP A N   1 
ATOM   777 C CA  . ASP A 1 94  ? -1.416  -3.961  8.498   1.00 13.92 ? 266 ASP A CA  1 
ATOM   778 C C   . ASP A 1 94  ? -0.239  -3.289  7.750   1.00 13.31 ? 266 ASP A C   1 
ATOM   779 O O   . ASP A 1 94  ? 0.905   -3.295  8.225   1.00 12.93 ? 266 ASP A O   1 
ATOM   780 C CB  . ASP A 1 94  ? -1.952  -5.192  7.749   1.00 14.06 ? 266 ASP A CB  1 
ATOM   781 C CG  . ASP A 1 94  ? -0.975  -6.364  7.698   1.00 15.45 ? 266 ASP A CG  1 
ATOM   782 O OD1 . ASP A 1 94  ? 0.263   -6.188  7.743   1.00 14.89 ? 266 ASP A OD1 1 
ATOM   783 O OD2 . ASP A 1 94  ? -1.379  -7.536  7.577   1.00 16.56 ? 266 ASP A OD2 1 
ATOM   784 N N   . VAL A 1 95  ? -0.535  -2.664  6.614   1.00 12.93 ? 267 VAL A N   1 
ATOM   785 C CA  . VAL A 1 95  ? 0.509   -1.990  5.827   1.00 12.86 ? 267 VAL A CA  1 
ATOM   786 C C   . VAL A 1 95  ? 1.146   -0.803  6.583   1.00 13.02 ? 267 VAL A C   1 
ATOM   787 O O   . VAL A 1 95  ? 2.378   -0.718  6.649   1.00 13.03 ? 267 VAL A O   1 
ATOM   788 C CB  . VAL A 1 95  ? 0.006   -1.552  4.431   1.00 13.04 ? 267 VAL A CB  1 
ATOM   789 C CG1 . VAL A 1 95  ? 1.082   -0.743  3.706   1.00 13.67 ? 267 VAL A CG1 1 
ATOM   790 C CG2 . VAL A 1 95  ? -0.353  -2.766  3.609   1.00 13.18 ? 267 VAL A CG2 1 
ATOM   791 N N   . ILE A 1 96  ? 0.333   0.081   7.160   1.00 13.28 ? 268 ILE A N   1 
ATOM   792 C CA  . ILE A 1 96  ? 0.881   1.254   7.868   1.00 13.63 ? 268 ILE A CA  1 
ATOM   793 C C   . ILE A 1 96  ? 1.654   0.830   9.125   1.00 13.55 ? 268 ILE A C   1 
ATOM   794 O O   . ILE A 1 96  ? 2.712   1.391   9.440   1.00 13.50 ? 268 ILE A O   1 
ATOM   795 C CB  . ILE A 1 96  ? -0.197  2.338   8.187   1.00 13.52 ? 268 ILE A CB  1 
ATOM   796 C CG1 . ILE A 1 96  ? -0.835  2.890   6.904   1.00 15.92 ? 268 ILE A CG1 1 
ATOM   797 C CG2 . ILE A 1 96  ? 0.433   3.530   8.923   1.00 15.01 ? 268 ILE A CG2 1 
ATOM   798 C CD1 . ILE A 1 96  ? -2.071  3.770   7.162   1.00 16.44 ? 268 ILE A CD1 1 
ATOM   799 N N   . ALA A 1 97  ? 1.145   -0.186  9.820   1.00 13.82 ? 269 ALA A N   1 
ATOM   800 C CA  . ALA A 1 97  ? 1.846   -0.736  10.985  1.00 14.10 ? 269 ALA A CA  1 
ATOM   801 C C   . ALA A 1 97  ? 3.234   -1.273  10.613  1.00 14.47 ? 269 ALA A C   1 
ATOM   802 O O   . ALA A 1 97  ? 4.224   -1.016  11.311  1.00 14.24 ? 269 ALA A O   1 
ATOM   803 C CB  . ALA A 1 97  ? 1.017   -1.830  11.632  1.00 14.38 ? 269 ALA A CB  1 
ATOM   804 N N   . HIS A 1 98  ? 3.298   -2.018  9.513   1.00 14.22 ? 270 HIS A N   1 
ATOM   805 C CA  . HIS A 1 98  ? 4.561   -2.570  9.038   1.00 15.56 ? 270 HIS A CA  1 
ATOM   806 C C   . HIS A 1 98  ? 5.535   -1.490  8.558   1.00 15.52 ? 270 HIS A C   1 
ATOM   807 O O   . HIS A 1 98  ? 6.736   -1.608  8.799   1.00 16.60 ? 270 HIS A O   1 
ATOM   808 C CB  . HIS A 1 98  ? 4.330   -3.670  7.985   1.00 15.41 ? 270 HIS A CB  1 
ATOM   809 C CG  . HIS A 1 98  ? 4.008   -4.999  8.595   1.00 18.11 ? 270 HIS A CG  1 
ATOM   810 N ND1 . HIS A 1 98  ? 2.730   -5.356  8.968   1.00 19.04 ? 270 HIS A ND1 1 
ATOM   811 C CD2 . HIS A 1 98  ? 4.806   -6.033  8.953   1.00 21.05 ? 270 HIS A CD2 1 
ATOM   812 C CE1 . HIS A 1 98  ? 2.749   -6.565  9.503   1.00 20.71 ? 270 HIS A CE1 1 
ATOM   813 N NE2 . HIS A 1 98  ? 3.997   -6.999  9.506   1.00 21.30 ? 270 HIS A NE2 1 
ATOM   814 N N   . LEU A 1 99  ? 5.019   -0.434  7.921   1.00 15.93 ? 271 LEU A N   1 
ATOM   815 C CA  . LEU A 1 99  ? 5.846   0.728   7.584   1.00 16.85 ? 271 LEU A CA  1 
ATOM   816 C C   . LEU A 1 99  ? 6.368   1.416   8.848   1.00 17.70 ? 271 LEU A C   1 
ATOM   817 O O   . LEU A 1 99  ? 7.552   1.749   8.932   1.00 17.79 ? 271 LEU A O   1 
ATOM   818 C CB  . LEU A 1 99  ? 5.076   1.729   6.711   1.00 16.78 ? 271 LEU A CB  1 
ATOM   819 C CG  . LEU A 1 99  ? 5.852   2.918   6.129   1.00 16.61 ? 271 LEU A CG  1 
ATOM   820 C CD1 . LEU A 1 99  ? 7.056   2.440   5.303   1.00 17.08 ? 271 LEU A CD1 1 
ATOM   821 C CD2 . LEU A 1 99  ? 4.912   3.781   5.282   1.00 18.87 ? 271 LEU A CD2 1 
ATOM   822 N N   . CYS A 1 100 ? 5.491   1.610   9.833   1.00 18.46 ? 272 CYS A N   1 
ATOM   823 C CA  . CYS A 1 100 ? 5.898   2.197   11.117  1.00 20.03 ? 272 CYS A CA  1 
ATOM   824 C C   . CYS A 1 100 ? 7.017   1.387   11.772  1.00 21.00 ? 272 CYS A C   1 
ATOM   825 O O   . CYS A 1 100 ? 8.004   1.955   12.239  1.00 21.28 ? 272 CYS A O   1 
ATOM   826 C CB  . CYS A 1 100 ? 4.706   2.341   12.074  1.00 19.74 ? 272 CYS A CB  1 
ATOM   827 S SG  . CYS A 1 100 ? 5.086   3.281   13.585  1.00 21.48 ? 272 CYS A SG  1 
ATOM   828 N N   . GLU A 1 101 ? 6.885   0.065   11.774  1.00 22.60 ? 273 GLU A N   1 
ATOM   829 C CA  . GLU A 1 101 ? 7.914   -0.787  12.363  1.00 25.04 ? 273 GLU A CA  1 
ATOM   830 C C   . GLU A 1 101 ? 9.239   -0.760  11.601  1.00 25.95 ? 273 GLU A C   1 
ATOM   831 O O   . GLU A 1 101 ? 10.301  -0.960  12.194  1.00 26.50 ? 273 GLU A O   1 
ATOM   832 C CB  . GLU A 1 101 ? 7.417   -2.217  12.579  1.00 25.62 ? 273 GLU A CB  1 
ATOM   833 C CG  . GLU A 1 101 ? 6.680   -2.396  13.908  1.00 28.23 ? 273 GLU A CG  1 
ATOM   834 C CD  . GLU A 1 101 ? 7.530   -2.056  15.135  1.00 31.02 ? 273 GLU A CD  1 
ATOM   835 O OE1 . GLU A 1 101 ? 8.636   -1.498  14.979  1.00 34.35 ? 273 GLU A OE1 1 
ATOM   836 O OE2 . GLU A 1 101 ? 7.107   -2.351  16.266  1.00 30.87 ? 273 GLU A OE2 1 
ATOM   837 N N   . MET A 1 102 ? 9.167   -0.500  10.300  1.00 26.69 ? 274 MET A N   1 
ATOM   838 C CA  . MET A 1 102 ? 10.359  -0.327  9.477   1.00 27.77 ? 274 MET A CA  1 
ATOM   839 C C   . MET A 1 102 ? 11.160  0.901   9.915   1.00 27.90 ? 274 MET A C   1 
ATOM   840 O O   . MET A 1 102 ? 12.385  0.840   10.035  1.00 28.09 ? 274 MET A O   1 
ATOM   841 C CB  . MET A 1 102 ? 9.964   -0.221  8.000   1.00 28.23 ? 274 MET A CB  1 
ATOM   842 C CG  . MET A 1 102 ? 11.120  -0.025  7.056   1.00 30.99 ? 274 MET A CG  1 
ATOM   843 S SD  . MET A 1 102 ? 12.047  -1.546  6.883   1.00 36.89 ? 274 MET A SD  1 
ATOM   844 C CE  . MET A 1 102 ? 11.797  -1.870  5.153   1.00 35.77 ? 274 MET A CE  1 
ATOM   845 N N   . TYR A 1 103 ? 10.460  2.006   10.161  1.00 28.20 ? 275 TYR A N   1 
ATOM   846 C CA  . TYR A 1 103 ? 11.084  3.238   10.634  1.00 28.69 ? 275 TYR A CA  1 
ATOM   847 C C   . TYR A 1 103 ? 11.567  3.106   12.080  1.00 29.61 ? 275 TYR A C   1 
ATOM   848 O O   . TYR A 1 103 ? 12.549  3.740   12.472  1.00 29.72 ? 275 TYR A O   1 
ATOM   849 C CB  . TYR A 1 103 ? 10.115  4.412   10.519  1.00 28.21 ? 275 TYR A CB  1 
ATOM   850 C CG  . TYR A 1 103 ? 10.009  5.003   9.125   1.00 26.77 ? 275 TYR A CG  1 
ATOM   851 C CD1 . TYR A 1 103 ? 11.012  5.835   8.617   1.00 25.14 ? 275 TYR A CD1 1 
ATOM   852 C CD2 . TYR A 1 103 ? 8.911   4.731   8.320   1.00 24.25 ? 275 TYR A CD2 1 
ATOM   853 C CE1 . TYR A 1 103 ? 10.917  6.374   7.335   1.00 24.52 ? 275 TYR A CE1 1 
ATOM   854 C CE2 . TYR A 1 103 ? 8.805   5.261   7.046   1.00 23.51 ? 275 TYR A CE2 1 
ATOM   855 C CZ  . TYR A 1 103 ? 9.809   6.079   6.557   1.00 24.23 ? 275 TYR A CZ  1 
ATOM   856 O OH  . TYR A 1 103 ? 9.695   6.607   5.298   1.00 23.19 ? 275 TYR A OH  1 
ATOM   857 N N   . ARG A 1 104 ? 10.873  2.287   12.864  1.00 30.49 ? 276 ARG A N   1 
ATOM   858 C CA  . ARG A 1 104 ? 11.172  2.132   14.287  1.00 31.97 ? 276 ARG A CA  1 
ATOM   859 C C   . ARG A 1 104 ? 12.393  1.248   14.556  1.00 33.37 ? 276 ARG A C   1 
ATOM   860 O O   . ARG A 1 104 ? 13.116  1.454   15.535  1.00 33.54 ? 276 ARG A O   1 
ATOM   861 C CB  . ARG A 1 104 ? 9.943   1.579   15.022  1.00 31.58 ? 276 ARG A CB  1 
ATOM   862 C CG  . ARG A 1 104 ? 10.069  1.537   16.536  1.00 31.14 ? 276 ARG A CG  1 
ATOM   863 C CD  . ARG A 1 104 ? 8.827   1.023   17.259  1.00 28.89 ? 276 ARG A CD  1 
ATOM   864 N NE  . ARG A 1 104 ? 9.158   0.569   18.606  1.00 27.40 ? 276 ARG A NE  1 
ATOM   865 C CZ  . ARG A 1 104 ? 9.384   -0.694  18.936  1.00 27.75 ? 276 ARG A CZ  1 
ATOM   866 N NH1 . ARG A 1 104 ? 9.313   -1.653  18.017  1.00 28.86 ? 276 ARG A NH1 1 
ATOM   867 N NH2 . ARG A 1 104 ? 9.675   -1.008  20.186  1.00 27.36 ? 276 ARG A NH2 1 
ATOM   868 N N   . ARG A 1 105 ? 12.626  0.271   13.686  1.00 35.02 ? 277 ARG A N   1 
ATOM   869 C CA  . ARG A 1 105 ? 13.625  -0.765  13.952  1.00 36.97 ? 277 ARG A CA  1 
ATOM   870 C C   . ARG A 1 105 ? 14.951  -0.566  13.205  1.00 37.72 ? 277 ARG A C   1 
ATOM   871 O O   . ARG A 1 105 ? 15.798  -1.466  13.171  1.00 38.01 ? 277 ARG A O   1 
ATOM   872 C CB  . ARG A 1 105 ? 13.035  -2.148  13.658  1.00 37.32 ? 277 ARG A CB  1 
ATOM   873 C CG  . ARG A 1 105 ? 12.280  -2.763  14.834  1.00 39.19 ? 277 ARG A CG  1 
ATOM   874 C CD  . ARG A 1 105 ? 12.566  -4.246  15.049  1.00 42.51 ? 277 ARG A CD  1 
ATOM   875 N NE  . ARG A 1 105 ? 11.374  -5.074  14.858  1.00 45.07 ? 277 ARG A NE  1 
ATOM   876 C CZ  . ARG A 1 105 ? 10.943  -5.998  15.717  1.00 46.55 ? 277 ARG A CZ  1 
ATOM   877 N NH1 . ARG A 1 105 ? 11.605  -6.232  16.847  1.00 47.09 ? 277 ARG A NH1 1 
ATOM   878 N NH2 . ARG A 1 105 ? 9.845   -6.692  15.445  1.00 46.60 ? 277 ARG A NH2 1 
ATOM   879 N N   . SER A 1 106 ? 15.126  0.621   12.627  1.00 38.48 ? 278 SER A N   1 
ATOM   880 C CA  . SER A 1 106 ? 16.345  0.979   11.907  1.00 39.30 ? 278 SER A CA  1 
ATOM   881 C C   . SER A 1 106 ? 16.538  2.491   11.893  1.00 39.48 ? 278 SER A C   1 
ATOM   882 O O   . SER A 1 106 ? 15.950  3.196   11.069  1.00 40.03 ? 278 SER A O   1 
ATOM   883 C CB  . SER A 1 106 ? 16.322  0.431   10.472  1.00 39.42 ? 278 SER A CB  1 
ATOM   884 O OG  . SER A 1 106 ? 15.050  0.613   9.867   1.00 40.72 ? 278 SER A OG  1 
HETATM 885 O O   . HOH B 2 .   ? 7.679   5.998   3.681   1.00 22.06 ? 1   HOH A O   1 
HETATM 886 O O   . HOH B 2 .   ? -1.628  12.433  -0.363  1.00 18.76 ? 2   HOH A O   1 
HETATM 887 O O   . HOH B 2 .   ? 15.459  6.969   -2.616  1.00 19.41 ? 3   HOH A O   1 
HETATM 888 O O   . HOH B 2 .   ? 16.310  7.118   -5.171  1.00 19.34 ? 4   HOH A O   1 
HETATM 889 O O   . HOH B 2 .   ? -0.945  -5.272  -9.756  1.00 23.15 ? 5   HOH A O   1 
HETATM 890 O O   . HOH B 2 .   ? 9.508   7.935   -9.667  1.00 23.65 ? 6   HOH A O   1 
HETATM 891 O O   . HOH B 2 .   ? -10.662 7.420   -7.414  1.00 33.28 ? 7   HOH A O   1 
HETATM 892 O O   . HOH B 2 .   ? 2.445   14.051  1.066   1.00 29.39 ? 8   HOH A O   1 
HETATM 893 O O   . HOH B 2 .   ? 13.926  -0.266  1.383   1.00 27.60 ? 9   HOH A O   1 
HETATM 894 O O   . HOH B 2 .   ? 9.732   -3.722  -3.248  1.00 21.19 ? 10  HOH A O   1 
HETATM 895 O O   . HOH B 2 .   ? 5.457   12.773  -4.714  1.00 29.07 ? 11  HOH A O   1 
HETATM 896 O O   . HOH B 2 .   ? -5.169  -0.329  -10.207 1.00 29.42 ? 12  HOH A O   1 
HETATM 897 O O   . HOH B 2 .   ? 1.459   12.072  5.996   1.00 26.94 ? 13  HOH A O   1 
HETATM 898 O O   . HOH B 2 .   ? 4.811   -8.430  6.005   1.00 27.54 ? 14  HOH A O   1 
HETATM 899 O O   . HOH B 2 .   ? 11.593  6.369   -10.383 1.00 22.62 ? 15  HOH A O   1 
HETATM 900 O O   . HOH B 2 .   ? 5.626   13.377  -7.328  1.00 38.22 ? 16  HOH A O   1 
HETATM 901 O O   . HOH B 2 .   ? -15.514 -3.429  -15.082 1.00 31.04 ? 17  HOH A O   1 
HETATM 902 O O   . HOH B 2 .   ? -2.400  -0.813  -10.238 1.00 37.42 ? 18  HOH A O   1 
HETATM 903 O O   . HOH B 2 .   ? -11.194 0.907   3.247   1.00 24.85 ? 19  HOH A O   1 
HETATM 904 O O   . HOH B 2 .   ? 8.097   -4.131  8.773   1.00 27.23 ? 20  HOH A O   1 
HETATM 905 O O   . HOH B 2 .   ? 2.824   -7.007  -7.075  1.00 31.80 ? 21  HOH A O   1 
HETATM 906 O O   . HOH B 2 .   ? -1.472  -3.260  -11.534 1.00 30.65 ? 22  HOH A O   1 
HETATM 907 O O   . HOH B 2 .   ? 7.430   -5.264  6.205   1.00 33.28 ? 23  HOH A O   1 
HETATM 908 O O   . HOH B 2 .   ? 6.536   12.136  -0.915  1.00 26.03 ? 24  HOH A O   1 
HETATM 909 O O   . HOH B 2 .   ? -6.177  -2.557  -12.559 1.00 37.92 ? 25  HOH A O   1 
HETATM 910 O O   . HOH B 2 .   ? 11.907  6.727   3.854   1.00 25.82 ? 26  HOH A O   1 
HETATM 911 O O   . HOH B 2 .   ? -0.241  13.022  -3.419  1.00 34.88 ? 27  HOH A O   1 
HETATM 912 O O   . HOH B 2 .   ? 11.239  12.868  -0.756  1.00 33.52 ? 28  HOH A O   1 
HETATM 913 O O   . HOH B 2 .   ? 13.732  3.584   17.107  1.00 34.36 ? 29  HOH A O   1 
HETATM 914 O O   . HOH B 2 .   ? -9.830  -1.316  -15.165 1.00 37.08 ? 30  HOH A O   1 
HETATM 915 O O   . HOH B 2 .   ? 6.332   2.726   -12.662 1.00 33.22 ? 31  HOH A O   1 
HETATM 916 O O   . HOH B 2 .   ? 10.073  -4.756  4.397   1.00 37.70 ? 32  HOH A O   1 
HETATM 917 O O   . HOH B 2 .   ? 8.808   1.901   -13.730 1.00 38.74 ? 33  HOH A O   1 
HETATM 918 O O   . HOH B 2 .   ? 0.062   1.188   -11.232 1.00 31.81 ? 34  HOH A O   1 
HETATM 919 O O   . HOH B 2 .   ? -9.242  5.224   -8.351  1.00 33.03 ? 35  HOH A O   1 
HETATM 920 O O   . HOH B 2 .   ? 19.276  17.017  2.030   1.00 36.35 ? 36  HOH A O   1 
HETATM 921 O O   . HOH B 2 .   ? 8.732   9.489   -12.132 1.00 39.58 ? 37  HOH A O   1 
HETATM 922 O O   . HOH B 2 .   ? -1.170  3.441   -11.465 1.00 40.06 ? 38  HOH A O   1 
HETATM 923 O O   . HOH B 2 .   ? 0.586   6.889   -14.544 1.00 47.06 ? 39  HOH A O   1 
HETATM 924 O O   . HOH B 2 .   ? 8.483   14.956  -4.326  1.00 52.14 ? 40  HOH A O   1 
HETATM 925 O O   . HOH B 2 .   ? 15.167  14.308  -8.708  1.00 36.01 ? 41  HOH A O   1 
HETATM 926 O O   . HOH B 2 .   ? -2.119  -9.468  -8.833  1.00 54.01 ? 42  HOH A O   1 
HETATM 927 O O   . HOH B 2 .   ? 10.775  -6.851  0.509   1.00 32.39 ? 43  HOH A O   1 
HETATM 928 O O   . HOH B 2 .   ? 12.846  13.405  -10.567 1.00 34.97 ? 44  HOH A O   1 
HETATM 929 O O   . HOH B 2 .   ? -10.240 4.389   4.432   1.00 41.09 ? 45  HOH A O   1 
HETATM 930 O O   . HOH B 2 .   ? 9.587   15.203  -13.954 1.00 46.32 ? 46  HOH A O   1 
HETATM 931 O O   . HOH B 2 .   ? 12.482  -1.722  -2.819  1.00 35.44 ? 47  HOH A O   1 
HETATM 932 O O   . HOH B 2 .   ? -0.987  8.608   -5.676  1.00 39.31 ? 48  HOH A O   1 
HETATM 933 O O   . HOH B 2 .   ? 21.333  5.669   11.997  1.00 31.29 ? 49  HOH A O   1 
HETATM 934 O O   . HOH B 2 .   ? 4.396   0.258   -12.417 1.00 40.59 ? 50  HOH A O   1 
HETATM 935 O O   . HOH B 2 .   ? -3.766  -4.036  -13.350 1.00 37.00 ? 51  HOH A O   1 
HETATM 936 O O   . HOH B 2 .   ? 18.142  3.182   8.798   1.00 41.82 ? 52  HOH A O   1 
HETATM 937 O O   . HOH B 2 .   ? 9.144   -4.644  -5.704  1.00 32.47 ? 53  HOH A O   1 
HETATM 938 O O   . HOH B 2 .   ? 18.008  12.967  4.585   1.00 36.19 ? 54  HOH A O   1 
HETATM 939 O O   . HOH B 2 .   ? 14.493  -2.866  2.016   1.00 52.68 ? 55  HOH A O   1 
HETATM 940 O O   . HOH B 2 .   ? -6.153  2.351   -8.491  1.00 34.33 ? 56  HOH A O   1 
HETATM 941 O O   . HOH B 2 .   ? -23.893 -3.405  -11.593 1.00 43.38 ? 57  HOH A O   1 
HETATM 942 O O   . HOH B 2 .   ? -8.675  -10.217 -0.666  1.00 33.66 ? 58  HOH A O   1 
HETATM 943 O O   . HOH B 2 .   ? 20.539  1.909   8.790   1.00 43.17 ? 59  HOH A O   1 
HETATM 944 O O   . HOH B 2 .   ? -14.532 3.223   -2.141  1.00 41.39 ? 60  HOH A O   1 
HETATM 945 O O   . HOH B 2 .   ? -5.352  4.951   -9.580  1.00 33.10 ? 61  HOH A O   1 
HETATM 946 O O   . HOH B 2 .   ? 9.648   -4.520  20.209  1.00 40.99 ? 62  HOH A O   1 
HETATM 947 O O   . HOH B 2 .   ? 16.280  -1.087  3.014   1.00 45.36 ? 63  HOH A O   1 
HETATM 948 O O   . HOH B 2 .   ? 10.507  -7.049  -5.867  1.00 42.05 ? 64  HOH A O   1 
HETATM 949 O O   . HOH B 2 .   ? -16.392 -6.579  4.683   1.00 47.44 ? 65  HOH A O   1 
HETATM 950 O O   . HOH B 2 .   ? 14.466  5.262   10.580  1.00 42.00 ? 66  HOH A O   1 
HETATM 951 O O   . HOH B 2 .   ? -14.107 0.813   2.033   1.00 50.70 ? 67  HOH A O   1 
HETATM 952 O O   . HOH B 2 .   ? 18.672  -1.864  1.363   1.00 40.75 ? 68  HOH A O   1 
HETATM 953 O O   . HOH B 2 .   ? 3.355   -5.213  -8.997  1.00 34.20 ? 69  HOH A O   1 
HETATM 954 O O   . HOH B 2 .   ? 5.228   -2.808  -8.993  1.00 37.31 ? 70  HOH A O   1 
HETATM 955 O O   . HOH B 2 .   ? 4.741   -2.047  -11.531 1.00 44.21 ? 71  HOH A O   1 
HETATM 956 O O   . HOH B 2 .   ? 7.348   10.354  -14.276 1.00 42.54 ? 72  HOH A O   1 
HETATM 957 O O   . HOH B 2 .   ? -23.611 -4.075  -6.892  1.00 36.97 ? 73  HOH A O   1 
# 
